data_6DG8
#
_entry.id   6DG8
#
_cell.length_a   1
_cell.length_b   1
_cell.length_c   1
_cell.angle_alpha   90.00
_cell.angle_beta   90.00
_cell.angle_gamma   90.00
#
_symmetry.space_group_name_H-M   'P 1'
#
loop_
_entity.id
_entity.type
_entity.pdbx_description
1 polymer '5-hydroxytryptamine receptor 3A'
2 branched 2-acetamido-2-deoxy-beta-D-glucopyranose-(1-4)-2-acetamido-2-deoxy-beta-D-glucopyranose
3 branched beta-D-mannopyranose-(1-4)-2-acetamido-2-deoxy-beta-D-glucopyranose-(1-4)-2-acetamido-2-deoxy-beta-D-glucopyranose
4 non-polymer SEROTONIN
#
_entity_poly.entity_id   1
_entity_poly.type   'polypeptide(L)'
_entity_poly.pdbx_seq_one_letter_code
;TQPALLRLSDHLLANYKKGVRPVRDWRKPTTVSIDVIMYAILNVDEKNQVLTTYIWYRQYWTDEFLQWTPEDFDNVTKLS
IPTDSIWVPDILINEFVDVGKSPNIPYVYVHHRGEVQNYKPLQLVTACSLDIYNFPFDVQNCSLTFTSWLHTIQDINITL
WRSPEEVRSDKSIFINQGEWELLEVFPQFKEFSIDISNSYAEMKFYVIIRRRPLFYAVSLLLPSIFLMVVDIVGFCLPPD
SGERVSFKITLLLGYSVFLIIVSDTLPATAIGTPLIGVYFVVCMALLVISLAETIFIVRLVHKQDLQRPVPDWLRHLVLD
RIAWILCLGEQPMAHRPPATFQANKTDDCSGSDLLPAMGNHCSHVGGPQDLEKTPRGRGSPLPPPREASLAVRGLLQELS
SIRHFLEKRDEMREVARDWLRVGYVLDRLLFRIYLLAVLAYSITLVTLWSIWHYS
;
_entity_poly.pdbx_strand_id   A,B,C,D,E
#
loop_
_chem_comp.id
_chem_comp.type
_chem_comp.name
_chem_comp.formula
BMA D-saccharide, beta linking beta-D-mannopyranose 'C6 H12 O6'
NAG D-saccharide, beta linking 2-acetamido-2-deoxy-beta-D-glucopyranose 'C8 H15 N O6'
SRO non-polymer SEROTONIN 'C10 H12 N2 O'
#
# COMPACT_ATOMS: atom_id res chain seq x y z
N THR A 1 3.01 -42.74 54.94
CA THR A 1 3.80 -43.97 54.94
C THR A 1 4.46 -44.19 53.58
N GLN A 2 3.65 -44.32 52.54
CA GLN A 2 4.15 -44.53 51.19
C GLN A 2 3.98 -43.26 50.37
N PRO A 3 5.06 -42.60 49.96
CA PRO A 3 4.93 -41.39 49.14
C PRO A 3 4.50 -41.73 47.72
N ALA A 4 4.28 -40.68 46.94
CA ALA A 4 3.84 -40.83 45.55
C ALA A 4 5.06 -41.07 44.66
N LEU A 5 4.84 -41.08 43.35
CA LEU A 5 5.90 -41.32 42.38
C LEU A 5 6.72 -40.08 42.08
N LEU A 6 6.34 -38.92 42.62
CA LEU A 6 7.05 -37.67 42.34
C LEU A 6 8.47 -37.68 42.90
N ARG A 7 8.70 -38.43 44.00
CA ARG A 7 10.05 -38.60 44.52
C ARG A 7 10.93 -39.33 43.52
N LEU A 8 10.33 -40.21 42.69
CA LEU A 8 11.04 -40.82 41.58
C LEU A 8 11.59 -39.75 40.64
N SER A 9 10.81 -38.70 40.37
CA SER A 9 11.30 -37.59 39.57
C SER A 9 12.43 -36.86 40.29
N ASP A 10 12.38 -36.84 41.64
CA ASP A 10 13.51 -36.34 42.41
C ASP A 10 14.74 -37.23 42.18
N HIS A 11 14.52 -38.55 42.12
CA HIS A 11 15.59 -39.47 41.75
C HIS A 11 15.97 -39.30 40.28
N LEU A 12 15.08 -38.72 39.46
CA LEU A 12 15.47 -38.36 38.11
C LEU A 12 16.14 -36.99 38.08
N LEU A 13 15.90 -36.15 39.08
CA LEU A 13 16.44 -34.80 39.11
C LEU A 13 17.22 -34.49 40.37
N ALA A 14 18.08 -35.40 40.83
CA ALA A 14 18.85 -35.15 42.04
C ALA A 14 20.15 -34.41 41.73
N ASN A 15 20.99 -34.99 40.88
CA ASN A 15 22.33 -34.50 40.58
C ASN A 15 22.57 -34.43 39.08
N TYR A 16 21.63 -33.79 38.36
CA TYR A 16 21.66 -33.83 36.91
C TYR A 16 22.81 -33.01 36.33
N LYS A 17 23.11 -31.85 36.93
CA LYS A 17 24.14 -30.90 36.47
C LYS A 17 23.85 -30.45 35.03
N LYS A 18 22.78 -29.66 34.88
CA LYS A 18 22.39 -29.11 33.59
C LYS A 18 23.47 -28.17 33.07
N GLY A 19 23.74 -28.25 31.77
CA GLY A 19 24.72 -27.41 31.13
C GLY A 19 25.94 -28.11 30.58
N VAL A 20 26.18 -29.36 30.97
CA VAL A 20 27.32 -30.13 30.51
C VAL A 20 26.85 -31.01 29.35
N ARG A 21 27.77 -31.30 28.43
CA ARG A 21 27.45 -32.19 27.32
C ARG A 21 27.33 -33.63 27.81
N PRO A 22 26.15 -34.24 27.71
CA PRO A 22 25.97 -35.58 28.33
C PRO A 22 26.52 -36.74 27.52
N VAL A 23 27.68 -37.26 27.93
CA VAL A 23 28.29 -38.45 27.33
C VAL A 23 29.00 -39.23 28.44
N ARG A 24 29.11 -40.54 28.25
CA ARG A 24 30.02 -41.33 29.07
C ARG A 24 31.47 -41.15 28.62
N ASP A 25 31.72 -41.34 27.33
CA ASP A 25 33.04 -41.15 26.73
C ASP A 25 32.95 -39.97 25.77
N TRP A 26 33.99 -39.14 25.77
CA TRP A 26 33.87 -37.82 25.14
C TRP A 26 34.05 -37.89 23.64
N ARG A 27 34.92 -38.77 23.14
CA ARG A 27 35.19 -38.81 21.70
C ARG A 27 34.08 -39.57 20.96
N LYS A 28 33.29 -40.33 21.69
CA LYS A 28 32.11 -40.94 21.10
C LYS A 28 31.03 -39.88 20.95
N PRO A 29 30.57 -39.58 19.73
CA PRO A 29 29.61 -38.49 19.55
C PRO A 29 28.20 -38.91 19.96
N THR A 30 27.46 -37.96 20.51
CA THR A 30 26.05 -38.19 20.78
C THR A 30 25.26 -38.14 19.48
N THR A 31 24.12 -38.83 19.47
CA THR A 31 23.32 -39.01 18.25
C THR A 31 21.94 -38.41 18.49
N VAL A 32 21.61 -37.40 17.69
CA VAL A 32 20.24 -36.89 17.62
C VAL A 32 19.59 -37.52 16.40
N SER A 33 18.28 -37.71 16.44
CA SER A 33 17.54 -38.36 15.39
C SER A 33 16.28 -37.55 15.13
N ILE A 34 16.12 -37.08 13.89
CA ILE A 34 15.19 -36.01 13.56
C ILE A 34 14.26 -36.45 12.44
N ASP A 35 13.12 -35.76 12.35
CA ASP A 35 12.13 -35.98 11.33
C ASP A 35 11.25 -34.74 11.24
N VAL A 36 10.68 -34.50 10.06
CA VAL A 36 9.88 -33.32 9.80
C VAL A 36 8.65 -33.73 9.00
N ILE A 37 7.52 -33.07 9.25
CA ILE A 37 6.31 -33.24 8.45
C ILE A 37 5.68 -31.87 8.26
N MET A 38 4.97 -31.68 7.15
CA MET A 38 4.39 -30.38 6.81
C MET A 38 2.87 -30.51 6.90
N TYR A 39 2.29 -29.87 7.92
CA TYR A 39 0.84 -29.88 8.08
C TYR A 39 0.17 -29.01 7.03
N ALA A 40 0.47 -27.72 7.03
CA ALA A 40 -0.09 -26.80 6.05
C ALA A 40 0.91 -25.68 5.79
N ILE A 41 1.08 -25.36 4.52
CA ILE A 41 2.00 -24.32 4.08
C ILE A 41 1.20 -23.03 3.89
N LEU A 42 1.75 -21.92 4.37
CA LEU A 42 1.07 -20.64 4.20
C LEU A 42 1.38 -20.05 2.84
N ASN A 43 0.91 -18.82 2.62
CA ASN A 43 1.05 -18.18 1.32
C ASN A 43 2.48 -17.73 1.05
N VAL A 44 2.80 -17.59 -0.23
CA VAL A 44 4.10 -17.10 -0.67
C VAL A 44 3.89 -15.73 -1.30
N ASP A 45 4.41 -14.69 -0.65
CA ASP A 45 4.24 -13.33 -1.15
C ASP A 45 5.10 -13.09 -2.40
N GLU A 46 6.24 -13.80 -2.48
CA GLU A 46 7.18 -13.98 -3.61
C GLU A 46 7.79 -12.68 -4.15
N LYS A 47 7.49 -11.51 -3.59
CA LYS A 47 8.12 -10.28 -4.05
C LYS A 47 9.50 -10.12 -3.41
N ASN A 48 9.64 -10.53 -2.15
CA ASN A 48 10.88 -10.39 -1.40
C ASN A 48 11.78 -11.62 -1.53
N GLN A 49 11.56 -12.46 -2.56
CA GLN A 49 12.26 -13.74 -2.76
C GLN A 49 12.13 -14.64 -1.53
N VAL A 50 10.93 -14.69 -0.96
CA VAL A 50 10.72 -15.22 0.38
C VAL A 50 9.52 -16.18 0.31
N LEU A 51 9.48 -17.15 1.23
CA LEU A 51 8.38 -18.08 1.35
C LEU A 51 8.12 -18.41 2.81
N THR A 52 6.85 -18.65 3.13
CA THR A 52 6.40 -18.96 4.48
C THR A 52 5.93 -20.41 4.56
N THR A 53 6.19 -21.05 5.70
CA THR A 53 5.67 -22.40 5.93
C THR A 53 5.52 -22.64 7.43
N TYR A 54 4.74 -23.66 7.76
CA TYR A 54 4.45 -24.07 9.13
C TYR A 54 4.51 -25.58 9.23
N ILE A 55 5.52 -26.11 9.93
CA ILE A 55 5.79 -27.54 9.93
C ILE A 55 5.80 -28.07 11.37
N TRP A 56 5.72 -29.39 11.48
CA TRP A 56 5.81 -30.10 12.74
C TRP A 56 7.13 -30.86 12.76
N TYR A 57 7.83 -30.79 13.89
CA TYR A 57 9.22 -31.22 14.01
C TYR A 57 9.35 -32.22 15.14
N ARG A 58 9.95 -33.37 14.84
CA ARG A 58 10.13 -34.45 15.79
C ARG A 58 11.62 -34.72 15.94
N GLN A 59 12.09 -34.87 17.18
CA GLN A 59 13.49 -35.21 17.41
C GLN A 59 13.61 -36.00 18.69
N TYR A 60 14.69 -36.77 18.80
CA TYR A 60 15.03 -37.42 20.05
C TYR A 60 16.52 -37.69 20.09
N TRP A 61 17.12 -37.55 21.26
CA TRP A 61 18.55 -37.78 21.40
C TRP A 61 18.85 -38.50 22.70
N THR A 62 19.88 -39.34 22.67
CA THR A 62 20.27 -40.17 23.81
C THR A 62 20.92 -39.28 24.87
N ASP A 63 20.33 -39.26 26.07
CA ASP A 63 20.83 -38.38 27.13
C ASP A 63 21.88 -39.09 27.97
N GLU A 64 21.64 -40.37 28.31
CA GLU A 64 22.54 -41.32 28.96
C GLU A 64 22.82 -40.98 30.43
N PHE A 65 22.36 -39.81 30.92
CA PHE A 65 22.46 -39.49 32.34
C PHE A 65 21.36 -40.11 33.19
N LEU A 66 20.34 -40.70 32.58
CA LEU A 66 19.13 -41.07 33.30
C LEU A 66 18.84 -42.55 33.06
N GLN A 67 18.87 -43.34 34.12
CA GLN A 67 18.58 -44.77 34.05
C GLN A 67 17.31 -45.06 34.83
N TRP A 68 16.40 -45.81 34.22
CA TRP A 68 15.17 -46.23 34.87
C TRP A 68 15.07 -47.76 34.81
N THR A 69 14.55 -48.36 35.88
CA THR A 69 14.37 -49.81 35.92
C THR A 69 12.88 -50.13 35.95
N PRO A 70 12.44 -51.17 35.23
CA PRO A 70 11.00 -51.52 35.26
C PRO A 70 10.54 -52.06 36.59
N GLU A 71 11.43 -52.66 37.38
CA GLU A 71 11.03 -53.21 38.67
C GLU A 71 10.80 -52.10 39.68
N ASP A 72 9.87 -52.35 40.62
CA ASP A 72 9.49 -51.62 41.84
C ASP A 72 9.25 -50.12 41.66
N PHE A 73 9.01 -49.64 40.44
CA PHE A 73 8.80 -48.22 40.18
C PHE A 73 7.42 -47.95 39.59
N ASP A 74 6.51 -48.93 39.70
CA ASP A 74 5.10 -48.85 39.27
C ASP A 74 4.98 -48.58 37.76
N ASN A 75 5.94 -49.13 36.99
CA ASN A 75 5.80 -49.37 35.55
C ASN A 75 5.63 -48.08 34.73
N VAL A 76 6.31 -47.01 35.16
CA VAL A 76 6.28 -45.73 34.46
C VAL A 76 7.35 -45.77 33.37
N THR A 77 6.99 -46.35 32.22
CA THR A 77 7.93 -46.46 31.10
C THR A 77 8.17 -45.11 30.45
N LYS A 78 7.12 -44.30 30.30
CA LYS A 78 7.19 -43.00 29.66
C LYS A 78 6.69 -41.95 30.65
N LEU A 79 7.49 -40.91 30.90
CA LEU A 79 7.03 -39.82 31.75
C LEU A 79 7.59 -38.49 31.29
N SER A 80 6.85 -37.43 31.56
CA SER A 80 7.14 -36.10 31.05
C SER A 80 7.78 -35.24 32.14
N ILE A 81 8.91 -34.62 31.79
CA ILE A 81 9.62 -33.69 32.67
C ILE A 81 9.88 -32.41 31.90
N PRO A 82 10.02 -31.25 32.55
CA PRO A 82 10.21 -30.00 31.79
C PRO A 82 11.57 -29.93 31.11
N THR A 83 11.59 -29.26 29.95
CA THR A 83 12.80 -29.14 29.16
C THR A 83 13.70 -28.00 29.60
N ASP A 84 13.26 -27.16 30.53
CA ASP A 84 14.08 -26.07 31.02
C ASP A 84 15.16 -26.53 32.00
N SER A 85 15.08 -27.78 32.48
CA SER A 85 16.05 -28.30 33.43
C SER A 85 16.99 -29.34 32.81
N ILE A 86 16.80 -29.69 31.54
CA ILE A 86 17.62 -30.72 30.91
C ILE A 86 18.35 -30.14 29.69
N TRP A 87 19.25 -30.93 29.14
CA TRP A 87 20.09 -30.49 28.03
C TRP A 87 19.29 -30.51 26.72
N VAL A 88 19.61 -29.55 25.85
CA VAL A 88 19.02 -29.49 24.51
C VAL A 88 20.06 -28.95 23.54
N PRO A 89 20.24 -29.57 22.37
CA PRO A 89 21.18 -29.03 21.38
C PRO A 89 20.54 -27.91 20.58
N ASP A 90 21.32 -27.39 19.64
CA ASP A 90 20.91 -26.26 18.80
C ASP A 90 20.78 -26.71 17.34
N ILE A 91 19.54 -26.96 16.92
CA ILE A 91 19.22 -27.28 15.54
C ILE A 91 18.40 -26.13 14.98
N LEU A 92 18.98 -25.39 14.03
CA LEU A 92 18.40 -24.14 13.56
C LEU A 92 18.22 -24.16 12.05
N ILE A 93 17.16 -23.49 11.60
CA ILE A 93 16.99 -23.20 10.19
C ILE A 93 17.92 -22.04 9.82
N ASN A 94 18.41 -22.05 8.57
CA ASN A 94 19.26 -20.98 8.09
C ASN A 94 18.50 -20.16 7.04
N GLU A 95 19.20 -19.15 6.48
CA GLU A 95 18.75 -18.14 5.53
C GLU A 95 17.35 -17.56 5.82
N PHE A 96 17.03 -17.37 7.10
CA PHE A 96 15.70 -16.96 7.52
C PHE A 96 15.62 -15.45 7.68
N VAL A 97 14.47 -14.89 7.33
CA VAL A 97 14.26 -13.45 7.45
C VAL A 97 14.01 -13.06 8.90
N ASP A 98 13.24 -13.89 9.62
CA ASP A 98 13.11 -13.80 11.07
C ASP A 98 12.63 -15.15 11.60
N VAL A 99 12.86 -15.36 12.89
CA VAL A 99 12.44 -16.59 13.54
C VAL A 99 10.92 -16.57 13.70
N GLY A 100 10.29 -17.72 13.55
CA GLY A 100 8.85 -17.80 13.64
C GLY A 100 8.35 -17.65 15.06
N LYS A 101 7.13 -17.14 15.18
CA LYS A 101 6.49 -16.97 16.48
C LYS A 101 6.04 -18.33 17.02
N SER A 102 6.96 -19.02 17.68
CA SER A 102 6.77 -20.38 18.15
C SER A 102 6.57 -20.40 19.66
N PRO A 103 5.76 -21.34 20.17
CA PRO A 103 5.58 -21.44 21.62
C PRO A 103 6.77 -22.07 22.33
N ASN A 104 6.64 -22.24 23.65
CA ASN A 104 7.73 -22.77 24.45
C ASN A 104 7.51 -24.25 24.72
N ILE A 105 6.29 -24.65 25.12
CA ILE A 105 5.82 -25.99 25.54
C ILE A 105 6.85 -26.79 26.35
N PRO A 106 7.15 -26.39 27.59
CA PRO A 106 8.26 -27.05 28.32
C PRO A 106 7.92 -28.42 28.87
N TYR A 107 7.82 -29.41 27.97
CA TYR A 107 7.63 -30.80 28.38
C TYR A 107 8.33 -31.71 27.38
N VAL A 108 9.17 -32.62 27.90
CA VAL A 108 9.85 -33.61 27.09
C VAL A 108 9.73 -34.97 27.78
N TYR A 109 10.02 -36.03 27.02
CA TYR A 109 9.79 -37.39 27.48
C TYR A 109 11.09 -37.99 28.02
N VAL A 110 10.98 -38.81 29.06
CA VAL A 110 12.07 -39.65 29.53
C VAL A 110 11.57 -41.07 29.71
N HIS A 111 12.47 -42.02 29.47
CA HIS A 111 12.18 -43.44 29.40
C HIS A 111 13.23 -44.28 30.12
N HIS A 112 13.21 -45.59 29.90
CA HIS A 112 14.15 -46.51 30.53
C HIS A 112 15.50 -46.55 29.82
N ARG A 113 15.51 -46.37 28.50
CA ARG A 113 16.75 -46.46 27.73
C ARG A 113 17.55 -45.17 27.72
N GLY A 114 17.03 -44.09 28.31
CA GLY A 114 17.80 -42.89 28.56
C GLY A 114 17.54 -41.75 27.61
N GLU A 115 17.05 -42.03 26.41
CA GLU A 115 16.89 -40.99 25.39
C GLU A 115 15.70 -40.09 25.70
N VAL A 116 15.80 -38.84 25.27
CA VAL A 116 14.78 -37.82 25.49
C VAL A 116 14.16 -37.45 24.15
N GLN A 117 12.82 -37.38 24.14
CA GLN A 117 11.99 -37.13 22.97
C GLN A 117 11.46 -35.70 23.02
N ASN A 118 11.27 -35.09 21.84
CA ASN A 118 10.77 -33.73 21.74
C ASN A 118 9.93 -33.58 20.48
N TYR A 119 8.73 -33.03 20.65
CA TYR A 119 7.84 -32.64 19.56
C TYR A 119 7.67 -31.13 19.62
N LYS A 120 7.70 -30.47 18.47
CA LYS A 120 7.47 -29.03 18.48
C LYS A 120 6.82 -28.55 17.19
N PRO A 121 5.88 -27.61 17.27
CA PRO A 121 5.41 -26.94 16.06
C PRO A 121 6.25 -25.70 15.79
N LEU A 122 6.73 -25.52 14.55
CA LEU A 122 7.50 -24.32 14.26
C LEU A 122 7.21 -23.86 12.85
N GLN A 123 7.10 -22.56 12.68
CA GLN A 123 6.89 -21.94 11.38
C GLN A 123 8.14 -21.16 11.02
N LEU A 124 8.44 -21.10 9.73
CA LEU A 124 9.60 -20.38 9.26
C LEU A 124 9.28 -19.67 7.96
N VAL A 125 9.69 -18.41 7.92
CA VAL A 125 9.59 -17.57 6.73
C VAL A 125 11.02 -17.22 6.30
N THR A 126 11.42 -17.70 5.13
CA THR A 126 12.82 -17.72 4.75
C THR A 126 12.99 -17.33 3.29
N ALA A 127 14.19 -16.81 3.00
CA ALA A 127 14.52 -16.42 1.64
C ALA A 127 14.97 -17.63 0.83
N CYS A 128 14.41 -17.77 -0.37
CA CYS A 128 14.70 -18.90 -1.24
C CYS A 128 14.42 -18.49 -2.68
N SER A 129 15.10 -19.16 -3.61
CA SER A 129 15.03 -18.79 -5.02
C SER A 129 13.83 -19.47 -5.68
N LEU A 130 13.11 -18.71 -6.50
CA LEU A 130 12.00 -19.22 -7.28
C LEU A 130 12.19 -18.81 -8.75
N ASP A 131 11.64 -19.62 -9.65
CA ASP A 131 11.79 -19.40 -11.09
C ASP A 131 10.49 -18.83 -11.65
N ILE A 132 10.59 -17.66 -12.28
CA ILE A 132 9.45 -17.00 -12.91
C ILE A 132 9.66 -16.92 -14.42
N TYR A 133 10.32 -17.92 -15.01
CA TYR A 133 10.51 -17.97 -16.45
C TYR A 133 9.19 -18.17 -17.17
N ASN A 134 8.32 -19.00 -16.59
CA ASN A 134 6.94 -19.17 -17.04
C ASN A 134 6.00 -18.89 -15.88
N PHE A 135 5.14 -17.89 -16.04
CA PHE A 135 4.35 -17.35 -14.94
C PHE A 135 3.22 -18.26 -14.43
N PRO A 136 2.30 -18.81 -15.26
CA PRO A 136 1.20 -19.57 -14.64
C PRO A 136 1.62 -20.94 -14.12
N PHE A 137 2.62 -21.57 -14.73
CA PHE A 137 3.13 -22.86 -14.28
C PHE A 137 4.50 -22.65 -13.68
N ASP A 138 4.62 -22.80 -12.37
CA ASP A 138 5.84 -22.51 -11.65
C ASP A 138 6.38 -23.79 -11.02
N VAL A 139 7.70 -23.97 -11.11
CA VAL A 139 8.33 -25.14 -10.48
C VAL A 139 8.38 -24.96 -8.97
N GLN A 140 8.82 -23.77 -8.52
CA GLN A 140 8.88 -23.38 -7.10
C GLN A 140 9.73 -24.33 -6.27
N ASN A 141 10.87 -24.73 -6.82
CA ASN A 141 11.80 -25.60 -6.11
C ASN A 141 12.47 -24.84 -4.98
N CYS A 142 12.73 -25.52 -3.86
CA CYS A 142 13.44 -24.90 -2.76
C CYS A 142 14.15 -25.95 -1.92
N SER A 143 14.96 -25.47 -0.97
CA SER A 143 15.70 -26.32 -0.06
C SER A 143 15.81 -25.64 1.30
N LEU A 144 15.53 -26.39 2.36
CA LEU A 144 15.72 -25.96 3.73
C LEU A 144 16.95 -26.68 4.29
N THR A 145 17.56 -26.11 5.32
CA THR A 145 18.73 -26.73 5.92
C THR A 145 18.70 -26.60 7.43
N PHE A 146 19.03 -27.70 8.10
CA PHE A 146 19.22 -27.75 9.55
C PHE A 146 20.69 -28.07 9.82
N THR A 147 21.19 -27.58 10.95
CA THR A 147 22.58 -27.82 11.31
C THR A 147 22.74 -27.69 12.82
N SER A 148 23.80 -28.31 13.32
CA SER A 148 24.30 -28.05 14.66
C SER A 148 25.25 -26.87 14.57
N TRP A 149 24.75 -25.68 14.94
CA TRP A 149 25.48 -24.43 14.75
C TRP A 149 26.76 -24.37 15.57
N LEU A 150 26.71 -24.83 16.83
CA LEU A 150 27.83 -24.73 17.74
C LEU A 150 28.55 -26.05 17.95
N HIS A 151 28.14 -27.10 17.25
CA HIS A 151 28.77 -28.40 17.42
C HIS A 151 29.30 -28.93 16.09
N THR A 152 30.29 -29.81 16.17
CA THR A 152 31.03 -30.28 15.01
C THR A 152 30.61 -31.69 14.63
N ILE A 153 31.32 -32.27 13.65
CA ILE A 153 30.89 -33.53 13.05
C ILE A 153 31.19 -34.70 13.99
N GLN A 154 32.14 -34.53 14.92
CA GLN A 154 32.36 -35.56 15.93
C GLN A 154 31.66 -35.17 17.22
N ASP A 155 30.75 -34.20 17.17
CA ASP A 155 30.03 -33.80 18.37
C ASP A 155 28.59 -34.30 18.34
N ILE A 156 27.86 -34.01 17.26
CA ILE A 156 26.45 -34.39 17.13
C ILE A 156 26.27 -35.13 15.81
N ASN A 157 25.68 -36.32 15.87
CA ASN A 157 25.39 -37.15 14.70
C ASN A 157 23.94 -36.91 14.28
N ILE A 158 23.72 -36.79 12.98
CA ILE A 158 22.40 -36.52 12.42
C ILE A 158 21.81 -37.82 11.87
N THR A 159 20.60 -38.15 12.30
CA THR A 159 19.92 -39.37 11.89
C THR A 159 18.54 -39.01 11.36
N LEU A 160 18.20 -39.54 10.18
CA LEU A 160 16.94 -39.17 9.53
C LEU A 160 15.80 -40.09 9.99
N TRP A 161 16.15 -41.30 10.49
CA TRP A 161 15.31 -42.25 11.21
C TRP A 161 14.29 -42.98 10.33
N ARG A 162 14.12 -42.58 9.07
CA ARG A 162 13.01 -43.11 8.30
C ARG A 162 13.50 -43.44 6.91
N SER A 163 12.96 -44.53 6.35
CA SER A 163 13.35 -44.98 5.02
C SER A 163 12.88 -43.98 3.97
N PRO A 164 13.71 -43.66 2.97
CA PRO A 164 13.39 -42.51 2.10
C PRO A 164 12.22 -42.73 1.15
N GLU A 165 11.77 -43.97 0.98
CA GLU A 165 10.63 -44.23 0.10
C GLU A 165 9.33 -43.75 0.74
N GLU A 166 9.20 -43.89 2.05
CA GLU A 166 8.01 -43.37 2.73
C GLU A 166 8.20 -41.91 3.12
N VAL A 167 9.43 -41.39 3.01
CA VAL A 167 9.62 -39.94 3.06
C VAL A 167 9.18 -39.32 1.74
N ARG A 168 9.33 -40.08 0.64
CA ARG A 168 9.07 -39.57 -0.70
C ARG A 168 7.59 -39.23 -0.90
N SER A 169 6.70 -40.04 -0.37
CA SER A 169 5.26 -39.81 -0.49
C SER A 169 4.66 -39.69 0.91
N ASP A 170 4.43 -38.46 1.36
CA ASP A 170 3.76 -38.18 2.63
C ASP A 170 2.63 -37.21 2.33
N LYS A 171 1.48 -37.76 1.94
CA LYS A 171 0.31 -36.97 1.57
C LYS A 171 -0.90 -37.26 2.45
N SER A 172 -0.71 -37.99 3.56
CA SER A 172 -1.84 -38.31 4.43
C SER A 172 -2.27 -37.09 5.23
N ILE A 173 -1.35 -36.18 5.51
CA ILE A 173 -1.63 -34.98 6.31
C ILE A 173 -1.39 -33.77 5.43
N PHE A 174 -2.45 -33.27 4.80
CA PHE A 174 -2.38 -32.09 3.95
C PHE A 174 -3.78 -31.51 3.84
N ILE A 175 -3.85 -30.18 3.76
CA ILE A 175 -5.10 -29.45 3.77
C ILE A 175 -5.66 -29.40 2.36
N ASN A 176 -6.98 -29.47 2.24
CA ASN A 176 -7.62 -29.48 0.94
C ASN A 176 -7.80 -28.07 0.40
N GLN A 177 -8.01 -27.99 -0.92
CA GLN A 177 -8.26 -26.78 -1.73
C GLN A 177 -7.30 -25.63 -1.45
N GLY A 178 -6.05 -25.93 -1.07
CA GLY A 178 -5.04 -24.90 -0.95
C GLY A 178 -4.52 -24.50 -2.30
N GLU A 179 -3.88 -23.32 -2.35
CA GLU A 179 -3.31 -22.85 -3.60
C GLU A 179 -2.04 -23.63 -3.96
N TRP A 180 -1.21 -23.93 -2.98
CA TRP A 180 0.03 -24.65 -3.19
C TRP A 180 -0.08 -26.08 -2.69
N GLU A 181 0.37 -27.03 -3.51
CA GLU A 181 0.36 -28.44 -3.19
C GLU A 181 1.77 -29.00 -3.33
N LEU A 182 2.13 -29.94 -2.45
CA LEU A 182 3.46 -30.54 -2.48
C LEU A 182 3.36 -31.89 -3.19
N LEU A 183 4.48 -32.32 -3.81
CA LEU A 183 4.47 -33.61 -4.49
C LEU A 183 5.46 -34.59 -3.85
N GLU A 184 6.73 -34.19 -3.71
CA GLU A 184 7.70 -35.05 -3.04
C GLU A 184 8.75 -34.20 -2.35
N VAL A 185 9.41 -34.80 -1.37
CA VAL A 185 10.56 -34.21 -0.69
C VAL A 185 11.71 -35.19 -0.78
N PHE A 186 12.94 -34.71 -0.55
CA PHE A 186 14.14 -35.51 -0.72
C PHE A 186 15.14 -35.24 0.40
N PRO A 187 15.31 -36.18 1.33
CA PRO A 187 16.33 -36.00 2.38
C PRO A 187 17.71 -36.49 1.94
N GLN A 188 18.75 -35.75 2.29
CA GLN A 188 20.11 -36.11 1.96
C GLN A 188 21.07 -35.43 2.93
N PHE A 189 22.29 -35.98 3.01
CA PHE A 189 23.29 -35.53 3.97
C PHE A 189 24.45 -34.89 3.22
N LYS A 190 24.93 -33.76 3.72
CA LYS A 190 26.09 -33.08 3.16
C LYS A 190 27.02 -32.65 4.29
N GLU A 191 28.03 -31.87 3.94
CA GLU A 191 28.99 -31.30 4.88
C GLU A 191 29.61 -30.09 4.22
N PHE A 192 29.79 -29.01 4.99
CA PHE A 192 30.43 -27.81 4.52
C PHE A 192 31.58 -27.45 5.45
N SER A 193 32.72 -27.09 4.86
CA SER A 193 33.92 -26.73 5.62
C SER A 193 34.42 -25.37 5.14
N ILE A 194 34.53 -24.42 6.06
CA ILE A 194 34.98 -23.08 5.69
C ILE A 194 36.49 -23.04 5.56
N ASP A 195 37.20 -23.51 6.58
CA ASP A 195 38.66 -23.57 6.58
C ASP A 195 39.11 -25.00 6.88
N ILE A 196 40.43 -25.18 7.01
CA ILE A 196 40.96 -26.51 7.26
C ILE A 196 40.75 -26.92 8.71
N SER A 197 40.67 -28.24 8.92
CA SER A 197 40.51 -28.91 10.22
C SER A 197 39.26 -28.45 10.98
N ASN A 198 38.22 -28.02 10.26
CA ASN A 198 36.96 -27.60 10.87
C ASN A 198 35.82 -28.04 9.96
N SER A 199 35.15 -29.13 10.32
CA SER A 199 34.08 -29.70 9.53
C SER A 199 32.84 -29.86 10.42
N TYR A 200 31.74 -29.24 10.00
CA TYR A 200 30.51 -29.18 10.79
C TYR A 200 29.41 -29.95 10.09
N ALA A 201 28.38 -30.32 10.86
CA ALA A 201 27.31 -31.15 10.34
C ALA A 201 26.29 -30.33 9.55
N GLU A 202 25.56 -31.00 8.66
CA GLU A 202 24.55 -30.37 7.83
C GLU A 202 23.53 -31.41 7.40
N MET A 203 22.24 -31.08 7.55
CA MET A 203 21.14 -31.85 7.00
C MET A 203 20.32 -30.93 6.11
N LYS A 204 19.87 -31.44 4.98
CA LYS A 204 19.11 -30.63 4.04
C LYS A 204 17.83 -31.33 3.64
N PHE A 205 16.75 -30.55 3.53
CA PHE A 205 15.46 -31.04 3.10
C PHE A 205 15.06 -30.34 1.82
N TYR A 206 15.02 -31.10 0.73
CA TYR A 206 14.66 -30.63 -0.60
C TYR A 206 13.14 -30.61 -0.68
N VAL A 207 12.55 -29.53 -1.20
CA VAL A 207 11.10 -29.40 -1.26
C VAL A 207 10.66 -28.95 -2.65
N ILE A 208 9.71 -29.70 -3.21
CA ILE A 208 8.98 -29.32 -4.42
C ILE A 208 7.58 -28.93 -3.99
N ILE A 209 7.23 -27.65 -4.17
CA ILE A 209 5.89 -27.15 -3.91
C ILE A 209 5.33 -26.67 -5.25
N ARG A 210 4.03 -26.89 -5.46
CA ARG A 210 3.41 -26.66 -6.76
C ARG A 210 2.05 -26.00 -6.58
N ARG A 211 1.78 -25.01 -7.43
CA ARG A 211 0.47 -24.38 -7.51
C ARG A 211 -0.09 -24.62 -8.90
N ARG A 212 -1.41 -24.77 -8.99
CA ARG A 212 -2.06 -24.91 -10.28
C ARG A 212 -2.68 -23.56 -10.66
N PRO A 213 -2.63 -23.17 -11.93
CA PRO A 213 -3.24 -21.90 -12.35
C PRO A 213 -4.69 -22.07 -12.79
N LEU A 214 -5.54 -22.55 -11.88
CA LEU A 214 -6.96 -22.71 -12.20
C LEU A 214 -7.64 -21.36 -12.31
N PHE A 215 -7.15 -20.37 -11.55
CA PHE A 215 -7.68 -19.02 -11.66
C PHE A 215 -6.96 -18.24 -12.77
N TYR A 216 -5.68 -18.54 -12.99
CA TYR A 216 -4.88 -17.75 -13.92
C TYR A 216 -5.16 -18.14 -15.37
N ALA A 217 -5.60 -19.37 -15.61
CA ALA A 217 -5.85 -19.82 -16.98
C ALA A 217 -7.04 -19.11 -17.60
N VAL A 218 -8.16 -19.04 -16.88
CA VAL A 218 -9.37 -18.40 -17.40
C VAL A 218 -9.16 -16.89 -17.48
N SER A 219 -8.43 -16.32 -16.51
CA SER A 219 -8.26 -14.88 -16.47
C SER A 219 -7.11 -14.41 -17.35
N LEU A 220 -6.33 -15.34 -17.92
CA LEU A 220 -5.19 -14.93 -18.73
C LEU A 220 -5.33 -15.36 -20.19
N LEU A 221 -6.02 -16.48 -20.45
CA LEU A 221 -6.23 -16.92 -21.82
C LEU A 221 -7.27 -16.06 -22.53
N LEU A 222 -8.24 -15.53 -21.80
CA LEU A 222 -9.29 -14.68 -22.34
C LEU A 222 -8.80 -13.29 -22.80
N PRO A 223 -7.78 -12.66 -22.19
CA PRO A 223 -7.13 -11.54 -22.90
C PRO A 223 -6.49 -11.92 -24.23
N SER A 224 -5.99 -13.16 -24.38
CA SER A 224 -5.52 -13.57 -25.70
C SER A 224 -6.69 -13.79 -26.65
N ILE A 225 -7.85 -14.22 -26.14
CA ILE A 225 -9.06 -14.29 -26.95
C ILE A 225 -9.49 -12.88 -27.39
N PHE A 226 -9.34 -11.89 -26.50
CA PHE A 226 -9.60 -10.50 -26.87
C PHE A 226 -8.59 -9.99 -27.89
N LEU A 227 -7.35 -10.47 -27.81
CA LEU A 227 -6.34 -10.15 -28.82
C LEU A 227 -6.72 -10.72 -30.19
N MET A 228 -7.24 -11.95 -30.21
CA MET A 228 -7.74 -12.49 -31.49
C MET A 228 -8.97 -11.76 -31.99
N VAL A 229 -9.84 -11.29 -31.08
CA VAL A 229 -11.02 -10.52 -31.49
C VAL A 229 -10.63 -9.18 -32.09
N VAL A 230 -9.68 -8.47 -31.48
CA VAL A 230 -9.25 -7.20 -32.06
C VAL A 230 -8.40 -7.42 -33.30
N ASP A 231 -7.75 -8.58 -33.43
CA ASP A 231 -7.02 -8.90 -34.66
C ASP A 231 -8.00 -9.16 -35.81
N ILE A 232 -9.08 -9.89 -35.55
CA ILE A 232 -10.02 -10.17 -36.64
C ILE A 232 -10.96 -9.00 -36.91
N VAL A 233 -11.09 -8.05 -35.98
CA VAL A 233 -11.80 -6.81 -36.32
C VAL A 233 -10.85 -5.81 -36.99
N GLY A 234 -9.54 -6.01 -36.87
CA GLY A 234 -8.60 -5.27 -37.69
C GLY A 234 -8.34 -5.85 -39.06
N PHE A 235 -9.24 -6.71 -39.55
CA PHE A 235 -9.06 -7.45 -40.80
C PHE A 235 -9.98 -6.99 -41.93
N CYS A 236 -11.27 -6.80 -41.65
CA CYS A 236 -12.25 -6.58 -42.71
C CYS A 236 -12.36 -5.12 -43.15
N LEU A 237 -11.75 -4.20 -42.42
CA LEU A 237 -11.89 -2.79 -42.77
C LEU A 237 -10.94 -2.41 -43.89
N PRO A 238 -11.32 -1.47 -44.76
CA PRO A 238 -10.38 -0.95 -45.74
C PRO A 238 -9.33 -0.07 -45.08
N PRO A 239 -8.08 -0.16 -45.52
CA PRO A 239 -7.02 0.58 -44.82
C PRO A 239 -6.99 2.07 -45.13
N ASP A 240 -7.69 2.50 -46.18
CA ASP A 240 -7.54 3.87 -46.65
C ASP A 240 -8.31 4.86 -45.79
N SER A 241 -9.29 4.38 -45.02
CA SER A 241 -10.12 5.27 -44.23
C SER A 241 -9.46 5.58 -42.89
N GLY A 242 -9.84 6.73 -42.31
CA GLY A 242 -9.26 7.12 -41.04
C GLY A 242 -10.06 6.62 -39.85
N GLU A 243 -11.18 5.95 -40.12
CA GLU A 243 -12.03 5.47 -39.04
C GLU A 243 -11.38 4.31 -38.29
N ARG A 244 -10.59 3.49 -39.00
CA ARG A 244 -9.84 2.44 -38.33
C ARG A 244 -8.73 3.03 -37.47
N VAL A 245 -8.18 4.17 -37.89
CA VAL A 245 -7.14 4.85 -37.12
C VAL A 245 -7.73 5.41 -35.82
N SER A 246 -8.87 6.11 -35.94
CA SER A 246 -9.52 6.72 -34.79
C SER A 246 -10.07 5.67 -33.84
N PHE A 247 -10.37 4.47 -34.34
CA PHE A 247 -10.71 3.39 -33.43
C PHE A 247 -9.47 2.76 -32.80
N LYS A 248 -8.38 2.62 -33.58
CA LYS A 248 -7.29 1.78 -33.10
C LYS A 248 -6.41 2.52 -32.09
N ILE A 249 -6.44 3.87 -32.11
CA ILE A 249 -5.71 4.58 -31.05
C ILE A 249 -6.41 4.41 -29.70
N THR A 250 -7.75 4.46 -29.71
CA THR A 250 -8.51 4.22 -28.49
C THR A 250 -8.44 2.76 -28.09
N LEU A 251 -8.32 1.86 -29.08
CA LEU A 251 -8.18 0.44 -28.79
C LEU A 251 -6.82 0.13 -28.16
N LEU A 252 -5.76 0.81 -28.62
CA LEU A 252 -4.44 0.63 -28.01
C LEU A 252 -4.40 1.19 -26.59
N LEU A 253 -5.04 2.34 -26.36
CA LEU A 253 -5.09 2.88 -24.99
C LEU A 253 -5.92 1.99 -24.07
N GLY A 254 -7.05 1.47 -24.55
CA GLY A 254 -7.85 0.58 -23.72
C GLY A 254 -7.18 -0.76 -23.48
N TYR A 255 -6.41 -1.24 -24.47
CA TYR A 255 -5.63 -2.47 -24.30
C TYR A 255 -4.52 -2.26 -23.29
N SER A 256 -3.89 -1.09 -23.31
CA SER A 256 -2.84 -0.78 -22.32
C SER A 256 -3.43 -0.66 -20.92
N VAL A 257 -4.63 -0.08 -20.80
CA VAL A 257 -5.29 0.01 -19.50
C VAL A 257 -5.67 -1.38 -18.98
N PHE A 258 -6.23 -2.23 -19.84
CA PHE A 258 -6.62 -3.57 -19.41
C PHE A 258 -5.40 -4.42 -19.06
N LEU A 259 -4.30 -4.23 -19.77
CA LEU A 259 -3.11 -5.03 -19.48
C LEU A 259 -2.36 -4.49 -18.26
N ILE A 260 -2.44 -3.19 -17.98
CA ILE A 260 -1.83 -2.71 -16.75
C ILE A 260 -2.68 -3.08 -15.55
N ILE A 261 -3.99 -3.28 -15.76
CA ILE A 261 -4.85 -3.89 -14.74
C ILE A 261 -4.37 -5.30 -14.41
N VAL A 262 -4.12 -6.11 -15.44
CA VAL A 262 -3.67 -7.49 -15.22
C VAL A 262 -2.28 -7.51 -14.58
N SER A 263 -1.40 -6.58 -14.98
CA SER A 263 -0.01 -6.67 -14.57
C SER A 263 0.25 -5.99 -13.21
N ASP A 264 -0.62 -5.09 -12.77
CA ASP A 264 -0.44 -4.59 -11.41
C ASP A 264 -1.25 -5.42 -10.42
N THR A 265 -2.24 -6.18 -10.91
CA THR A 265 -2.83 -7.23 -10.09
C THR A 265 -1.82 -8.35 -9.83
N LEU A 266 -1.04 -8.73 -10.84
CA LEU A 266 0.02 -9.73 -10.67
C LEU A 266 1.37 -9.16 -11.11
N PRO A 267 2.09 -8.48 -10.22
CA PRO A 267 3.44 -7.99 -10.60
C PRO A 267 4.49 -9.08 -10.43
N ALA A 268 5.67 -8.82 -10.98
CA ALA A 268 6.78 -9.76 -10.92
C ALA A 268 7.95 -9.17 -10.12
N THR A 269 9.04 -9.94 -10.07
CA THR A 269 10.21 -9.51 -9.32
C THR A 269 11.19 -8.76 -10.20
N ALA A 270 12.28 -8.30 -9.58
CA ALA A 270 13.35 -7.60 -10.30
C ALA A 270 14.42 -8.57 -10.77
N ILE A 271 14.29 -9.85 -10.41
CA ILE A 271 15.28 -10.85 -10.83
C ILE A 271 14.83 -11.54 -12.11
N GLY A 272 13.65 -12.16 -12.09
CA GLY A 272 13.21 -12.94 -13.21
C GLY A 272 12.39 -12.16 -14.22
N THR A 273 12.29 -12.69 -15.44
CA THR A 273 11.54 -12.05 -16.50
C THR A 273 10.31 -12.87 -16.86
N PRO A 274 9.10 -12.35 -16.63
CA PRO A 274 7.90 -13.06 -17.10
C PRO A 274 7.69 -12.87 -18.60
N LEU A 275 7.89 -13.97 -19.33
CA LEU A 275 7.86 -13.94 -20.79
C LEU A 275 6.47 -13.69 -21.37
N ILE A 276 5.42 -13.88 -20.58
CA ILE A 276 4.07 -13.56 -21.05
C ILE A 276 3.90 -12.04 -21.15
N GLY A 277 4.34 -11.33 -20.11
CA GLY A 277 4.37 -9.88 -20.18
C GLY A 277 5.35 -9.33 -21.20
N VAL A 278 6.46 -10.05 -21.42
CA VAL A 278 7.42 -9.67 -22.46
C VAL A 278 6.77 -9.80 -23.83
N TYR A 279 6.02 -10.88 -24.06
CA TYR A 279 5.30 -11.02 -25.33
C TYR A 279 4.16 -10.02 -25.46
N PHE A 280 3.57 -9.59 -24.34
CA PHE A 280 2.59 -8.51 -24.38
C PHE A 280 3.22 -7.19 -24.80
N VAL A 281 4.42 -6.91 -24.30
CA VAL A 281 5.14 -5.70 -24.73
C VAL A 281 5.60 -5.83 -26.19
N VAL A 282 5.91 -7.05 -26.63
CA VAL A 282 6.23 -7.28 -28.05
C VAL A 282 5.00 -7.05 -28.92
N CYS A 283 3.81 -7.44 -28.44
CA CYS A 283 2.58 -7.14 -29.16
C CYS A 283 2.28 -5.65 -29.20
N MET A 284 2.59 -4.94 -28.12
CA MET A 284 2.44 -3.48 -28.11
C MET A 284 3.43 -2.82 -29.08
N ALA A 285 4.64 -3.38 -29.18
CA ALA A 285 5.64 -2.86 -30.11
C ALA A 285 5.23 -3.12 -31.56
N LEU A 286 4.70 -4.31 -31.84
CA LEU A 286 4.24 -4.60 -33.19
C LEU A 286 3.00 -3.80 -33.52
N LEU A 287 2.17 -3.48 -32.52
CA LEU A 287 1.00 -2.66 -32.78
C LEU A 287 1.37 -1.20 -33.00
N VAL A 288 2.42 -0.69 -32.35
CA VAL A 288 2.82 0.69 -32.66
C VAL A 288 3.63 0.77 -33.95
N ILE A 289 4.31 -0.31 -34.36
CA ILE A 289 4.84 -0.35 -35.72
C ILE A 289 3.71 -0.42 -36.75
N SER A 290 2.64 -1.16 -36.41
CA SER A 290 1.44 -1.19 -37.25
C SER A 290 0.77 0.17 -37.29
N LEU A 291 0.86 0.93 -36.20
CA LEU A 291 0.30 2.28 -36.16
C LEU A 291 1.15 3.25 -36.96
N ALA A 292 2.47 3.04 -36.98
CA ALA A 292 3.34 3.81 -37.86
C ALA A 292 3.01 3.54 -39.33
N GLU A 293 2.80 2.26 -39.66
CA GLU A 293 2.30 1.89 -40.99
C GLU A 293 0.93 2.51 -41.26
N THR A 294 0.09 2.59 -40.23
CA THR A 294 -1.26 3.12 -40.37
C THR A 294 -1.25 4.60 -40.71
N ILE A 295 -0.42 5.38 -40.00
CA ILE A 295 -0.30 6.80 -40.31
C ILE A 295 0.48 7.02 -41.61
N PHE A 296 1.33 6.05 -42.00
CA PHE A 296 1.89 6.07 -43.35
C PHE A 296 0.79 5.93 -44.42
N ILE A 297 -0.22 5.09 -44.15
CA ILE A 297 -1.36 4.99 -45.06
C ILE A 297 -2.20 6.26 -45.01
N VAL A 298 -2.28 6.89 -43.83
CA VAL A 298 -3.01 8.17 -43.69
C VAL A 298 -2.34 9.26 -44.52
N ARG A 299 -1.01 9.29 -44.53
CA ARG A 299 -0.31 10.25 -45.39
C ARG A 299 -0.37 9.82 -46.85
N LEU A 300 -0.58 8.52 -47.09
CA LEU A 300 -0.53 7.96 -48.45
C LEU A 300 -1.72 8.39 -49.29
N VAL A 301 -2.82 8.82 -48.66
CA VAL A 301 -4.03 9.18 -49.41
C VAL A 301 -4.10 10.68 -49.65
N HIS A 302 -2.97 11.38 -49.51
CA HIS A 302 -2.92 12.81 -49.81
C HIS A 302 -2.38 13.03 -51.21
N LYS A 303 -2.58 14.24 -51.72
CA LYS A 303 -2.32 14.50 -53.14
C LYS A 303 -0.88 14.94 -53.38
N GLN A 304 -0.19 15.44 -52.36
CA GLN A 304 1.13 16.02 -52.52
C GLN A 304 2.18 15.16 -51.84
N ASP A 305 2.99 14.48 -52.65
CA ASP A 305 4.10 13.67 -52.16
C ASP A 305 5.09 13.47 -53.30
N LEU A 306 6.37 13.32 -52.94
CA LEU A 306 7.43 13.04 -53.90
C LEU A 306 8.09 11.73 -53.52
N GLN A 307 7.58 10.62 -54.05
CA GLN A 307 8.09 9.29 -53.76
C GLN A 307 8.51 8.65 -55.08
N ARG A 308 9.51 7.76 -55.01
CA ARG A 308 10.06 7.11 -56.20
C ARG A 308 9.61 5.65 -56.28
N PRO A 309 8.77 5.32 -57.27
CA PRO A 309 8.41 3.90 -57.45
C PRO A 309 9.29 3.18 -58.45
N VAL A 310 9.97 3.90 -59.34
CA VAL A 310 10.74 3.27 -60.42
C VAL A 310 12.09 2.69 -59.99
N PRO A 311 13.02 3.46 -59.31
CA PRO A 311 14.39 2.92 -59.15
C PRO A 311 14.52 1.75 -58.17
N ASP A 312 13.90 1.86 -56.99
CA ASP A 312 14.12 0.89 -55.94
C ASP A 312 12.88 0.13 -55.50
N TRP A 313 11.68 0.71 -55.65
CA TRP A 313 10.46 0.01 -55.25
C TRP A 313 10.17 -1.15 -56.19
N LEU A 314 10.56 -1.03 -57.47
CA LEU A 314 10.46 -2.16 -58.38
C LEU A 314 11.44 -3.27 -58.00
N ARG A 315 12.62 -2.89 -57.47
CA ARG A 315 13.57 -3.89 -56.98
C ARG A 315 13.02 -4.60 -55.75
N HIS A 316 12.35 -3.85 -54.86
CA HIS A 316 11.69 -4.49 -53.71
C HIS A 316 10.56 -5.40 -54.15
N LEU A 317 9.84 -5.03 -55.22
CA LEU A 317 8.76 -5.88 -55.71
C LEU A 317 9.30 -7.16 -56.34
N VAL A 318 10.41 -7.05 -57.09
CA VAL A 318 11.04 -8.24 -57.67
C VAL A 318 11.62 -9.14 -56.57
N LEU A 319 12.19 -8.53 -55.52
CA LEU A 319 12.71 -9.30 -54.40
C LEU A 319 11.58 -10.01 -53.63
N ASP A 320 10.43 -9.36 -53.53
CA ASP A 320 9.26 -10.00 -52.92
C ASP A 320 8.76 -11.16 -53.77
N ARG A 321 8.72 -10.98 -55.09
CA ARG A 321 8.27 -12.06 -55.98
C ARG A 321 9.24 -13.24 -55.98
N ILE A 322 10.53 -12.98 -55.80
CA ILE A 322 11.50 -14.07 -55.73
C ILE A 322 11.48 -14.77 -54.37
N ALA A 323 11.62 -14.03 -53.27
CA ALA A 323 11.76 -14.66 -51.95
C ALA A 323 10.40 -14.93 -51.31
N TRP A 324 9.58 -13.88 -51.17
CA TRP A 324 8.32 -14.03 -50.44
C TRP A 324 7.27 -14.73 -51.28
N ILE A 325 7.11 -14.33 -52.54
CA ILE A 325 6.11 -14.92 -53.41
C ILE A 325 6.75 -15.99 -54.30
N LEU A 390 -21.33 41.98 -81.87
CA LEU A 390 -21.81 40.60 -81.88
C LEU A 390 -21.59 40.00 -80.48
N ALA A 391 -22.56 39.23 -80.00
CA ALA A 391 -22.56 38.73 -78.63
C ALA A 391 -22.56 37.21 -78.53
N VAL A 392 -22.82 36.51 -79.64
CA VAL A 392 -22.87 35.04 -79.62
C VAL A 392 -21.49 34.46 -79.35
N ARG A 393 -20.43 35.14 -79.81
CA ARG A 393 -19.07 34.71 -79.50
C ARG A 393 -18.78 34.82 -78.01
N GLY A 394 -19.27 35.88 -77.38
CA GLY A 394 -19.12 36.01 -75.93
C GLY A 394 -19.93 34.98 -75.17
N LEU A 395 -21.13 34.65 -75.68
CA LEU A 395 -21.94 33.59 -75.07
C LEU A 395 -21.24 32.23 -75.14
N LEU A 396 -20.73 31.86 -76.31
CA LEU A 396 -20.04 30.57 -76.45
C LEU A 396 -18.74 30.55 -75.65
N GLN A 397 -18.04 31.68 -75.58
CA GLN A 397 -16.81 31.76 -74.79
C GLN A 397 -17.09 31.61 -73.31
N GLU A 398 -18.13 32.27 -72.80
CA GLU A 398 -18.42 32.20 -71.37
C GLU A 398 -18.99 30.83 -70.98
N LEU A 399 -19.80 30.22 -71.85
CA LEU A 399 -20.29 28.88 -71.53
C LEU A 399 -19.20 27.82 -71.65
N SER A 400 -18.24 28.02 -72.57
CA SER A 400 -17.08 27.13 -72.61
C SER A 400 -16.18 27.34 -71.39
N SER A 401 -16.17 28.56 -70.84
CA SER A 401 -15.46 28.80 -69.60
C SER A 401 -16.13 28.09 -68.42
N ILE A 402 -17.47 28.09 -68.40
CA ILE A 402 -18.22 27.32 -67.40
C ILE A 402 -17.91 25.84 -67.54
N ARG A 403 -17.82 25.35 -68.78
CA ARG A 403 -17.44 23.96 -69.03
C ARG A 403 -16.02 23.67 -68.54
N HIS A 404 -15.12 24.64 -68.69
CA HIS A 404 -13.74 24.45 -68.25
C HIS A 404 -13.62 24.42 -66.73
N PHE A 405 -14.35 25.31 -66.04
CA PHE A 405 -14.35 25.29 -64.58
C PHE A 405 -15.01 24.02 -64.03
N LEU A 406 -16.06 23.54 -64.69
CA LEU A 406 -16.70 22.28 -64.27
C LEU A 406 -15.79 21.09 -64.54
N GLU A 407 -15.02 21.16 -65.64
CA GLU A 407 -14.04 20.12 -65.94
C GLU A 407 -12.92 20.11 -64.92
N LYS A 408 -12.51 21.29 -64.43
CA LYS A 408 -11.54 21.34 -63.34
C LYS A 408 -12.12 20.78 -62.05
N ARG A 409 -13.42 21.03 -61.81
CA ARG A 409 -14.07 20.60 -60.57
C ARG A 409 -14.13 19.07 -60.48
N ASP A 410 -14.39 18.38 -61.59
CA ASP A 410 -14.30 16.93 -61.52
C ASP A 410 -12.94 16.42 -62.01
N GLU A 411 -11.98 17.33 -62.22
CA GLU A 411 -10.59 16.91 -62.42
C GLU A 411 -9.90 16.64 -61.09
N MET A 412 -10.51 17.05 -59.96
CA MET A 412 -9.94 16.76 -58.64
C MET A 412 -9.79 15.26 -58.35
N ARG A 413 -10.64 14.41 -58.95
CA ARG A 413 -10.79 13.05 -58.44
C ARG A 413 -9.69 12.11 -58.93
N GLU A 414 -8.96 12.47 -59.99
CA GLU A 414 -8.06 11.51 -60.61
C GLU A 414 -6.71 11.45 -59.91
N VAL A 415 -6.46 12.35 -58.95
CA VAL A 415 -5.12 12.46 -58.38
C VAL A 415 -4.90 11.40 -57.30
N ALA A 416 -5.98 10.88 -56.71
CA ALA A 416 -5.83 9.99 -55.56
C ALA A 416 -6.03 8.53 -55.93
N ARG A 417 -6.26 8.24 -57.21
CA ARG A 417 -6.60 6.87 -57.59
C ARG A 417 -5.36 6.00 -57.74
N ASP A 418 -4.19 6.62 -57.93
CA ASP A 418 -2.97 5.84 -58.16
C ASP A 418 -2.40 5.29 -56.87
N TRP A 419 -2.72 5.92 -55.73
CA TRP A 419 -2.06 5.61 -54.48
C TRP A 419 -2.61 4.34 -53.85
N LEU A 420 -3.90 4.03 -54.10
CA LEU A 420 -4.67 3.18 -53.20
C LEU A 420 -4.30 1.70 -53.31
N ARG A 421 -3.52 1.33 -54.34
CA ARG A 421 -3.29 -0.08 -54.60
C ARG A 421 -2.04 -0.60 -53.88
N VAL A 422 -1.16 0.29 -53.46
CA VAL A 422 0.14 -0.14 -52.94
C VAL A 422 0.06 -0.48 -51.46
N GLY A 423 -0.56 0.39 -50.67
CA GLY A 423 -0.50 0.25 -49.22
C GLY A 423 -1.34 -0.90 -48.69
N TYR A 424 -2.35 -1.32 -49.45
CA TYR A 424 -3.13 -2.50 -49.10
C TYR A 424 -2.28 -3.76 -49.13
N VAL A 425 -1.39 -3.86 -50.12
CA VAL A 425 -0.50 -5.01 -50.24
C VAL A 425 0.49 -5.05 -49.08
N LEU A 426 1.02 -3.89 -48.69
CA LEU A 426 1.97 -3.85 -47.58
C LEU A 426 1.26 -4.11 -46.25
N ASP A 427 -0.01 -3.69 -46.14
CA ASP A 427 -0.80 -3.99 -44.95
C ASP A 427 -1.08 -5.48 -44.83
N ARG A 428 -1.40 -6.14 -45.96
CA ARG A 428 -1.60 -7.59 -45.92
C ARG A 428 -0.30 -8.32 -45.62
N LEU A 429 0.83 -7.77 -46.09
CA LEU A 429 2.13 -8.35 -45.78
C LEU A 429 2.43 -8.32 -44.29
N LEU A 430 2.24 -7.16 -43.65
CA LEU A 430 2.53 -7.07 -42.22
C LEU A 430 1.46 -7.81 -41.40
N PHE A 431 0.25 -7.95 -41.96
CA PHE A 431 -0.76 -8.78 -41.31
C PHE A 431 -0.37 -10.25 -41.34
N ARG A 432 0.24 -10.71 -42.44
CA ARG A 432 0.75 -12.08 -42.48
C ARG A 432 1.90 -12.27 -41.50
N ILE A 433 2.75 -11.25 -41.35
CA ILE A 433 3.84 -11.30 -40.35
C ILE A 433 3.27 -11.43 -38.94
N TYR A 434 2.24 -10.64 -38.61
CA TYR A 434 1.62 -10.71 -37.30
C TYR A 434 0.87 -12.03 -37.09
N LEU A 435 0.32 -12.59 -38.18
CA LEU A 435 -0.37 -13.88 -38.08
C LEU A 435 0.62 -15.01 -37.80
N LEU A 436 1.78 -14.98 -38.46
CA LEU A 436 2.82 -15.96 -38.15
C LEU A 436 3.37 -15.77 -36.73
N ALA A 437 3.40 -14.52 -36.25
CA ALA A 437 3.84 -14.28 -34.87
C ALA A 437 2.85 -14.87 -33.85
N VAL A 438 1.55 -14.67 -34.08
CA VAL A 438 0.54 -15.21 -33.17
C VAL A 438 0.52 -16.74 -33.25
N LEU A 439 0.75 -17.30 -34.44
CA LEU A 439 0.78 -18.75 -34.60
C LEU A 439 2.01 -19.35 -33.92
N ALA A 440 3.15 -18.66 -33.98
CA ALA A 440 4.35 -19.12 -33.27
C ALA A 440 4.17 -19.04 -31.77
N TYR A 441 3.47 -18.01 -31.28
CA TYR A 441 3.19 -17.93 -29.85
C TYR A 441 2.21 -19.02 -29.41
N SER A 442 1.29 -19.40 -30.29
CA SER A 442 0.37 -20.50 -29.99
C SER A 442 1.12 -21.82 -29.91
N ILE A 443 2.07 -22.04 -30.82
CA ILE A 443 2.96 -23.22 -30.76
C ILE A 443 3.77 -23.20 -29.46
N THR A 444 4.25 -22.02 -29.06
CA THR A 444 5.03 -21.89 -27.82
C THR A 444 4.17 -22.21 -26.59
N LEU A 445 2.92 -21.76 -26.58
CA LEU A 445 2.04 -22.01 -25.43
C LEU A 445 1.67 -23.49 -25.34
N VAL A 446 1.37 -24.12 -26.49
CA VAL A 446 1.06 -25.55 -26.49
C VAL A 446 2.28 -26.37 -26.10
N THR A 447 3.48 -25.94 -26.52
CA THR A 447 4.71 -26.62 -26.16
C THR A 447 5.01 -26.49 -24.67
N LEU A 448 4.75 -25.32 -24.09
CA LEU A 448 4.96 -25.12 -22.66
C LEU A 448 3.96 -25.94 -21.84
N TRP A 449 2.70 -26.02 -22.28
CA TRP A 449 1.73 -26.87 -21.61
C TRP A 449 2.09 -28.34 -21.71
N SER A 450 2.67 -28.76 -22.85
CA SER A 450 3.09 -30.16 -22.99
C SER A 450 4.30 -30.47 -22.11
N ILE A 451 5.23 -29.51 -21.99
CA ILE A 451 6.39 -29.71 -21.11
C ILE A 451 5.96 -29.78 -19.65
N TRP A 452 4.97 -28.96 -19.26
CA TRP A 452 4.46 -29.07 -17.90
C TRP A 452 3.68 -30.35 -17.69
N HIS A 453 2.97 -30.83 -18.73
CA HIS A 453 2.25 -32.10 -18.63
C HIS A 453 3.20 -33.29 -18.58
N TYR A 454 4.43 -33.14 -19.10
CA TYR A 454 5.43 -34.19 -18.94
C TYR A 454 5.83 -34.36 -17.48
N SER A 455 5.93 -33.25 -16.75
CA SER A 455 6.24 -33.21 -15.31
C SER A 455 7.56 -33.91 -14.93
N THR B 1 0.78 -14.15 68.17
CA THR B 1 0.19 -15.37 68.72
C THR B 1 -0.46 -16.21 67.62
N GLN B 2 -1.47 -15.63 66.96
CA GLN B 2 -2.18 -16.32 65.89
C GLN B 2 -1.78 -15.72 64.55
N PRO B 3 -1.10 -16.48 63.69
CA PRO B 3 -0.73 -15.96 62.36
C PRO B 3 -1.94 -15.86 61.44
N ALA B 4 -1.69 -15.31 60.26
CA ALA B 4 -2.75 -15.12 59.26
C ALA B 4 -2.94 -16.42 58.48
N LEU B 5 -3.77 -16.35 57.44
CA LEU B 5 -4.08 -17.52 56.63
C LEU B 5 -3.02 -17.80 55.57
N LEU B 6 -2.02 -16.93 55.43
CA LEU B 6 -0.99 -17.09 54.41
C LEU B 6 -0.12 -18.32 54.67
N ARG B 7 0.03 -18.71 55.94
CA ARG B 7 0.74 -19.96 56.26
C ARG B 7 -0.02 -21.17 55.72
N LEU B 8 -1.35 -21.06 55.60
CA LEU B 8 -2.14 -22.07 54.91
C LEU B 8 -1.68 -22.24 53.47
N SER B 9 -1.36 -21.12 52.79
CA SER B 9 -0.80 -21.21 51.45
C SER B 9 0.57 -21.85 51.48
N ASP B 10 1.32 -21.66 52.57
CA ASP B 10 2.56 -22.42 52.77
C ASP B 10 2.26 -23.90 52.88
N HIS B 11 1.18 -24.24 53.59
CA HIS B 11 0.71 -25.63 53.62
C HIS B 11 0.16 -26.07 52.27
N LEU B 12 -0.22 -25.11 51.42
CA LEU B 12 -0.56 -25.45 50.04
C LEU B 12 0.69 -25.52 49.17
N LEU B 13 1.76 -24.84 49.56
CA LEU B 13 2.98 -24.78 48.76
C LEU B 13 4.22 -25.22 49.52
N ALA B 14 4.15 -26.33 50.26
CA ALA B 14 5.32 -26.80 51.00
C ALA B 14 6.19 -27.72 50.15
N ASN B 15 5.62 -28.80 49.64
CA ASN B 15 6.35 -29.86 48.93
C ASN B 15 5.64 -30.19 47.62
N TYR B 16 5.34 -29.17 46.82
CA TYR B 16 4.50 -29.37 45.63
C TYR B 16 5.23 -30.14 44.53
N LYS B 17 6.53 -29.87 44.34
CA LYS B 17 7.37 -30.46 43.29
C LYS B 17 6.78 -30.17 41.91
N LYS B 18 6.86 -28.90 41.51
CA LYS B 18 6.37 -28.47 40.20
C LYS B 18 7.21 -29.11 39.09
N GLY B 19 6.52 -29.52 38.03
CA GLY B 19 7.16 -30.14 36.90
C GLY B 19 6.81 -31.58 36.65
N VAL B 20 6.22 -32.27 37.62
CA VAL B 20 5.84 -33.67 37.50
C VAL B 20 4.37 -33.73 37.09
N ARG B 21 4.00 -34.77 36.37
CA ARG B 21 2.61 -34.96 35.98
C ARG B 21 1.79 -35.38 37.19
N PRO B 22 0.81 -34.58 37.63
CA PRO B 22 0.13 -34.88 38.89
C PRO B 22 -0.97 -35.94 38.80
N VAL B 23 -0.67 -37.16 39.23
CA VAL B 23 -1.62 -38.27 39.30
C VAL B 23 -1.30 -39.11 40.53
N ARG B 24 -2.32 -39.77 41.08
CA ARG B 24 -2.07 -40.83 42.07
C ARG B 24 -1.63 -42.11 41.37
N ASP B 25 -2.40 -42.56 40.39
CA ASP B 25 -2.08 -43.74 39.59
C ASP B 25 -1.78 -43.28 38.16
N TRP B 26 -0.77 -43.88 37.55
CA TRP B 26 -0.20 -43.30 36.33
C TRP B 26 -1.02 -43.65 35.09
N ARG B 27 -1.61 -44.86 35.04
CA ARG B 27 -2.34 -45.26 33.84
C ARG B 27 -3.73 -44.66 33.81
N LYS B 28 -4.20 -44.16 34.95
CA LYS B 28 -5.43 -43.40 34.98
C LYS B 28 -5.17 -42.00 34.44
N PRO B 29 -5.81 -41.59 33.33
CA PRO B 29 -5.49 -40.30 32.74
C PRO B 29 -6.13 -39.16 33.51
N THR B 30 -5.42 -38.04 33.55
CA THR B 30 -5.98 -36.82 34.12
C THR B 30 -6.98 -36.22 33.14
N THR B 31 -7.94 -35.47 33.68
CA THR B 31 -9.05 -34.94 32.90
C THR B 31 -9.03 -33.42 32.96
N VAL B 32 -8.87 -32.79 31.80
CA VAL B 32 -9.07 -31.35 31.68
C VAL B 32 -10.48 -31.15 31.11
N SER B 33 -11.10 -30.03 31.46
CA SER B 33 -12.47 -29.73 31.06
C SER B 33 -12.50 -28.28 30.58
N ILE B 34 -12.92 -28.09 29.33
CA ILE B 34 -12.69 -26.84 28.62
C ILE B 34 -14.01 -26.29 28.07
N ASP B 35 -13.99 -24.98 27.80
CA ASP B 35 -15.12 -24.27 27.23
C ASP B 35 -14.60 -22.99 26.61
N VAL B 36 -15.31 -22.51 25.59
CA VAL B 36 -14.91 -21.32 24.84
C VAL B 36 -16.14 -20.45 24.60
N ILE B 37 -15.95 -19.14 24.61
CA ILE B 37 -17.01 -18.20 24.24
C ILE B 37 -16.35 -17.09 23.42
N MET B 38 -17.11 -16.47 22.50
CA MET B 38 -16.59 -15.46 21.60
C MET B 38 -17.22 -14.12 21.98
N TYR B 39 -16.41 -13.23 22.55
CA TYR B 39 -16.90 -11.90 22.90
C TYR B 39 -17.12 -11.04 21.67
N ALA B 40 -16.05 -10.80 20.90
CA ALA B 40 -16.15 -10.02 19.68
C ALA B 40 -15.09 -10.50 18.70
N ILE B 41 -15.50 -10.67 17.45
CA ILE B 41 -14.62 -11.12 16.39
C ILE B 41 -14.11 -9.89 15.64
N LEU B 42 -12.81 -9.88 15.35
CA LEU B 42 -12.24 -8.77 14.61
C LEU B 42 -12.45 -8.95 13.11
N ASN B 43 -11.85 -8.05 12.33
CA ASN B 43 -12.06 -8.05 10.90
C ASN B 43 -11.33 -9.20 10.21
N VAL B 44 -11.81 -9.56 9.02
CA VAL B 44 -11.19 -10.59 8.19
C VAL B 44 -10.63 -9.90 6.96
N ASP B 45 -9.29 -9.89 6.84
CA ASP B 45 -8.66 -9.24 5.71
C ASP B 45 -8.84 -10.05 4.43
N GLU B 46 -8.95 -11.38 4.56
CA GLU B 46 -9.34 -12.43 3.60
C GLU B 46 -8.46 -12.51 2.36
N LYS B 47 -7.41 -11.70 2.22
CA LYS B 47 -6.53 -11.83 1.08
C LYS B 47 -5.51 -12.94 1.30
N ASN B 48 -5.05 -13.10 2.54
CA ASN B 48 -4.06 -14.09 2.90
C ASN B 48 -4.65 -15.42 3.32
N GLN B 49 -5.93 -15.67 2.98
CA GLN B 49 -6.72 -16.84 3.40
C GLN B 49 -6.73 -16.97 4.93
N VAL B 50 -6.92 -15.84 5.61
CA VAL B 50 -6.65 -15.72 7.03
C VAL B 50 -7.84 -15.03 7.68
N LEU B 51 -8.04 -15.30 8.97
CA LEU B 51 -9.11 -14.65 9.75
C LEU B 51 -8.62 -14.39 11.18
N THR B 52 -9.12 -13.31 11.77
CA THR B 52 -8.76 -12.89 13.12
C THR B 52 -9.95 -13.05 14.04
N THR B 53 -9.70 -13.43 15.29
CA THR B 53 -10.74 -13.47 16.30
C THR B 53 -10.14 -13.27 17.69
N TYR B 54 -11.02 -12.95 18.64
CA TYR B 54 -10.65 -12.71 20.04
C TYR B 54 -11.68 -13.37 20.94
N ILE B 55 -11.28 -14.42 21.64
CA ILE B 55 -12.22 -15.25 22.39
C ILE B 55 -11.80 -15.32 23.86
N TRP B 56 -12.73 -15.77 24.69
CA TRP B 56 -12.50 -16.01 26.11
C TRP B 56 -12.53 -17.52 26.34
N TYR B 57 -11.57 -18.00 27.13
CA TYR B 57 -11.27 -19.42 27.25
C TYR B 57 -11.33 -19.83 28.71
N ARG B 58 -12.10 -20.87 29.01
CA ARG B 58 -12.28 -21.37 30.35
C ARG B 58 -11.82 -22.83 30.40
N GLN B 59 -11.05 -23.18 31.43
CA GLN B 59 -10.62 -24.55 31.59
C GLN B 59 -10.43 -24.85 33.07
N TYR B 60 -10.51 -26.13 33.41
CA TYR B 60 -10.15 -26.57 34.76
C TYR B 60 -9.74 -28.04 34.70
N TRP B 61 -8.74 -28.40 35.51
CA TRP B 61 -8.27 -29.79 35.53
C TRP B 61 -7.96 -30.21 36.95
N THR B 62 -8.18 -31.49 37.23
CA THR B 62 -8.00 -32.05 38.57
C THR B 62 -6.50 -32.17 38.85
N ASP B 63 -6.04 -31.51 39.91
CA ASP B 63 -4.62 -31.49 40.22
C ASP B 63 -4.25 -32.65 41.15
N GLU B 64 -5.09 -32.90 42.15
CA GLU B 64 -5.07 -34.04 43.09
C GLU B 64 -3.88 -34.00 44.06
N PHE B 65 -2.94 -33.07 43.90
CA PHE B 65 -1.87 -32.87 44.88
C PHE B 65 -2.28 -32.04 46.07
N LEU B 66 -3.44 -31.41 46.05
CA LEU B 66 -3.80 -30.38 47.03
C LEU B 66 -5.12 -30.76 47.68
N GLN B 67 -5.09 -30.99 48.99
CA GLN B 67 -6.29 -31.30 49.76
C GLN B 67 -6.57 -30.20 50.76
N TRP B 68 -7.81 -29.73 50.81
CA TRP B 68 -8.24 -28.72 51.77
C TRP B 68 -9.42 -29.25 52.55
N THR B 69 -9.47 -28.93 53.84
CA THR B 69 -10.57 -29.33 54.69
C THR B 69 -11.38 -28.12 55.13
N PRO B 70 -12.71 -28.22 55.17
CA PRO B 70 -13.51 -27.06 55.60
C PRO B 70 -13.34 -26.70 57.07
N GLU B 71 -12.99 -27.67 57.90
CA GLU B 71 -12.82 -27.40 59.33
C GLU B 71 -11.54 -26.62 59.58
N ASP B 72 -11.56 -25.79 60.63
CA ASP B 72 -10.50 -25.01 61.30
C ASP B 72 -9.59 -24.21 60.35
N PHE B 73 -10.02 -23.93 59.12
CA PHE B 73 -9.21 -23.18 58.16
C PHE B 73 -9.88 -21.89 57.74
N ASP B 74 -10.89 -21.45 58.51
CA ASP B 74 -11.62 -20.19 58.32
C ASP B 74 -12.32 -20.13 56.96
N ASN B 75 -12.78 -21.29 56.47
CA ASN B 75 -13.82 -21.42 55.44
C ASN B 75 -13.39 -20.84 54.09
N VAL B 76 -12.12 -20.97 53.75
CA VAL B 76 -11.59 -20.50 52.48
C VAL B 76 -11.80 -21.60 51.44
N THR B 77 -13.00 -21.62 50.86
CA THR B 77 -13.34 -22.64 49.87
C THR B 77 -12.63 -22.38 48.55
N LYS B 78 -12.55 -21.12 48.14
CA LYS B 78 -11.91 -20.71 46.90
C LYS B 78 -10.80 -19.73 47.21
N LEU B 79 -9.59 -20.01 46.72
CA LEU B 79 -8.49 -19.05 46.90
C LEU B 79 -7.56 -19.08 45.69
N SER B 80 -6.92 -17.93 45.45
CA SER B 80 -6.12 -17.72 44.25
C SER B 80 -4.63 -17.85 44.58
N ILE B 81 -3.93 -18.65 43.78
CA ILE B 81 -2.48 -18.82 43.90
C ILE B 81 -1.87 -18.61 42.51
N PRO B 82 -0.61 -18.20 42.39
CA PRO B 82 -0.05 -17.95 41.05
C PRO B 82 0.16 -19.22 40.25
N THR B 83 0.00 -19.09 38.93
CA THR B 83 0.11 -20.23 38.02
C THR B 83 1.55 -20.53 37.63
N ASP B 84 2.51 -19.70 38.00
CA ASP B 84 3.90 -19.95 37.67
C ASP B 84 4.54 -21.01 38.57
N SER B 85 3.86 -21.39 39.66
CA SER B 85 4.39 -22.39 40.58
C SER B 85 3.66 -23.73 40.51
N ILE B 86 2.62 -23.85 39.68
CA ILE B 86 1.84 -25.06 39.60
C ILE B 86 1.87 -25.61 38.17
N TRP B 87 1.33 -26.82 38.03
CA TRP B 87 1.35 -27.51 36.74
C TRP B 87 0.30 -26.94 35.79
N VAL B 88 0.64 -26.93 34.51
CA VAL B 88 -0.30 -26.51 33.46
C VAL B 88 -0.03 -27.33 32.20
N PRO B 89 -1.07 -27.88 31.56
CA PRO B 89 -0.87 -28.61 30.31
C PRO B 89 -0.75 -27.66 29.13
N ASP B 90 -0.59 -28.26 27.95
CA ASP B 90 -0.39 -27.51 26.71
C ASP B 90 -1.59 -27.73 25.78
N ILE B 91 -2.49 -26.74 25.75
CA ILE B 91 -3.63 -26.74 24.85
C ILE B 91 -3.41 -25.59 23.87
N LEU B 92 -3.18 -25.92 22.60
CA LEU B 92 -2.77 -24.93 21.62
C LEU B 92 -3.69 -24.93 20.41
N ILE B 93 -3.88 -23.75 19.84
CA ILE B 93 -4.52 -23.62 18.53
C ILE B 93 -3.52 -24.03 17.45
N ASN B 94 -4.02 -24.60 16.37
CA ASN B 94 -3.19 -25.00 15.25
C ASN B 94 -3.47 -24.10 14.05
N GLU B 95 -2.76 -24.37 12.94
CA GLU B 95 -2.73 -23.65 11.66
C GLU B 95 -2.70 -22.12 11.79
N PHE B 96 -1.97 -21.61 12.79
CA PHE B 96 -1.96 -20.19 13.11
C PHE B 96 -0.80 -19.50 12.42
N VAL B 97 -1.04 -18.25 12.00
CA VAL B 97 0.00 -17.47 11.33
C VAL B 97 0.99 -16.93 12.37
N ASP B 98 0.49 -16.50 13.53
CA ASP B 98 1.33 -16.19 14.68
C ASP B 98 0.45 -16.24 15.93
N VAL B 99 1.10 -16.40 17.08
CA VAL B 99 0.40 -16.46 18.35
C VAL B 99 -0.09 -15.05 18.70
N GLY B 100 -1.26 -14.96 19.30
CA GLY B 100 -1.84 -13.68 19.63
C GLY B 100 -1.12 -13.02 20.80
N LYS B 101 -1.16 -11.68 20.79
CA LYS B 101 -0.56 -10.90 21.87
C LYS B 101 -1.43 -10.99 23.12
N SER B 102 -1.20 -12.04 23.91
CA SER B 102 -2.01 -12.36 25.07
C SER B 102 -1.26 -12.03 26.35
N PRO B 103 -1.98 -11.63 27.41
CA PRO B 103 -1.30 -11.33 28.68
C PRO B 103 -0.89 -12.60 29.42
N ASN B 104 -0.34 -12.42 30.63
CA ASN B 104 0.15 -13.54 31.42
C ASN B 104 -0.87 -13.90 32.48
N ILE B 105 -1.41 -12.92 33.21
CA ILE B 105 -2.33 -13.00 34.36
C ILE B 105 -2.08 -14.17 35.31
N PRO B 106 -0.96 -14.15 36.07
CA PRO B 106 -0.60 -15.35 36.87
C PRO B 106 -1.44 -15.55 38.12
N TYR B 107 -2.70 -15.94 37.95
CA TYR B 107 -3.56 -16.30 39.08
C TYR B 107 -4.50 -17.41 38.64
N VAL B 108 -4.55 -18.48 39.45
CA VAL B 108 -5.46 -19.59 39.22
C VAL B 108 -6.12 -19.96 40.55
N TYR B 109 -7.20 -20.73 40.47
CA TYR B 109 -8.02 -21.03 41.63
C TYR B 109 -7.65 -22.39 42.21
N VAL B 110 -7.71 -22.51 43.53
CA VAL B 110 -7.64 -23.80 44.20
C VAL B 110 -8.77 -23.90 45.21
N HIS B 111 -9.24 -25.14 45.40
CA HIS B 111 -10.43 -25.45 46.17
C HIS B 111 -10.22 -26.68 47.06
N HIS B 112 -11.32 -27.20 47.61
CA HIS B 112 -11.26 -28.37 48.49
C HIS B 112 -11.17 -29.68 47.73
N ARG B 113 -11.75 -29.77 46.54
CA ARG B 113 -11.77 -31.00 45.77
C ARG B 113 -10.53 -31.20 44.93
N GLY B 114 -9.61 -30.23 44.90
CA GLY B 114 -8.29 -30.42 44.34
C GLY B 114 -8.09 -29.81 42.96
N GLU B 115 -9.17 -29.61 42.21
CA GLU B 115 -9.04 -29.16 40.82
C GLU B 115 -8.67 -27.68 40.76
N VAL B 116 -7.96 -27.30 39.70
CA VAL B 116 -7.49 -25.94 39.48
C VAL B 116 -8.22 -25.36 38.27
N GLN B 117 -8.70 -24.13 38.42
CA GLN B 117 -9.50 -23.40 37.44
C GLN B 117 -8.64 -22.33 36.78
N ASN B 118 -8.92 -22.03 35.51
CA ASN B 118 -8.17 -21.03 34.75
C ASN B 118 -9.10 -20.34 33.76
N TYR B 119 -9.07 -19.01 33.78
CA TYR B 119 -9.75 -18.16 32.81
C TYR B 119 -8.68 -17.39 32.05
N LYS B 120 -8.83 -17.27 30.73
CA LYS B 120 -7.86 -16.48 29.99
C LYS B 120 -8.48 -15.83 28.76
N PRO B 121 -8.12 -14.58 28.46
CA PRO B 121 -8.49 -14.01 27.16
C PRO B 121 -7.41 -14.30 26.13
N LEU B 122 -7.79 -14.78 24.94
CA LEU B 122 -6.77 -15.04 23.93
C LEU B 122 -7.34 -14.74 22.56
N GLN B 123 -6.53 -14.12 21.72
CA GLN B 123 -6.89 -13.81 20.34
C GLN B 123 -6.03 -14.67 19.42
N LEU B 124 -6.60 -15.05 18.29
CA LEU B 124 -5.87 -15.88 17.34
C LEU B 124 -6.21 -15.43 15.93
N VAL B 125 -5.15 -15.28 15.14
CA VAL B 125 -5.24 -14.99 13.71
C VAL B 125 -4.66 -16.19 12.96
N THR B 126 -5.52 -16.87 12.20
CA THR B 126 -5.20 -18.18 11.68
C THR B 126 -5.66 -18.34 10.25
N ALA B 127 -4.98 -19.24 9.54
CA ALA B 127 -5.31 -19.54 8.16
C ALA B 127 -6.48 -20.51 8.09
N CYS B 128 -7.48 -20.19 7.26
CA CYS B 128 -8.67 -21.01 7.12
C CYS B 128 -9.28 -20.74 5.76
N SER B 129 -10.02 -21.71 5.26
CA SER B 129 -10.58 -21.66 3.91
C SER B 129 -11.91 -20.91 3.92
N LEU B 130 -12.10 -20.04 2.93
CA LEU B 130 -13.35 -19.32 2.74
C LEU B 130 -13.79 -19.48 1.29
N ASP B 131 -15.10 -19.41 1.08
CA ASP B 131 -15.69 -19.60 -0.25
C ASP B 131 -16.10 -18.26 -0.84
N ILE B 132 -15.56 -17.94 -2.01
CA ILE B 132 -15.87 -16.71 -2.71
C ILE B 132 -16.58 -17.01 -4.04
N TYR B 133 -17.38 -18.09 -4.07
CA TYR B 133 -18.14 -18.43 -5.27
C TYR B 133 -19.21 -17.38 -5.54
N ASN B 134 -19.84 -16.87 -4.48
CA ASN B 134 -20.75 -15.74 -4.56
C ASN B 134 -20.26 -14.66 -3.61
N PHE B 135 -19.96 -13.48 -4.16
CA PHE B 135 -19.26 -12.42 -3.42
C PHE B 135 -20.09 -11.71 -2.34
N PRO B 136 -21.31 -11.20 -2.58
CA PRO B 136 -21.95 -10.44 -1.49
C PRO B 136 -22.49 -11.31 -0.37
N PHE B 137 -22.91 -12.54 -0.68
CA PHE B 137 -23.39 -13.48 0.32
C PHE B 137 -22.37 -14.59 0.49
N ASP B 138 -21.70 -14.61 1.64
CA ASP B 138 -20.60 -15.53 1.89
C ASP B 138 -20.98 -16.47 3.02
N VAL B 139 -20.64 -17.75 2.86
CA VAL B 139 -20.89 -18.73 3.91
C VAL B 139 -19.90 -18.54 5.05
N GLN B 140 -18.61 -18.41 4.71
CA GLN B 140 -17.50 -18.16 5.64
C GLN B 140 -17.40 -19.24 6.73
N ASN B 141 -17.54 -20.49 6.32
CA ASN B 141 -17.42 -21.61 7.24
C ASN B 141 -15.97 -21.79 7.65
N CYS B 142 -15.75 -22.18 8.91
CA CYS B 142 -14.39 -22.45 9.36
C CYS B 142 -14.41 -23.44 10.52
N SER B 143 -13.21 -23.88 10.92
CA SER B 143 -13.04 -24.80 12.03
C SER B 143 -11.74 -24.49 12.75
N LEU B 144 -11.81 -24.42 14.08
CA LEU B 144 -10.64 -24.27 14.94
C LEU B 144 -10.38 -25.62 15.61
N THR B 145 -9.15 -25.84 16.05
CA THR B 145 -8.80 -27.09 16.70
C THR B 145 -7.87 -26.85 17.88
N PHE B 146 -8.16 -27.52 18.99
CA PHE B 146 -7.32 -27.57 20.18
C PHE B 146 -6.82 -28.99 20.36
N THR B 147 -5.64 -29.14 20.95
CA THR B 147 -5.07 -30.45 21.16
C THR B 147 -4.07 -30.39 22.31
N SER B 148 -3.82 -31.55 22.89
CA SER B 148 -2.69 -31.75 23.79
C SER B 148 -1.51 -32.14 22.91
N TRP B 149 -0.63 -31.17 22.64
CA TRP B 149 0.46 -31.35 21.69
C TRP B 149 1.47 -32.39 22.14
N LEU B 150 1.82 -32.40 23.42
CA LEU B 150 2.83 -33.29 23.95
C LEU B 150 2.28 -34.45 24.75
N HIS B 151 0.96 -34.59 24.82
CA HIS B 151 0.35 -35.67 25.57
C HIS B 151 -0.57 -36.50 24.68
N THR B 152 -0.77 -37.75 25.08
CA THR B 152 -1.48 -38.73 24.28
C THR B 152 -2.89 -38.96 24.81
N ILE B 153 -3.58 -39.95 24.22
CA ILE B 153 -5.00 -40.13 24.48
C ILE B 153 -5.22 -40.78 25.85
N GLN B 154 -4.21 -41.48 26.37
CA GLN B 154 -4.30 -41.98 27.73
C GLN B 154 -3.58 -41.06 28.71
N ASP B 155 -3.24 -39.85 28.25
CA ASP B 155 -2.57 -38.89 29.12
C ASP B 155 -3.52 -37.81 29.59
N ILE B 156 -4.19 -37.13 28.65
CA ILE B 156 -5.09 -36.03 28.97
C ILE B 156 -6.45 -36.30 28.31
N ASN B 157 -7.52 -36.25 29.11
CA ASN B 157 -8.89 -36.43 28.65
C ASN B 157 -9.51 -35.07 28.39
N ILE B 158 -10.25 -34.95 27.28
CA ILE B 158 -10.88 -33.71 26.88
C ILE B 158 -12.35 -33.76 27.22
N THR B 159 -12.83 -32.75 27.95
CA THR B 159 -14.23 -32.67 28.38
C THR B 159 -14.80 -31.33 27.96
N LEU B 160 -15.98 -31.36 27.32
CA LEU B 160 -16.57 -30.14 26.79
C LEU B 160 -17.43 -29.43 27.84
N TRP B 161 -17.89 -30.18 28.85
CA TRP B 161 -18.51 -29.73 30.10
C TRP B 161 -19.94 -29.19 29.93
N ARG B 162 -20.41 -29.00 28.70
CA ARG B 162 -21.67 -28.30 28.52
C ARG B 162 -22.51 -29.03 27.48
N SER B 163 -23.82 -29.03 27.71
CA SER B 163 -24.73 -29.71 26.81
C SER B 163 -24.79 -28.98 25.46
N PRO B 164 -24.78 -29.71 24.33
CA PRO B 164 -24.56 -29.06 23.04
C PRO B 164 -25.70 -28.18 22.55
N GLU B 165 -26.89 -28.31 23.16
CA GLU B 165 -28.01 -27.46 22.76
C GLU B 165 -27.81 -26.02 23.20
N GLU B 166 -27.23 -25.82 24.39
CA GLU B 166 -26.94 -24.46 24.83
C GLU B 166 -25.58 -24.00 24.32
N VAL B 167 -24.77 -24.91 23.77
CA VAL B 167 -23.62 -24.49 22.98
C VAL B 167 -24.07 -23.98 21.62
N ARG B 168 -25.17 -24.54 21.11
CA ARG B 168 -25.67 -24.23 19.77
C ARG B 168 -26.11 -22.77 19.63
N SER B 169 -26.76 -22.23 20.67
CA SER B 169 -27.22 -20.85 20.66
C SER B 169 -26.59 -20.12 21.82
N ASP B 170 -25.52 -19.36 21.55
CA ASP B 170 -24.87 -18.50 22.55
C ASP B 170 -24.77 -17.10 21.93
N LYS B 171 -25.84 -16.33 22.08
CA LYS B 171 -25.93 -14.99 21.53
C LYS B 171 -26.12 -13.92 22.59
N SER B 172 -25.96 -14.27 23.87
CA SER B 172 -26.15 -13.28 24.93
C SER B 172 -24.98 -12.30 24.99
N ILE B 173 -23.80 -12.74 24.58
CA ILE B 173 -22.60 -11.92 24.62
C ILE B 173 -22.10 -11.75 23.20
N PHE B 174 -22.50 -10.64 22.57
CA PHE B 174 -22.10 -10.32 21.21
C PHE B 174 -22.29 -8.81 21.00
N ILE B 175 -21.38 -8.23 20.23
CA ILE B 175 -21.33 -6.78 20.02
C ILE B 175 -22.30 -6.40 18.91
N ASN B 176 -22.93 -5.25 19.06
CA ASN B 176 -23.92 -4.82 18.09
C ASN B 176 -23.26 -4.13 16.89
N GLN B 177 -24.04 -4.05 15.79
CA GLN B 177 -23.70 -3.41 14.50
C GLN B 177 -22.31 -3.79 13.95
N GLY B 178 -21.84 -5.00 14.25
CA GLY B 178 -20.63 -5.49 13.64
C GLY B 178 -20.88 -5.95 12.21
N GLU B 179 -19.80 -6.05 11.44
CA GLU B 179 -19.94 -6.52 10.05
C GLU B 179 -20.21 -8.02 10.00
N TRP B 180 -19.55 -8.79 10.86
CA TRP B 180 -19.71 -10.24 10.88
C TRP B 180 -20.53 -10.65 12.10
N GLU B 181 -21.49 -11.54 11.87
CA GLU B 181 -22.34 -12.07 12.92
C GLU B 181 -22.28 -13.59 12.90
N LEU B 182 -22.33 -14.21 14.07
CA LEU B 182 -22.27 -15.66 14.19
C LEU B 182 -23.69 -16.20 14.37
N LEU B 183 -23.91 -17.44 13.93
CA LEU B 183 -25.24 -18.03 14.07
C LEU B 183 -25.20 -19.26 14.98
N GLU B 184 -24.34 -20.23 14.69
CA GLU B 184 -24.22 -21.40 15.57
C GLU B 184 -22.79 -21.93 15.51
N VAL B 185 -22.42 -22.67 16.55
CA VAL B 185 -21.16 -23.40 16.61
C VAL B 185 -21.48 -24.86 16.90
N PHE B 186 -20.51 -25.75 16.64
CA PHE B 186 -20.72 -27.18 16.76
C PHE B 186 -19.52 -27.86 17.39
N PRO B 187 -19.61 -28.31 18.65
CA PRO B 187 -18.49 -29.05 19.25
C PRO B 187 -18.56 -30.54 18.95
N GLN B 188 -17.40 -31.15 18.68
CA GLN B 188 -17.33 -32.57 18.39
C GLN B 188 -15.92 -33.06 18.67
N PHE B 189 -15.79 -34.37 18.86
CA PHE B 189 -14.53 -35.01 19.24
C PHE B 189 -14.03 -35.89 18.10
N LYS B 190 -12.73 -35.80 17.82
CA LYS B 190 -12.10 -36.64 16.82
C LYS B 190 -10.78 -37.18 17.38
N GLU B 191 -10.02 -37.82 16.50
CA GLU B 191 -8.71 -38.36 16.82
C GLU B 191 -7.93 -38.50 15.51
N PHE B 192 -6.66 -38.15 15.54
CA PHE B 192 -5.78 -38.30 14.38
C PHE B 192 -4.55 -39.09 14.78
N SER B 193 -4.16 -40.04 13.93
CA SER B 193 -3.02 -40.90 14.17
C SER B 193 -2.10 -40.86 12.96
N ILE B 194 -0.84 -40.47 13.18
CA ILE B 194 0.10 -40.37 12.07
C ILE B 194 0.65 -41.74 11.71
N ASP B 195 1.15 -42.48 12.70
CA ASP B 195 1.69 -43.83 12.53
C ASP B 195 0.99 -44.78 13.49
N ILE B 196 1.45 -46.03 13.49
CA ILE B 196 0.82 -47.04 14.34
C ILE B 196 1.26 -46.85 15.79
N SER B 197 0.38 -47.29 16.71
CA SER B 197 0.56 -47.28 18.16
C SER B 197 0.82 -45.89 18.72
N ASN B 198 0.32 -44.84 18.05
CA ASN B 198 0.48 -43.47 18.52
C ASN B 198 -0.80 -42.71 18.17
N SER B 199 -1.65 -42.51 19.17
CA SER B 199 -2.94 -41.84 19.00
C SER B 199 -3.04 -40.69 20.00
N TYR B 200 -3.25 -39.48 19.48
CA TYR B 200 -3.24 -38.26 20.28
C TYR B 200 -4.64 -37.65 20.30
N ALA B 201 -4.87 -36.78 21.28
CA ALA B 201 -6.19 -36.20 21.48
C ALA B 201 -6.43 -35.03 20.53
N GLU B 202 -7.71 -34.73 20.27
CA GLU B 202 -8.10 -33.63 19.41
C GLU B 202 -9.51 -33.18 19.77
N MET B 203 -9.69 -31.86 19.91
CA MET B 203 -10.99 -31.25 20.05
C MET B 203 -11.14 -30.22 18.94
N LYS B 204 -12.33 -30.13 18.35
CA LYS B 204 -12.55 -29.22 17.25
C LYS B 204 -13.80 -28.38 17.49
N PHE B 205 -13.70 -27.10 17.13
CA PHE B 205 -14.81 -26.16 17.25
C PHE B 205 -15.17 -25.65 15.86
N TYR B 206 -16.35 -26.05 15.39
CA TYR B 206 -16.90 -25.66 14.11
C TYR B 206 -17.52 -24.28 14.25
N VAL B 207 -17.24 -23.37 13.33
CA VAL B 207 -17.76 -22.00 13.42
C VAL B 207 -18.38 -21.57 12.10
N ILE B 208 -19.61 -21.07 12.18
CA ILE B 208 -20.29 -20.38 11.10
C ILE B 208 -20.33 -18.90 11.44
N ILE B 209 -19.62 -18.09 10.66
CA ILE B 209 -19.64 -16.64 10.79
C ILE B 209 -20.27 -16.07 9.51
N ARG B 210 -21.05 -15.02 9.65
CA ARG B 210 -21.85 -14.50 8.55
C ARG B 210 -21.81 -12.97 8.54
N ARG B 211 -21.65 -12.41 7.34
CA ARG B 211 -21.76 -10.98 7.12
C ARG B 211 -22.93 -10.71 6.20
N ARG B 212 -23.61 -9.58 6.41
CA ARG B 212 -24.68 -9.18 5.52
C ARG B 212 -24.16 -8.12 4.56
N PRO B 213 -24.56 -8.14 3.29
CA PRO B 213 -24.11 -7.11 2.34
C PRO B 213 -25.05 -5.91 2.29
N LEU B 214 -25.22 -5.23 3.43
CA LEU B 214 -26.07 -4.05 3.46
C LEU B 214 -25.41 -2.89 2.74
N PHE B 215 -24.08 -2.86 2.74
CA PHE B 215 -23.36 -1.84 1.99
C PHE B 215 -23.12 -2.29 0.55
N TYR B 216 -22.98 -3.60 0.33
CA TYR B 216 -22.60 -4.09 -0.99
C TYR B 216 -23.81 -4.15 -1.92
N ALA B 217 -25.01 -4.28 -1.38
CA ALA B 217 -26.20 -4.39 -2.22
C ALA B 217 -26.50 -3.08 -2.95
N VAL B 218 -26.48 -1.96 -2.21
CA VAL B 218 -26.78 -0.67 -2.82
C VAL B 218 -25.64 -0.24 -3.74
N SER B 219 -24.40 -0.58 -3.36
CA SER B 219 -23.26 -0.13 -4.15
C SER B 219 -22.95 -1.09 -5.31
N LEU B 220 -23.65 -2.23 -5.37
CA LEU B 220 -23.35 -3.18 -6.44
C LEU B 220 -24.54 -3.38 -7.38
N LEU B 221 -25.77 -3.23 -6.87
CA LEU B 221 -26.95 -3.37 -7.74
C LEU B 221 -27.12 -2.16 -8.63
N LEU B 222 -26.70 -0.99 -8.17
CA LEU B 222 -26.80 0.26 -8.93
C LEU B 222 -25.85 0.34 -10.14
N PRO B 223 -24.65 -0.27 -10.14
CA PRO B 223 -23.98 -0.49 -11.44
C PRO B 223 -24.75 -1.36 -12.42
N SER B 224 -25.54 -2.33 -11.94
CA SER B 224 -26.40 -3.07 -12.87
C SER B 224 -27.54 -2.20 -13.35
N ILE B 225 -28.02 -1.26 -12.52
CA ILE B 225 -29.00 -0.28 -12.97
C ILE B 225 -28.39 0.64 -14.04
N PHE B 226 -27.11 1.00 -13.88
CA PHE B 226 -26.41 1.76 -14.90
C PHE B 226 -26.21 0.95 -16.17
N LEU B 227 -26.02 -0.37 -16.03
CA LEU B 227 -25.96 -1.27 -17.19
C LEU B 227 -27.29 -1.29 -17.94
N MET B 228 -28.42 -1.32 -17.21
CA MET B 228 -29.71 -1.23 -17.89
C MET B 228 -29.94 0.14 -18.51
N VAL B 229 -29.42 1.21 -17.90
CA VAL B 229 -29.56 2.55 -18.48
C VAL B 229 -28.76 2.68 -19.77
N VAL B 230 -27.53 2.16 -19.79
CA VAL B 230 -26.76 2.24 -21.03
C VAL B 230 -27.28 1.24 -22.07
N ASP B 231 -27.94 0.17 -21.64
CA ASP B 231 -28.58 -0.75 -22.57
C ASP B 231 -29.80 -0.10 -23.23
N ILE B 232 -30.62 0.62 -22.46
CA ILE B 232 -31.79 1.24 -23.05
C ILE B 232 -31.46 2.54 -23.77
N VAL B 233 -30.29 3.15 -23.52
CA VAL B 233 -29.86 4.26 -24.37
C VAL B 233 -29.14 3.73 -25.60
N GLY B 234 -28.69 2.48 -25.60
CA GLY B 234 -28.25 1.83 -26.82
C GLY B 234 -29.33 1.23 -27.67
N PHE B 235 -30.59 1.64 -27.47
CA PHE B 235 -31.76 1.04 -28.10
C PHE B 235 -32.41 1.94 -29.15
N CYS B 236 -32.62 3.22 -28.84
CA CYS B 236 -33.44 4.09 -29.68
C CYS B 236 -32.67 4.73 -30.82
N LEU B 237 -31.35 4.63 -30.82
CA LEU B 237 -30.57 5.30 -31.86
C LEU B 237 -30.54 4.47 -33.13
N PRO B 238 -30.50 5.10 -34.31
CA PRO B 238 -30.30 4.36 -35.55
C PRO B 238 -28.87 3.83 -35.63
N PRO B 239 -28.69 2.61 -36.14
CA PRO B 239 -27.34 2.02 -36.14
C PRO B 239 -26.42 2.58 -37.20
N ASP B 240 -26.97 3.27 -38.21
CA ASP B 240 -26.17 3.64 -39.37
C ASP B 240 -25.27 4.85 -39.09
N SER B 241 -25.58 5.61 -38.04
CA SER B 241 -24.81 6.81 -37.77
C SER B 241 -23.57 6.48 -36.93
N GLY B 242 -22.56 7.35 -37.02
CA GLY B 242 -21.33 7.12 -36.28
C GLY B 242 -21.34 7.77 -34.90
N GLU B 243 -22.42 8.48 -34.59
CA GLU B 243 -22.50 9.17 -33.31
C GLU B 243 -22.68 8.19 -32.15
N ARG B 244 -23.37 7.07 -32.40
CA ARG B 244 -23.47 6.02 -31.38
C ARG B 244 -22.11 5.36 -31.17
N VAL B 245 -21.30 5.28 -32.23
CA VAL B 245 -19.96 4.69 -32.13
C VAL B 245 -19.06 5.58 -31.28
N SER B 246 -19.07 6.89 -31.59
CA SER B 246 -18.23 7.85 -30.88
C SER B 246 -18.68 8.03 -29.44
N PHE B 247 -19.96 7.76 -29.15
CA PHE B 247 -20.37 7.72 -27.76
C PHE B 247 -19.99 6.41 -27.09
N LYS B 248 -20.10 5.28 -27.79
CA LYS B 248 -20.02 3.98 -27.12
C LYS B 248 -18.57 3.61 -26.83
N ILE B 249 -17.61 4.17 -27.57
CA ILE B 249 -16.21 3.91 -27.21
C ILE B 249 -15.86 4.62 -25.90
N THR B 250 -16.34 5.86 -25.73
CA THR B 250 -16.13 6.59 -24.48
C THR B 250 -16.95 5.96 -23.35
N LEU B 251 -18.11 5.40 -23.69
CA LEU B 251 -18.94 4.71 -22.70
C LEU B 251 -18.28 3.43 -22.22
N LEU B 252 -17.62 2.69 -23.12
CA LEU B 252 -16.89 1.49 -22.73
C LEU B 252 -15.68 1.82 -21.88
N LEU B 253 -14.95 2.90 -22.22
CA LEU B 253 -13.82 3.31 -21.39
C LEU B 253 -14.26 3.80 -20.01
N GLY B 254 -15.36 4.56 -19.95
CA GLY B 254 -15.87 5.01 -18.66
C GLY B 254 -16.44 3.88 -17.83
N TYR B 255 -17.05 2.88 -18.49
CA TYR B 255 -17.55 1.70 -17.80
C TYR B 255 -16.40 0.88 -17.25
N SER B 256 -15.30 0.78 -18.00
CA SER B 256 -14.11 0.06 -17.52
C SER B 256 -13.47 0.79 -16.34
N VAL B 257 -13.45 2.13 -16.38
CA VAL B 257 -12.91 2.90 -15.25
C VAL B 257 -13.78 2.74 -14.01
N PHE B 258 -15.11 2.80 -14.18
CA PHE B 258 -16.00 2.66 -13.02
C PHE B 258 -15.95 1.24 -12.44
N LEU B 259 -15.77 0.24 -13.31
CA LEU B 259 -15.73 -1.13 -12.80
C LEU B 259 -14.37 -1.47 -12.21
N ILE B 260 -13.29 -0.83 -12.69
CA ILE B 260 -12.00 -1.06 -12.03
C ILE B 260 -11.94 -0.31 -10.71
N ILE B 261 -12.71 0.79 -10.58
CA ILE B 261 -12.92 1.41 -9.28
C ILE B 261 -13.58 0.45 -8.30
N VAL B 262 -14.66 -0.22 -8.74
CA VAL B 262 -15.37 -1.17 -7.88
C VAL B 262 -14.47 -2.37 -7.55
N SER B 263 -13.67 -2.83 -8.52
CA SER B 263 -12.97 -4.09 -8.33
C SER B 263 -11.61 -3.91 -7.64
N ASP B 264 -11.04 -2.71 -7.63
CA ASP B 264 -9.84 -2.52 -6.82
C ASP B 264 -10.22 -2.02 -5.42
N THR B 265 -11.43 -1.48 -5.26
CA THR B 265 -11.97 -1.29 -3.92
C THR B 265 -12.25 -2.63 -3.25
N LEU B 266 -12.78 -3.60 -3.99
CA LEU B 266 -13.01 -4.94 -3.46
C LEU B 266 -12.31 -5.98 -4.34
N PRO B 267 -11.03 -6.28 -4.09
CA PRO B 267 -10.36 -7.33 -4.86
C PRO B 267 -10.65 -8.72 -4.29
N ALA B 268 -10.30 -9.74 -5.07
CA ALA B 268 -10.51 -11.12 -4.66
C ALA B 268 -9.19 -11.86 -4.51
N THR B 269 -9.28 -13.15 -4.21
CA THR B 269 -8.09 -13.97 -3.99
C THR B 269 -7.65 -14.65 -5.28
N ALA B 270 -6.54 -15.38 -5.20
CA ALA B 270 -6.02 -16.14 -6.32
C ALA B 270 -6.57 -17.56 -6.34
N ILE B 271 -7.36 -17.92 -5.32
CA ILE B 271 -7.92 -19.26 -5.27
C ILE B 271 -9.33 -19.28 -5.87
N GLY B 272 -10.23 -18.46 -5.33
CA GLY B 272 -11.62 -18.49 -5.76
C GLY B 272 -11.92 -17.54 -6.89
N THR B 273 -13.03 -17.79 -7.60
CA THR B 273 -13.44 -16.96 -8.71
C THR B 273 -14.73 -16.22 -8.37
N PRO B 274 -14.70 -14.89 -8.29
CA PRO B 274 -15.94 -14.14 -8.09
C PRO B 274 -16.73 -14.03 -9.40
N LEU B 275 -17.86 -14.73 -9.44
CA LEU B 275 -18.67 -14.84 -10.65
C LEU B 275 -19.36 -13.55 -11.05
N ILE B 276 -19.47 -12.57 -10.13
CA ILE B 276 -20.02 -11.27 -10.49
C ILE B 276 -19.03 -10.52 -11.37
N GLY B 277 -17.76 -10.52 -10.99
CA GLY B 277 -16.73 -9.95 -11.85
C GLY B 277 -16.52 -10.74 -13.13
N VAL B 278 -16.73 -12.06 -13.08
CA VAL B 278 -16.67 -12.87 -14.29
C VAL B 278 -17.78 -12.49 -15.26
N TYR B 279 -18.99 -12.26 -14.74
CA TYR B 279 -20.08 -11.81 -15.59
C TYR B 279 -19.87 -10.38 -16.07
N PHE B 280 -19.16 -9.56 -15.30
CA PHE B 280 -18.78 -8.22 -15.78
C PHE B 280 -17.80 -8.31 -16.95
N VAL B 281 -16.84 -9.24 -16.87
CA VAL B 281 -15.92 -9.44 -17.99
C VAL B 281 -16.64 -10.06 -19.18
N VAL B 282 -17.67 -10.88 -18.94
CA VAL B 282 -18.50 -11.42 -20.02
C VAL B 282 -19.31 -10.30 -20.68
N CYS B 283 -19.78 -9.33 -19.89
CA CYS B 283 -20.46 -8.17 -20.46
C CYS B 283 -19.51 -7.30 -21.27
N MET B 284 -18.26 -7.17 -20.81
CA MET B 284 -17.26 -6.44 -21.59
C MET B 284 -16.93 -7.18 -22.89
N ALA B 285 -16.90 -8.52 -22.85
CA ALA B 285 -16.67 -9.31 -24.05
C ALA B 285 -17.82 -9.20 -25.03
N LEU B 286 -19.06 -9.22 -24.53
CA LEU B 286 -20.21 -9.07 -25.42
C LEU B 286 -20.30 -7.64 -25.94
N LEU B 287 -19.82 -6.66 -25.17
CA LEU B 287 -19.83 -5.29 -25.66
C LEU B 287 -18.74 -5.06 -26.70
N VAL B 288 -17.59 -5.74 -26.60
CA VAL B 288 -16.61 -5.57 -27.67
C VAL B 288 -16.96 -6.42 -28.90
N ILE B 289 -17.71 -7.51 -28.76
CA ILE B 289 -18.29 -8.16 -29.92
C ILE B 289 -19.36 -7.27 -30.56
N SER B 290 -20.13 -6.56 -29.72
CA SER B 290 -21.08 -5.58 -30.21
C SER B 290 -20.38 -4.41 -30.90
N LEU B 291 -19.18 -4.07 -30.42
CA LEU B 291 -18.40 -3.01 -31.05
C LEU B 291 -17.79 -3.47 -32.36
N ALA B 292 -17.45 -4.76 -32.47
CA ALA B 292 -17.03 -5.33 -33.74
C ALA B 292 -18.18 -5.29 -34.75
N GLU B 293 -19.38 -5.66 -34.29
CA GLU B 293 -20.60 -5.49 -35.10
C GLU B 293 -20.83 -4.03 -35.46
N THR B 294 -20.53 -3.12 -34.53
CA THR B 294 -20.75 -1.69 -34.73
C THR B 294 -19.84 -1.14 -35.83
N ILE B 295 -18.56 -1.50 -35.79
CA ILE B 295 -17.65 -1.07 -36.84
C ILE B 295 -17.91 -1.83 -38.15
N PHE B 296 -18.51 -3.02 -38.08
CA PHE B 296 -19.02 -3.67 -39.28
C PHE B 296 -20.15 -2.85 -39.91
N ILE B 297 -21.01 -2.25 -39.08
CA ILE B 297 -22.05 -1.34 -39.59
C ILE B 297 -21.42 -0.06 -40.13
N VAL B 298 -20.33 0.40 -39.50
CA VAL B 298 -19.61 1.58 -39.98
C VAL B 298 -19.02 1.34 -41.36
N ARG B 299 -18.47 0.14 -41.59
CA ARG B 299 -17.98 -0.19 -42.92
C ARG B 299 -19.14 -0.47 -43.88
N LEU B 300 -20.30 -0.83 -43.33
CA LEU B 300 -21.44 -1.24 -44.14
C LEU B 300 -22.07 -0.08 -44.89
N VAL B 301 -21.83 1.16 -44.44
CA VAL B 301 -22.46 2.32 -45.08
C VAL B 301 -21.53 2.97 -46.09
N HIS B 302 -20.49 2.25 -46.53
CA HIS B 302 -19.60 2.75 -47.56
C HIS B 302 -20.03 2.20 -48.92
N LYS B 303 -19.50 2.82 -49.98
CA LYS B 303 -20.00 2.54 -51.33
C LYS B 303 -19.25 1.39 -51.98
N GLN B 304 -18.05 1.07 -51.51
CA GLN B 304 -17.19 0.09 -52.17
C GLN B 304 -17.03 -1.14 -51.29
N ASP B 305 -17.66 -2.24 -51.71
CA ASP B 305 -17.54 -3.53 -51.03
C ASP B 305 -17.93 -4.63 -52.00
N LEU B 306 -17.35 -5.81 -51.82
CA LEU B 306 -17.67 -6.98 -52.62
C LEU B 306 -18.15 -8.08 -51.68
N GLN B 307 -19.46 -8.11 -51.43
CA GLN B 307 -20.07 -9.10 -50.53
C GLN B 307 -21.11 -9.87 -51.33
N ARG B 308 -21.33 -11.13 -50.94
CA ARG B 308 -22.26 -12.02 -51.64
C ARG B 308 -23.54 -12.21 -50.84
N PRO B 309 -24.66 -11.69 -51.34
CA PRO B 309 -25.95 -11.96 -50.67
C PRO B 309 -26.69 -13.17 -51.21
N VAL B 310 -26.39 -13.58 -52.44
CA VAL B 310 -27.15 -14.64 -53.10
C VAL B 310 -26.79 -16.06 -52.63
N PRO B 311 -25.49 -16.53 -52.64
CA PRO B 311 -25.26 -17.97 -52.41
C PRO B 311 -25.52 -18.46 -50.99
N ASP B 312 -25.03 -17.73 -49.99
CA ASP B 312 -25.06 -18.21 -48.61
C ASP B 312 -25.86 -17.34 -47.65
N TRP B 313 -25.98 -16.03 -47.91
CA TRP B 313 -26.75 -15.17 -47.02
C TRP B 313 -28.24 -15.48 -47.10
N LEU B 314 -28.71 -15.92 -48.28
CA LEU B 314 -30.09 -16.39 -48.39
C LEU B 314 -30.29 -17.68 -47.63
N ARG B 315 -29.26 -18.54 -47.59
CA ARG B 315 -29.35 -19.75 -46.77
C ARG B 315 -29.39 -19.42 -45.29
N HIS B 316 -28.62 -18.41 -44.86
CA HIS B 316 -28.68 -17.95 -43.47
C HIS B 316 -30.05 -17.34 -43.16
N LEU B 317 -30.65 -16.66 -44.13
CA LEU B 317 -31.98 -16.07 -43.91
C LEU B 317 -33.06 -17.15 -43.81
N VAL B 318 -32.96 -18.19 -44.64
CA VAL B 318 -33.90 -19.30 -44.56
C VAL B 318 -33.71 -20.08 -43.26
N LEU B 319 -32.46 -20.24 -42.81
CA LEU B 319 -32.20 -20.90 -41.54
C LEU B 319 -32.72 -20.09 -40.36
N ASP B 320 -32.65 -18.76 -40.45
CA ASP B 320 -33.22 -17.90 -39.42
C ASP B 320 -34.74 -18.00 -39.41
N ARG B 321 -35.37 -18.04 -40.59
CA ARG B 321 -36.82 -18.16 -40.66
C ARG B 321 -37.31 -19.53 -40.16
N ILE B 322 -36.52 -20.56 -40.34
CA ILE B 322 -36.89 -21.89 -39.83
C ILE B 322 -36.65 -22.01 -38.33
N ALA B 323 -35.44 -21.72 -37.86
CA ALA B 323 -35.10 -21.95 -36.45
C ALA B 323 -35.47 -20.76 -35.57
N TRP B 324 -34.96 -19.58 -35.90
CA TRP B 324 -35.15 -18.43 -35.03
C TRP B 324 -36.54 -17.84 -35.18
N ILE B 325 -37.01 -17.67 -36.40
CA ILE B 325 -38.33 -17.10 -36.65
C ILE B 325 -39.35 -18.21 -36.89
N LEU B 390 -23.47 27.92 -87.17
CA LEU B 390 -24.66 27.80 -86.34
C LEU B 390 -24.22 27.51 -84.91
N ALA B 391 -24.91 28.12 -83.95
CA ALA B 391 -24.51 28.05 -82.55
C ALA B 391 -25.56 27.46 -81.63
N VAL B 392 -26.80 27.29 -82.10
CA VAL B 392 -27.87 26.75 -81.28
C VAL B 392 -27.61 25.28 -80.95
N ARG B 393 -26.95 24.55 -81.86
CA ARG B 393 -26.55 23.17 -81.58
C ARG B 393 -25.54 23.12 -80.46
N GLY B 394 -24.59 24.05 -80.44
CA GLY B 394 -23.63 24.12 -79.36
C GLY B 394 -24.27 24.52 -78.03
N LEU B 395 -25.27 25.41 -78.08
CA LEU B 395 -26.02 25.78 -76.89
C LEU B 395 -26.78 24.60 -76.29
N LEU B 396 -27.51 23.85 -77.14
CA LEU B 396 -28.26 22.69 -76.64
C LEU B 396 -27.32 21.59 -76.17
N GLN B 397 -26.17 21.42 -76.85
CA GLN B 397 -25.20 20.42 -76.43
C GLN B 397 -24.58 20.76 -75.08
N GLU B 398 -24.22 22.03 -74.87
CA GLU B 398 -23.59 22.42 -73.61
C GLU B 398 -24.59 22.42 -72.46
N LEU B 399 -25.84 22.81 -72.71
CA LEU B 399 -26.84 22.75 -71.64
C LEU B 399 -27.24 21.32 -71.33
N SER B 400 -27.24 20.43 -72.33
CA SER B 400 -27.46 19.02 -72.04
C SER B 400 -26.28 18.42 -71.29
N SER B 401 -25.07 18.95 -71.51
CA SER B 401 -23.91 18.53 -70.74
C SER B 401 -24.03 18.99 -69.27
N ILE B 402 -24.55 20.20 -69.05
CA ILE B 402 -24.84 20.67 -67.70
C ILE B 402 -25.88 19.78 -67.04
N ARG B 403 -26.90 19.37 -67.80
CA ARG B 403 -27.91 18.43 -67.31
C ARG B 403 -27.29 17.08 -66.97
N HIS B 404 -26.31 16.63 -67.75
CA HIS B 404 -25.66 15.35 -67.49
C HIS B 404 -24.78 15.40 -66.24
N PHE B 405 -24.04 16.49 -66.06
CA PHE B 405 -23.24 16.64 -64.83
C PHE B 405 -24.12 16.78 -63.59
N LEU B 406 -25.26 17.47 -63.72
CA LEU B 406 -26.18 17.58 -62.59
C LEU B 406 -26.85 16.23 -62.30
N GLU B 407 -27.11 15.46 -63.35
CA GLU B 407 -27.65 14.10 -63.18
C GLU B 407 -26.64 13.19 -62.49
N LYS B 408 -25.36 13.35 -62.80
CA LYS B 408 -24.32 12.61 -62.08
C LYS B 408 -24.24 13.05 -60.62
N ARG B 409 -24.43 14.35 -60.37
CA ARG B 409 -24.31 14.90 -59.02
C ARG B 409 -25.40 14.34 -58.09
N ASP B 410 -26.62 14.18 -58.59
CA ASP B 410 -27.62 13.51 -57.75
C ASP B 410 -27.72 12.02 -58.07
N GLU B 411 -26.79 11.50 -58.88
CA GLU B 411 -26.67 10.05 -59.03
C GLU B 411 -25.85 9.44 -57.90
N MET B 412 -25.17 10.29 -57.10
CA MET B 412 -24.41 9.79 -55.94
C MET B 412 -25.28 9.08 -54.90
N ARG B 413 -26.57 9.45 -54.80
CA ARG B 413 -27.34 9.08 -53.61
C ARG B 413 -27.88 7.65 -53.66
N GLU B 414 -27.92 7.03 -54.84
CA GLU B 414 -28.61 5.75 -54.96
C GLU B 414 -27.73 4.57 -54.55
N VAL B 415 -26.45 4.81 -54.30
CA VAL B 415 -25.51 3.70 -54.09
C VAL B 415 -25.60 3.18 -52.65
N ALA B 416 -26.07 4.01 -51.73
CA ALA B 416 -26.02 3.64 -50.30
C ALA B 416 -27.38 3.19 -49.78
N ARG B 417 -28.39 3.14 -50.64
CA ARG B 417 -29.74 2.86 -50.15
C ARG B 417 -29.96 1.36 -49.97
N ASP B 418 -29.17 0.52 -50.65
CA ASP B 418 -29.39 -0.91 -50.60
C ASP B 418 -28.83 -1.53 -49.31
N TRP B 419 -27.87 -0.85 -48.69
CA TRP B 419 -27.14 -1.45 -47.58
C TRP B 419 -27.93 -1.40 -46.28
N LEU B 420 -28.80 -0.39 -46.13
CA LEU B 420 -29.22 0.06 -44.81
C LEU B 420 -30.22 -0.88 -44.14
N ARG B 421 -30.76 -1.85 -44.90
CA ARG B 421 -31.85 -2.67 -44.37
C ARG B 421 -31.33 -3.92 -43.68
N VAL B 422 -30.09 -4.32 -43.95
CA VAL B 422 -29.60 -5.63 -43.49
C VAL B 422 -29.06 -5.54 -42.07
N GLY B 423 -28.23 -4.53 -41.80
CA GLY B 423 -27.50 -4.48 -40.54
C GLY B 423 -28.38 -4.15 -39.35
N TYR B 424 -29.50 -3.47 -39.61
CA TYR B 424 -30.46 -3.20 -38.54
C TYR B 424 -31.07 -4.48 -38.00
N VAL B 425 -31.34 -5.44 -38.90
CA VAL B 425 -31.91 -6.73 -38.49
C VAL B 425 -30.90 -7.52 -37.67
N LEU B 426 -29.63 -7.50 -38.07
CA LEU B 426 -28.61 -8.22 -37.31
C LEU B 426 -28.32 -7.55 -35.97
N ASP B 427 -28.45 -6.21 -35.92
CA ASP B 427 -28.32 -5.48 -34.67
C ASP B 427 -29.45 -5.82 -33.70
N ARG B 428 -30.69 -5.91 -34.22
CA ARG B 428 -31.80 -6.32 -33.37
C ARG B 428 -31.67 -7.77 -32.92
N LEU B 429 -31.08 -8.63 -33.77
CA LEU B 429 -30.82 -10.02 -33.40
C LEU B 429 -29.84 -10.11 -32.22
N LEU B 430 -28.71 -9.40 -32.31
CA LEU B 430 -27.74 -9.48 -31.23
C LEU B 430 -28.24 -8.71 -29.99
N PHE B 431 -29.12 -7.74 -30.19
CA PHE B 431 -29.77 -7.08 -29.05
C PHE B 431 -30.70 -8.04 -28.33
N ARG B 432 -31.42 -8.90 -29.07
CA ARG B 432 -32.23 -9.92 -28.44
C ARG B 432 -31.38 -10.94 -27.69
N ILE B 433 -30.21 -11.28 -28.24
CA ILE B 433 -29.27 -12.17 -27.57
C ILE B 433 -28.79 -11.57 -26.25
N TYR B 434 -28.44 -10.28 -26.27
CA TYR B 434 -28.00 -9.62 -25.04
C TYR B 434 -29.14 -9.45 -24.04
N LEU B 435 -30.37 -9.28 -24.54
CA LEU B 435 -31.52 -9.17 -23.65
C LEU B 435 -31.81 -10.50 -22.95
N LEU B 436 -31.71 -11.61 -23.68
CA LEU B 436 -31.83 -12.93 -23.04
C LEU B 436 -30.68 -13.20 -22.07
N ALA B 437 -29.49 -12.66 -22.35
CA ALA B 437 -28.38 -12.82 -21.42
C ALA B 437 -28.61 -12.06 -20.11
N VAL B 438 -29.10 -10.82 -20.21
CA VAL B 438 -29.40 -10.02 -19.01
C VAL B 438 -30.56 -10.63 -18.24
N LEU B 439 -31.55 -11.19 -18.95
CA LEU B 439 -32.68 -11.83 -18.28
C LEU B 439 -32.27 -13.12 -17.58
N ALA B 440 -31.34 -13.87 -18.18
CA ALA B 440 -30.82 -15.08 -17.53
C ALA B 440 -29.98 -14.72 -16.31
N TYR B 441 -29.23 -13.62 -16.37
CA TYR B 441 -28.48 -13.18 -15.18
C TYR B 441 -29.42 -12.69 -14.08
N SER B 442 -30.56 -12.09 -14.46
CA SER B 442 -31.54 -11.68 -13.47
C SER B 442 -32.17 -12.90 -12.78
N ILE B 443 -32.46 -13.94 -13.57
CA ILE B 443 -32.94 -15.21 -13.00
C ILE B 443 -31.89 -15.80 -12.07
N THR B 444 -30.61 -15.72 -12.45
CA THR B 444 -29.53 -16.24 -11.63
C THR B 444 -29.40 -15.47 -10.31
N LEU B 445 -29.56 -14.15 -10.36
CA LEU B 445 -29.44 -13.33 -9.15
C LEU B 445 -30.62 -13.58 -8.21
N VAL B 446 -31.84 -13.69 -8.76
CA VAL B 446 -33.01 -13.99 -7.92
C VAL B 446 -32.90 -15.39 -7.33
N THR B 447 -32.35 -16.34 -8.11
CA THR B 447 -32.17 -17.71 -7.61
C THR B 447 -31.13 -17.76 -6.50
N LEU B 448 -30.04 -16.99 -6.64
CA LEU B 448 -29.02 -16.95 -5.59
C LEU B 448 -29.55 -16.29 -4.32
N TRP B 449 -30.34 -15.23 -4.46
CA TRP B 449 -30.96 -14.61 -3.29
C TRP B 449 -31.96 -15.55 -2.62
N SER B 450 -32.67 -16.37 -3.41
CA SER B 450 -33.61 -17.33 -2.82
C SER B 450 -32.88 -18.47 -2.11
N ILE B 451 -31.74 -18.91 -2.67
CA ILE B 451 -30.94 -19.95 -2.02
C ILE B 451 -30.35 -19.43 -0.72
N TRP B 452 -29.91 -18.17 -0.70
CA TRP B 452 -29.43 -17.59 0.56
C TRP B 452 -30.56 -17.38 1.55
N HIS B 453 -31.76 -17.05 1.06
CA HIS B 453 -32.92 -16.90 1.95
C HIS B 453 -33.39 -18.24 2.51
N TYR B 454 -33.08 -19.35 1.81
CA TYR B 454 -33.38 -20.66 2.37
C TYR B 454 -32.53 -20.95 3.61
N SER B 455 -31.27 -20.51 3.59
CA SER B 455 -30.30 -20.63 4.69
C SER B 455 -30.08 -22.05 5.19
N THR C 1 28.21 1.06 63.55
CA THR C 1 27.41 1.16 64.76
C THR C 1 25.92 1.29 64.43
N GLN C 2 25.58 2.37 63.72
CA GLN C 2 24.20 2.61 63.32
C GLN C 2 24.03 2.34 61.84
N PRO C 3 23.26 1.33 61.44
CA PRO C 3 23.04 1.06 60.03
C PRO C 3 22.11 2.10 59.39
N ALA C 4 21.94 1.97 58.08
CA ALA C 4 21.10 2.88 57.32
C ALA C 4 19.64 2.46 57.43
N LEU C 5 18.78 3.11 56.67
CA LEU C 5 17.35 2.84 56.69
C LEU C 5 16.97 1.64 55.81
N LEU C 6 17.92 1.07 55.07
CA LEU C 6 17.64 -0.04 54.17
C LEU C 6 17.23 -1.30 54.93
N ARG C 7 17.71 -1.46 56.17
CA ARG C 7 17.27 -2.57 57.01
C ARG C 7 15.80 -2.44 57.36
N LEU C 8 15.29 -1.20 57.40
CA LEU C 8 13.84 -0.97 57.51
C LEU C 8 13.10 -1.62 56.35
N SER C 9 13.66 -1.51 55.14
CA SER C 9 13.05 -2.21 54.00
C SER C 9 13.14 -3.72 54.16
N ASP C 10 14.20 -4.19 54.85
CA ASP C 10 14.25 -5.60 55.23
C ASP C 10 13.12 -5.93 56.21
N HIS C 11 12.83 -5.02 57.14
CA HIS C 11 11.67 -5.16 58.00
C HIS C 11 10.37 -4.99 57.21
N LEU C 12 10.44 -4.34 56.04
CA LEU C 12 9.28 -4.32 55.16
C LEU C 12 9.23 -5.57 54.30
N LEU C 13 10.37 -6.23 54.08
CA LEU C 13 10.44 -7.40 53.21
C LEU C 13 11.04 -8.62 53.90
N ALA C 14 10.62 -8.92 55.12
CA ALA C 14 11.16 -10.10 55.80
C ALA C 14 10.36 -11.35 55.49
N ASN C 15 9.05 -11.33 55.76
CA ASN C 15 8.18 -12.50 55.65
C ASN C 15 6.92 -12.15 54.87
N TYR C 16 7.09 -11.53 53.69
CA TYR C 16 5.95 -10.98 52.96
C TYR C 16 5.06 -12.08 52.37
N LYS C 17 5.67 -13.17 51.88
CA LYS C 17 4.98 -14.29 51.21
C LYS C 17 4.17 -13.80 50.00
N LYS C 18 4.90 -13.39 48.96
CA LYS C 18 4.29 -12.91 47.73
C LYS C 18 3.52 -14.05 47.05
N GLY C 19 2.36 -13.72 46.51
CA GLY C 19 1.52 -14.68 45.83
C GLY C 19 0.19 -14.98 46.48
N VAL C 20 0.00 -14.61 47.74
CA VAL C 20 -1.22 -14.86 48.48
C VAL C 20 -2.07 -13.59 48.40
N ARG C 21 -3.39 -13.76 48.43
CA ARG C 21 -4.29 -12.62 48.44
C ARG C 21 -4.24 -11.91 49.79
N PRO C 22 -3.79 -10.65 49.84
CA PRO C 22 -3.58 -10.01 51.15
C PRO C 22 -4.83 -9.46 51.82
N VAL C 23 -5.35 -10.19 52.81
CA VAL C 23 -6.49 -9.77 53.62
C VAL C 23 -6.28 -10.27 55.05
N ARG C 24 -6.86 -9.55 56.02
CA ARG C 24 -6.98 -10.10 57.37
C ARG C 24 -8.12 -11.09 57.45
N ASP C 25 -9.31 -10.70 56.99
CA ASP C 25 -10.48 -11.55 56.95
C ASP C 25 -10.84 -11.80 55.49
N TRP C 26 -11.22 -13.03 55.16
CA TRP C 26 -11.26 -13.44 53.76
C TRP C 26 -12.54 -12.97 53.07
N ARG C 27 -13.67 -12.94 53.78
CA ARG C 27 -14.92 -12.58 53.12
C ARG C 27 -15.05 -11.07 52.98
N LYS C 28 -14.24 -10.31 53.72
CA LYS C 28 -14.15 -8.87 53.50
C LYS C 28 -13.35 -8.60 52.24
N PRO C 29 -13.93 -7.98 51.21
CA PRO C 29 -13.19 -7.80 49.95
C PRO C 29 -12.17 -6.68 50.04
N THR C 30 -11.06 -6.86 49.36
CA THR C 30 -10.08 -5.80 49.23
C THR C 30 -10.60 -4.74 48.24
N THR C 31 -10.13 -3.51 48.42
CA THR C 31 -10.63 -2.37 47.66
C THR C 31 -9.48 -1.77 46.86
N VAL C 32 -9.60 -1.78 45.54
CA VAL C 32 -8.72 -1.02 44.66
C VAL C 32 -9.44 0.27 44.30
N SER C 33 -8.68 1.33 44.06
CA SER C 33 -9.23 2.64 43.77
C SER C 33 -8.45 3.22 42.59
N ILE C 34 -9.18 3.54 41.53
CA ILE C 34 -8.59 3.76 40.21
C ILE C 34 -9.02 5.11 39.65
N ASP C 35 -8.22 5.61 38.71
CA ASP C 35 -8.47 6.86 38.01
C ASP C 35 -7.69 6.84 36.71
N VAL C 36 -8.19 7.58 35.72
CA VAL C 36 -7.59 7.61 34.40
C VAL C 36 -7.59 9.06 33.91
N ILE C 37 -6.55 9.43 33.15
CA ILE C 37 -6.50 10.72 32.49
C ILE C 37 -5.90 10.49 31.11
N MET C 38 -6.26 11.34 30.13
CA MET C 38 -5.82 11.18 28.75
C MET C 38 -4.90 12.33 28.40
N TYR C 39 -3.61 12.03 28.27
CA TYR C 39 -2.63 13.05 27.89
C TYR C 39 -2.80 13.46 26.43
N ALA C 40 -2.63 12.51 25.51
CA ALA C 40 -2.78 12.79 24.09
C ALA C 40 -3.26 11.52 23.41
N ILE C 41 -4.25 11.69 22.53
CA ILE C 41 -4.84 10.59 21.78
C ILE C 41 -4.16 10.55 20.41
N LEU C 42 -3.81 9.34 19.97
CA LEU C 42 -3.19 9.19 18.66
C LEU C 42 -4.25 9.15 17.56
N ASN C 43 -3.80 8.89 16.34
CA ASN C 43 -4.70 8.92 15.20
C ASN C 43 -5.62 7.71 15.16
N VAL C 44 -6.74 7.87 14.47
CA VAL C 44 -7.71 6.80 14.26
C VAL C 44 -7.68 6.43 12.78
N ASP C 45 -7.22 5.21 12.48
CA ASP C 45 -7.13 4.78 11.10
C ASP C 45 -8.52 4.48 10.53
N GLU C 46 -9.44 4.05 11.39
CA GLU C 46 -10.90 3.87 11.25
C GLU C 46 -11.32 2.91 10.13
N LYS C 47 -10.39 2.27 9.41
CA LYS C 47 -10.77 1.29 8.42
C LYS C 47 -11.06 -0.07 9.06
N ASN C 48 -10.29 -0.41 10.10
CA ASN C 48 -10.42 -1.68 10.79
C ASN C 48 -11.38 -1.63 11.96
N GLN C 49 -12.26 -0.61 12.01
CA GLN C 49 -13.18 -0.34 13.13
C GLN C 49 -12.42 -0.21 14.45
N VAL C 50 -11.29 0.49 14.40
CA VAL C 50 -10.29 0.45 15.47
C VAL C 50 -9.91 1.90 15.80
N LEU C 51 -9.44 2.12 17.04
CA LEU C 51 -8.97 3.42 17.47
C LEU C 51 -7.78 3.25 18.42
N THR C 52 -6.86 4.20 18.38
CA THR C 52 -5.65 4.20 19.20
C THR C 52 -5.72 5.32 20.23
N THR C 53 -5.18 5.07 21.42
CA THR C 53 -5.06 6.10 22.43
C THR C 53 -3.90 5.79 23.36
N TYR C 54 -3.47 6.82 24.10
CA TYR C 54 -2.37 6.75 25.05
C TYR C 54 -2.75 7.51 26.31
N ILE C 55 -2.95 6.78 27.41
CA ILE C 55 -3.50 7.38 28.62
C ILE C 55 -2.56 7.14 29.79
N TRP C 56 -2.79 7.88 30.87
CA TRP C 56 -2.07 7.74 32.13
C TRP C 56 -3.04 7.17 33.16
N TYR C 57 -2.57 6.19 33.93
CA TYR C 57 -3.42 5.36 34.76
C TYR C 57 -2.92 5.40 36.20
N ARG C 58 -3.81 5.71 37.13
CA ARG C 58 -3.49 5.81 38.55
C ARG C 58 -4.32 4.81 39.31
N GLN C 59 -3.70 4.07 40.23
CA GLN C 59 -4.45 3.13 41.07
C GLN C 59 -3.75 3.01 42.42
N TYR C 60 -4.51 2.60 43.42
CA TYR C 60 -3.94 2.24 44.71
C TYR C 60 -4.87 1.26 45.41
N TRP C 61 -4.29 0.30 46.13
CA TRP C 61 -5.09 -0.69 46.84
C TRP C 61 -4.47 -0.99 48.19
N THR C 62 -5.34 -1.28 49.16
CA THR C 62 -4.92 -1.54 50.54
C THR C 62 -4.25 -2.90 50.61
N ASP C 63 -2.99 -2.93 51.04
CA ASP C 63 -2.25 -4.19 51.07
C ASP C 63 -2.41 -4.89 52.42
N GLU C 64 -2.37 -4.12 53.51
CA GLU C 64 -2.65 -4.50 54.90
C GLU C 64 -1.60 -5.45 55.50
N PHE C 65 -0.65 -5.94 54.71
CA PHE C 65 0.46 -6.73 55.24
C PHE C 65 1.58 -5.89 55.82
N LEU C 66 1.57 -4.57 55.62
CA LEU C 66 2.72 -3.73 55.91
C LEU C 66 2.29 -2.61 56.86
N GLN C 67 2.88 -2.58 58.05
CA GLN C 67 2.60 -1.55 59.04
C GLN C 67 3.87 -0.74 59.27
N TRP C 68 3.73 0.59 59.25
CA TRP C 68 4.83 1.49 59.54
C TRP C 68 4.43 2.43 60.65
N THR C 69 5.37 2.75 61.54
CA THR C 69 5.13 3.68 62.63
C THR C 69 5.93 4.95 62.43
N PRO C 70 5.37 6.12 62.73
CA PRO C 70 6.13 7.37 62.55
C PRO C 70 7.28 7.53 63.54
N GLU C 71 7.19 6.90 64.71
CA GLU C 71 8.25 7.02 65.70
C GLU C 71 9.46 6.20 65.28
N ASP C 72 10.64 6.67 65.68
CA ASP C 72 12.01 6.10 65.62
C ASP C 72 12.42 5.50 64.28
N PHE C 73 11.75 5.86 63.18
CA PHE C 73 12.07 5.33 61.86
C PHE C 73 12.52 6.43 60.89
N ASP C 74 12.86 7.60 61.43
CA ASP C 74 13.38 8.77 60.69
C ASP C 74 12.39 9.27 59.65
N ASN C 75 11.09 9.16 59.96
CA ASN C 75 10.00 9.93 59.35
C ASN C 75 9.83 9.63 57.85
N VAL C 76 10.05 8.39 57.46
CA VAL C 76 9.89 7.97 56.07
C VAL C 76 8.42 7.59 55.86
N THR C 77 7.60 8.62 55.58
CA THR C 77 6.17 8.40 55.39
C THR C 77 5.89 7.71 54.06
N LYS C 78 6.62 8.11 53.01
CA LYS C 78 6.46 7.56 51.68
C LYS C 78 7.79 6.98 51.22
N LEU C 79 7.79 5.72 50.79
CA LEU C 79 9.01 5.14 50.23
C LEU C 79 8.69 4.15 49.12
N SER C 80 9.63 4.00 48.20
CA SER C 80 9.43 3.24 46.97
C SER C 80 10.10 1.88 47.09
N ILE C 81 9.35 0.82 46.77
CA ILE C 81 9.86 -0.54 46.74
C ILE C 81 9.47 -1.16 45.40
N PRO C 82 10.21 -2.16 44.89
CA PRO C 82 9.86 -2.71 43.56
C PRO C 82 8.57 -3.51 43.58
N THR C 83 7.85 -3.45 42.45
CA THR C 83 6.56 -4.12 42.32
C THR C 83 6.69 -5.59 41.96
N ASP C 84 7.88 -6.07 41.64
CA ASP C 84 8.06 -7.48 41.31
C ASP C 84 8.05 -8.38 42.54
N SER C 85 8.12 -7.81 43.75
CA SER C 85 8.12 -8.59 44.98
C SER C 85 6.83 -8.48 45.77
N ILE C 86 5.87 -7.69 45.31
CA ILE C 86 4.63 -7.47 46.03
C ILE C 86 3.43 -7.88 45.16
N TRP C 87 2.26 -7.90 45.79
CA TRP C 87 1.05 -8.35 45.12
C TRP C 87 0.50 -7.27 44.18
N VAL C 88 -0.07 -7.71 43.08
CA VAL C 88 -0.73 -6.81 42.13
C VAL C 88 -1.93 -7.52 41.52
N PRO C 89 -3.10 -6.87 41.45
CA PRO C 89 -4.25 -7.50 40.80
C PRO C 89 -4.19 -7.34 39.29
N ASP C 90 -5.22 -7.85 38.63
CA ASP C 90 -5.29 -7.86 37.17
C ASP C 90 -6.45 -6.97 36.70
N ILE C 91 -6.11 -5.76 36.29
CA ILE C 91 -7.06 -4.82 35.70
C ILE C 91 -6.69 -4.65 34.23
N LEU C 92 -7.56 -5.13 33.34
CA LEU C 92 -7.23 -5.23 31.93
C LEU C 92 -8.28 -4.52 31.08
N ILE C 93 -7.81 -3.93 29.98
CA ILE C 93 -8.71 -3.44 28.94
C ILE C 93 -9.22 -4.64 28.14
N ASN C 94 -10.45 -4.53 27.64
CA ASN C 94 -11.04 -5.57 26.81
C ASN C 94 -11.16 -5.07 25.38
N GLU C 95 -11.72 -5.95 24.51
CA GLU C 95 -11.89 -5.82 23.05
C GLU C 95 -10.70 -5.21 22.32
N PHE C 96 -9.49 -5.56 22.74
CA PHE C 96 -8.27 -4.95 22.22
C PHE C 96 -7.68 -5.79 21.09
N VAL C 97 -7.12 -5.11 20.10
CA VAL C 97 -6.51 -5.80 18.96
C VAL C 97 -5.15 -6.37 19.35
N ASP C 98 -4.38 -5.62 20.14
CA ASP C 98 -3.18 -6.11 20.79
C ASP C 98 -2.86 -5.21 21.97
N VAL C 99 -2.07 -5.74 22.90
CA VAL C 99 -1.66 -4.99 24.08
C VAL C 99 -0.64 -3.94 23.65
N GLY C 100 -0.71 -2.76 24.28
CA GLY C 100 0.19 -1.68 23.93
C GLY C 100 1.60 -1.93 24.41
N LYS C 101 2.56 -1.36 23.68
CA LYS C 101 3.97 -1.46 24.03
C LYS C 101 4.27 -0.58 25.24
N SER C 102 4.04 -1.13 26.42
CA SER C 102 4.13 -0.40 27.68
C SER C 102 5.40 -0.80 28.43
N PRO C 103 6.00 0.13 29.18
CA PRO C 103 7.19 -0.23 29.97
C PRO C 103 6.86 -1.03 31.22
N ASN C 104 7.88 -1.32 32.02
CA ASN C 104 7.71 -2.14 33.21
C ASN C 104 7.64 -1.25 34.43
N ILE C 105 8.56 -0.28 34.57
CA ILE C 105 8.78 0.66 35.68
C ILE C 105 8.57 0.05 37.07
N PRO C 106 9.45 -0.88 37.53
CA PRO C 106 9.17 -1.60 38.78
C PRO C 106 9.41 -0.79 40.04
N TYR C 107 8.52 0.17 40.31
CA TYR C 107 8.56 0.94 41.56
C TYR C 107 7.13 1.29 41.97
N VAL C 108 6.79 0.98 43.22
CA VAL C 108 5.50 1.34 43.80
C VAL C 108 5.72 1.92 45.19
N TYR C 109 4.68 2.58 45.70
CA TYR C 109 4.80 3.32 46.95
C TYR C 109 4.27 2.49 48.12
N VAL C 110 4.91 2.65 49.27
CA VAL C 110 4.39 2.13 50.53
C VAL C 110 4.44 3.22 51.59
N HIS C 111 3.46 3.16 52.49
CA HIS C 111 3.19 4.20 53.48
C HIS C 111 2.89 3.62 54.85
N HIS C 112 2.39 4.44 55.76
CA HIS C 112 2.05 4.01 57.11
C HIS C 112 0.71 3.31 57.20
N ARG C 113 -0.25 3.68 56.36
CA ARG C 113 -1.59 3.11 56.43
C ARG C 113 -1.71 1.80 55.66
N GLY C 114 -0.66 1.37 54.97
CA GLY C 114 -0.60 0.03 54.41
C GLY C 114 -0.86 -0.05 52.91
N GLU C 115 -1.56 0.92 52.33
CA GLU C 115 -1.95 0.83 50.93
C GLU C 115 -0.77 1.11 50.02
N VAL C 116 -0.82 0.49 48.83
CA VAL C 116 0.24 0.61 47.83
C VAL C 116 -0.32 1.37 46.62
N GLN C 117 0.47 2.34 46.13
CA GLN C 117 0.14 3.24 45.06
C GLN C 117 0.88 2.81 43.78
N ASN C 118 0.27 3.06 42.63
CA ASN C 118 0.86 2.71 41.35
C ASN C 118 0.44 3.72 40.29
N TYR C 119 1.43 4.24 39.56
CA TYR C 119 1.23 5.10 38.38
C TYR C 119 1.79 4.35 37.19
N LYS C 120 1.07 4.40 36.05
CA LYS C 120 1.61 3.77 34.87
C LYS C 120 1.14 4.47 33.60
N PRO C 121 2.02 4.61 32.61
CA PRO C 121 1.56 5.04 31.28
C PRO C 121 1.18 3.83 30.43
N LEU C 122 0.02 3.84 29.79
CA LEU C 122 -0.33 2.71 28.94
C LEU C 122 -1.11 3.19 27.74
N GLN C 123 -0.81 2.61 26.59
CA GLN C 123 -1.51 2.91 25.35
C GLN C 123 -2.30 1.69 24.94
N LEU C 124 -3.45 1.92 24.31
CA LEU C 124 -4.29 0.83 23.87
C LEU C 124 -4.90 1.16 22.52
N VAL C 125 -4.83 0.17 21.64
CA VAL C 125 -5.44 0.22 20.32
C VAL C 125 -6.50 -0.88 20.28
N THR C 126 -7.76 -0.47 20.16
CA THR C 126 -8.88 -1.35 20.43
C THR C 126 -9.99 -1.16 19.40
N ALA C 127 -10.77 -2.21 19.22
CA ALA C 127 -11.91 -2.18 18.30
C ALA C 127 -13.11 -1.53 18.97
N CYS C 128 -13.73 -0.59 18.25
CA CYS C 128 -14.87 0.14 18.77
C CYS C 128 -15.69 0.66 17.59
N SER C 129 -16.98 0.88 17.84
CA SER C 129 -17.91 1.26 16.78
C SER C 129 -17.89 2.76 16.59
N LEU C 130 -17.89 3.19 15.32
CA LEU C 130 -17.97 4.59 14.94
C LEU C 130 -19.08 4.77 13.92
N ASP C 131 -19.67 5.96 13.89
CA ASP C 131 -20.78 6.27 13.01
C ASP C 131 -20.30 7.12 11.85
N ILE C 132 -20.52 6.64 10.63
CA ILE C 132 -20.14 7.35 9.41
C ILE C 132 -21.40 7.72 8.61
N TYR C 133 -22.51 8.00 9.30
CA TYR C 133 -23.73 8.42 8.62
C TYR C 133 -23.55 9.80 7.98
N ASN C 134 -22.83 10.68 8.66
CA ASN C 134 -22.41 11.96 8.12
C ASN C 134 -20.89 12.06 8.21
N PHE C 135 -20.23 12.21 7.07
CA PHE C 135 -18.78 12.10 6.98
C PHE C 135 -17.97 13.25 7.60
N PRO C 136 -18.21 14.55 7.29
CA PRO C 136 -17.30 15.56 7.87
C PRO C 136 -17.53 15.81 9.34
N PHE C 137 -18.75 15.65 9.84
CA PHE C 137 -19.07 15.81 11.25
C PHE C 137 -19.37 14.45 11.85
N ASP C 138 -18.47 13.97 12.70
CA ASP C 138 -18.56 12.62 13.25
C ASP C 138 -18.76 12.69 14.76
N VAL C 139 -19.65 11.86 15.28
CA VAL C 139 -19.86 11.80 16.72
C VAL C 139 -18.69 11.10 17.40
N GLN C 140 -18.28 9.95 16.86
CA GLN C 140 -17.13 9.14 17.31
C GLN C 140 -17.27 8.73 18.78
N ASN C 141 -18.47 8.32 19.17
CA ASN C 141 -18.71 7.85 20.52
C ASN C 141 -18.04 6.50 20.74
N CYS C 142 -17.53 6.27 21.95
CA CYS C 142 -16.93 4.98 22.27
C CYS C 142 -17.00 4.72 23.76
N SER C 143 -16.61 3.51 24.15
CA SER C 143 -16.59 3.09 25.54
C SER C 143 -15.44 2.12 25.77
N LEU C 144 -14.68 2.35 26.84
CA LEU C 144 -13.63 1.45 27.28
C LEU C 144 -14.13 0.73 28.53
N THR C 145 -13.55 -0.42 28.83
CA THR C 145 -13.95 -1.18 30.00
C THR C 145 -12.73 -1.79 30.70
N PHE C 146 -12.73 -1.68 32.03
CA PHE C 146 -11.76 -2.32 32.89
C PHE C 146 -12.49 -3.34 33.76
N THR C 147 -11.80 -4.41 34.14
CA THR C 147 -12.40 -5.44 34.96
C THR C 147 -11.31 -6.19 35.70
N SER C 148 -11.73 -6.82 36.80
CA SER C 148 -10.93 -7.84 37.46
C SER C 148 -11.23 -9.16 36.79
N TRP C 149 -10.34 -9.60 35.89
CA TRP C 149 -10.57 -10.76 35.06
C TRP C 149 -10.67 -12.05 35.85
N LEU C 150 -9.82 -12.22 36.85
CA LEU C 150 -9.76 -13.45 37.62
C LEU C 150 -10.38 -13.34 39.00
N HIS C 151 -10.97 -12.18 39.33
CA HIS C 151 -11.57 -12.00 40.64
C HIS C 151 -13.03 -11.60 40.50
N THR C 152 -13.80 -11.88 41.56
CA THR C 152 -15.24 -11.73 41.56
C THR C 152 -15.66 -10.48 42.32
N ILE C 153 -16.98 -10.33 42.49
CA ILE C 153 -17.53 -9.09 43.03
C ILE C 153 -17.32 -9.00 44.53
N GLN C 154 -17.13 -10.16 45.19
CA GLN C 154 -16.76 -10.13 46.61
C GLN C 154 -15.27 -10.30 46.78
N ASP C 155 -14.51 -10.15 45.69
CA ASP C 155 -13.05 -10.29 45.77
C ASP C 155 -12.38 -8.92 45.69
N ILE C 156 -12.68 -8.14 44.66
CA ILE C 156 -12.07 -6.83 44.44
C ILE C 156 -13.17 -5.79 44.26
N ASN C 157 -13.10 -4.72 45.04
CA ASN C 157 -14.03 -3.60 44.98
C ASN C 157 -13.44 -2.52 44.10
N ILE C 158 -14.27 -1.92 43.24
CA ILE C 158 -13.84 -0.88 42.31
C ILE C 158 -14.27 0.48 42.85
N THR C 159 -13.33 1.40 42.95
CA THR C 159 -13.56 2.74 43.48
C THR C 159 -13.05 3.77 42.48
N LEU C 160 -13.90 4.75 42.15
CA LEU C 160 -13.55 5.72 41.13
C LEU C 160 -12.79 6.91 41.72
N TRP C 161 -12.94 7.14 43.03
CA TRP C 161 -12.16 8.02 43.91
C TRP C 161 -12.43 9.51 43.68
N ARG C 162 -13.17 9.88 42.64
CA ARG C 162 -13.25 11.29 42.29
C ARG C 162 -14.70 11.63 41.97
N SER C 163 -15.09 12.85 42.35
CA SER C 163 -16.46 13.30 42.12
C SER C 163 -16.71 13.49 40.64
N PRO C 164 -17.87 13.08 40.12
CA PRO C 164 -18.03 12.99 38.65
C PRO C 164 -18.12 14.34 37.95
N GLU C 165 -18.33 15.43 38.69
CA GLU C 165 -18.40 16.75 38.06
C GLU C 165 -17.02 17.21 37.60
N GLU C 166 -15.97 16.89 38.37
CA GLU C 166 -14.63 17.23 37.93
C GLU C 166 -14.03 16.13 37.06
N VAL C 167 -14.70 14.97 36.98
CA VAL C 167 -14.37 14.00 35.94
C VAL C 167 -14.95 14.48 34.61
N ARG C 168 -16.09 15.19 34.67
CA ARG C 168 -16.81 15.61 33.47
C ARG C 168 -16.01 16.59 32.62
N SER C 169 -15.29 17.51 33.26
CA SER C 169 -14.48 18.50 32.56
C SER C 169 -13.03 18.36 33.02
N ASP C 170 -12.21 17.67 32.22
CA ASP C 170 -10.77 17.53 32.46
C ASP C 170 -10.06 17.95 31.16
N LYS C 171 -9.85 19.26 31.02
CA LYS C 171 -9.21 19.82 29.83
C LYS C 171 -7.92 20.56 30.14
N SER C 172 -7.39 20.40 31.35
CA SER C 172 -6.15 21.09 31.72
C SER C 172 -4.94 20.44 31.04
N ILE C 173 -5.03 19.14 30.76
CA ILE C 173 -3.93 18.38 30.17
C ILE C 173 -4.41 17.86 28.83
N PHE C 174 -4.12 18.61 27.76
CA PHE C 174 -4.49 18.22 26.40
C PHE C 174 -3.59 18.98 25.44
N ILE C 175 -3.25 18.31 24.34
CA ILE C 175 -2.29 18.83 23.37
C ILE C 175 -3.02 19.75 22.40
N ASN C 176 -2.36 20.81 21.97
CA ASN C 176 -2.98 21.78 21.08
C ASN C 176 -2.90 21.33 19.63
N GLN C 177 -3.76 21.94 18.79
CA GLN C 177 -3.90 21.76 17.33
C GLN C 177 -3.93 20.28 16.89
N GLY C 178 -4.45 19.40 17.74
CA GLY C 178 -4.67 18.03 17.31
C GLY C 178 -5.91 17.92 16.44
N GLU C 179 -5.99 16.81 15.69
CA GLU C 179 -7.15 16.59 14.85
C GLU C 179 -8.39 16.23 15.68
N TRP C 180 -8.21 15.40 16.70
CA TRP C 180 -9.30 14.95 17.55
C TRP C 180 -9.24 15.65 18.90
N GLU C 181 -10.39 16.14 19.35
CA GLU C 181 -10.53 16.82 20.64
C GLU C 181 -11.62 16.14 21.45
N LEU C 182 -11.42 16.06 22.76
CA LEU C 182 -12.39 15.43 23.64
C LEU C 182 -13.25 16.51 24.30
N LEU C 183 -14.47 16.15 24.67
CA LEU C 183 -15.36 17.13 25.32
C LEU C 183 -15.71 16.70 26.73
N GLU C 184 -16.24 15.49 26.91
CA GLU C 184 -16.54 15.00 28.24
C GLU C 184 -16.41 13.48 28.28
N VAL C 185 -16.21 12.95 29.48
CA VAL C 185 -16.20 11.53 29.75
C VAL C 185 -17.24 11.25 30.84
N PHE C 186 -17.63 9.98 30.98
CA PHE C 186 -18.69 9.60 31.90
C PHE C 186 -18.36 8.29 32.61
N PRO C 187 -18.01 8.34 33.90
CA PRO C 187 -17.76 7.08 34.63
C PRO C 187 -19.04 6.50 35.23
N GLN C 188 -19.18 5.18 35.16
CA GLN C 188 -20.34 4.50 35.70
C GLN C 188 -19.98 3.05 36.00
N PHE C 189 -20.78 2.42 36.85
CA PHE C 189 -20.52 1.07 37.33
C PHE C 189 -21.60 0.13 36.81
N LYS C 190 -21.19 -1.04 36.34
CA LYS C 190 -22.12 -2.07 35.88
C LYS C 190 -21.68 -3.43 36.45
N GLU C 191 -22.33 -4.48 35.97
CA GLU C 191 -22.02 -5.85 36.33
C GLU C 191 -22.56 -6.75 35.22
N PHE C 192 -21.78 -7.76 34.85
CA PHE C 192 -22.20 -8.73 33.86
C PHE C 192 -22.06 -10.13 34.44
N SER C 193 -23.08 -10.97 34.21
CA SER C 193 -23.11 -12.33 34.71
C SER C 193 -23.40 -13.28 33.56
N ILE C 194 -22.50 -14.23 33.33
CA ILE C 194 -22.68 -15.17 32.23
C ILE C 194 -23.66 -16.27 32.62
N ASP C 195 -23.43 -16.92 33.76
CA ASP C 195 -24.30 -17.97 34.27
C ASP C 195 -24.73 -17.63 35.68
N ILE C 196 -25.46 -18.55 36.32
CA ILE C 196 -25.96 -18.30 37.67
C ILE C 196 -24.83 -18.46 38.69
N SER C 197 -24.98 -17.74 39.81
CA SER C 197 -24.07 -17.74 40.97
C SER C 197 -22.65 -17.34 40.62
N ASN C 198 -22.46 -16.55 39.56
CA ASN C 198 -21.14 -16.06 39.17
C ASN C 198 -21.29 -14.64 38.65
N SER C 199 -20.92 -13.68 39.49
CA SER C 199 -21.04 -12.26 39.18
C SER C 199 -19.68 -11.58 39.36
N TYR C 200 -19.19 -10.96 38.31
CA TYR C 200 -17.85 -10.39 38.29
C TYR C 200 -17.93 -8.87 38.18
N ALA C 201 -16.84 -8.19 38.53
CA ALA C 201 -16.84 -6.74 38.57
C ALA C 201 -16.61 -6.14 37.18
N GLU C 202 -17.05 -4.90 37.00
CA GLU C 202 -16.90 -4.18 35.74
C GLU C 202 -16.92 -2.68 36.00
N MET C 203 -15.96 -1.98 35.41
CA MET C 203 -15.94 -0.52 35.37
C MET C 203 -15.89 -0.09 33.92
N LYS C 204 -16.62 0.96 33.56
CA LYS C 204 -16.67 1.41 32.19
C LYS C 204 -16.41 2.91 32.12
N PHE C 205 -15.65 3.31 31.10
CA PHE C 205 -15.35 4.71 30.85
C PHE C 205 -15.90 5.09 29.48
N TYR C 206 -16.90 5.95 29.50
CA TYR C 206 -17.58 6.46 28.30
C TYR C 206 -16.74 7.60 27.76
N VAL C 207 -16.49 7.64 26.45
CA VAL C 207 -15.64 8.66 25.85
C VAL C 207 -16.32 9.26 24.62
N ILE C 208 -16.41 10.59 24.60
CA ILE C 208 -16.78 11.37 23.43
C ILE C 208 -15.52 12.04 22.89
N ILE C 209 -15.10 11.64 21.70
CA ILE C 209 -13.98 12.27 21.01
C ILE C 209 -14.54 12.92 19.75
N ARG C 210 -14.00 14.09 19.38
CA ARG C 210 -14.56 14.91 18.32
C ARG C 210 -13.44 15.49 17.46
N ARG C 211 -13.65 15.44 16.15
CA ARG C 211 -12.77 16.09 15.18
C ARG C 211 -13.57 17.17 14.46
N ARG C 212 -12.89 18.27 14.11
CA ARG C 212 -13.52 19.31 13.31
C ARG C 212 -13.08 19.16 11.87
N PRO C 213 -13.97 19.38 10.90
CA PRO C 213 -13.59 19.29 9.48
C PRO C 213 -13.12 20.63 8.91
N LEU C 214 -12.05 21.17 9.51
CA LEU C 214 -11.51 22.44 9.01
C LEU C 214 -10.81 22.23 7.67
N PHE C 215 -10.26 21.04 7.45
CA PHE C 215 -9.67 20.72 6.16
C PHE C 215 -10.71 20.16 5.20
N TYR C 216 -11.73 19.47 5.73
CA TYR C 216 -12.68 18.78 4.86
C TYR C 216 -13.72 19.75 4.31
N ALA C 217 -13.99 20.85 5.01
CA ALA C 217 -15.01 21.80 4.56
C ALA C 217 -14.58 22.52 3.28
N VAL C 218 -13.36 23.04 3.27
CA VAL C 218 -12.87 23.77 2.09
C VAL C 218 -12.64 22.82 0.93
N SER C 219 -12.18 21.60 1.23
CA SER C 219 -11.85 20.65 0.18
C SER C 219 -13.07 19.86 -0.29
N LEU C 220 -14.21 20.02 0.40
CA LEU C 220 -15.39 19.25 0.01
C LEU C 220 -16.52 20.13 -0.47
N LEU C 221 -16.62 21.37 0.04
CA LEU C 221 -17.68 22.28 -0.41
C LEU C 221 -17.36 22.83 -1.80
N LEU C 222 -16.09 22.98 -2.13
CA LEU C 222 -15.66 23.49 -3.42
C LEU C 222 -15.91 22.54 -4.60
N PRO C 223 -15.87 21.20 -4.44
CA PRO C 223 -16.49 20.36 -5.49
C PRO C 223 -17.98 20.59 -5.69
N SER C 224 -18.73 20.96 -4.64
CA SER C 224 -20.12 21.34 -4.87
C SER C 224 -20.22 22.69 -5.58
N ILE C 225 -19.25 23.58 -5.34
CA ILE C 225 -19.19 24.83 -6.10
C ILE C 225 -18.88 24.53 -7.57
N PHE C 226 -18.02 23.54 -7.83
CA PHE C 226 -17.77 23.10 -9.20
C PHE C 226 -19.00 22.46 -9.82
N LEU C 227 -19.81 21.77 -9.00
CA LEU C 227 -21.08 21.21 -9.47
C LEU C 227 -22.04 22.33 -9.86
N MET C 228 -22.10 23.41 -9.09
CA MET C 228 -22.93 24.55 -9.49
C MET C 228 -22.37 25.25 -10.73
N VAL C 229 -21.05 25.29 -10.90
CA VAL C 229 -20.45 25.90 -12.09
C VAL C 229 -20.78 25.07 -13.34
N VAL C 230 -20.68 23.75 -13.26
CA VAL C 230 -21.01 22.94 -14.42
C VAL C 230 -22.52 22.91 -14.65
N ASP C 231 -23.33 23.11 -13.60
CA ASP C 231 -24.77 23.22 -13.77
C ASP C 231 -25.15 24.51 -14.49
N ILE C 232 -24.51 25.63 -14.12
CA ILE C 232 -24.86 26.89 -14.78
C ILE C 232 -24.20 27.03 -16.14
N VAL C 233 -23.15 26.25 -16.44
CA VAL C 233 -22.66 26.21 -17.82
C VAL C 233 -23.45 25.21 -18.65
N GLY C 234 -24.18 24.30 -18.01
CA GLY C 234 -25.16 23.49 -18.73
C GLY C 234 -26.51 24.15 -18.92
N PHE C 235 -26.60 25.47 -18.80
CA PHE C 235 -27.84 26.21 -18.81
C PHE C 235 -28.04 27.05 -20.07
N CYS C 236 -27.01 27.81 -20.48
CA CYS C 236 -27.18 28.81 -21.53
C CYS C 236 -27.06 28.25 -22.94
N LEU C 237 -26.61 27.01 -23.10
CA LEU C 237 -26.40 26.46 -24.43
C LEU C 237 -27.72 25.96 -25.01
N PRO C 238 -27.89 26.05 -26.32
CA PRO C 238 -29.06 25.43 -26.96
C PRO C 238 -28.92 23.91 -26.96
N PRO C 239 -30.02 23.20 -26.72
CA PRO C 239 -29.91 21.73 -26.59
C PRO C 239 -29.75 21.01 -27.92
N ASP C 240 -30.03 21.68 -29.04
CA ASP C 240 -30.09 20.98 -30.32
C ASP C 240 -28.72 20.69 -30.89
N SER C 241 -27.68 21.40 -30.41
CA SER C 241 -26.36 21.22 -30.96
C SER C 241 -25.63 20.05 -30.28
N GLY C 242 -24.66 19.47 -30.99
CA GLY C 242 -23.92 18.35 -30.44
C GLY C 242 -22.68 18.77 -29.68
N GLU C 243 -22.41 20.08 -29.64
CA GLU C 243 -21.21 20.59 -28.97
C GLU C 243 -21.35 20.47 -27.45
N ARG C 244 -22.58 20.60 -26.93
CA ARG C 244 -22.80 20.37 -25.51
C ARG C 244 -22.63 18.90 -25.17
N VAL C 245 -22.95 18.01 -26.11
CA VAL C 245 -22.80 16.58 -25.91
C VAL C 245 -21.32 16.22 -25.84
N SER C 246 -20.56 16.72 -26.82
CA SER C 246 -19.13 16.42 -26.89
C SER C 246 -18.36 17.07 -25.74
N PHE C 247 -18.90 18.15 -25.17
CA PHE C 247 -18.30 18.66 -23.94
C PHE C 247 -18.73 17.85 -22.72
N LYS C 248 -19.99 17.42 -22.66
CA LYS C 248 -20.51 16.88 -21.41
C LYS C 248 -20.05 15.45 -21.17
N ILE C 249 -19.68 14.73 -22.24
CA ILE C 249 -19.12 13.40 -22.01
C ILE C 249 -17.72 13.51 -21.38
N THR C 250 -16.92 14.47 -21.86
CA THR C 250 -15.61 14.71 -21.26
C THR C 250 -15.75 15.32 -19.88
N LEU C 251 -16.81 16.10 -19.66
CA LEU C 251 -17.07 16.68 -18.35
C LEU C 251 -17.47 15.61 -17.34
N LEU C 252 -18.26 14.62 -17.77
CA LEU C 252 -18.63 13.51 -16.89
C LEU C 252 -17.41 12.64 -16.56
N LEU C 253 -16.55 12.38 -17.55
CA LEU C 253 -15.34 11.62 -17.27
C LEU C 253 -14.38 12.37 -16.34
N GLY C 254 -14.22 13.69 -16.55
CA GLY C 254 -13.37 14.47 -15.66
C GLY C 254 -13.95 14.62 -14.26
N TYR C 255 -15.28 14.69 -14.17
CA TYR C 255 -15.95 14.74 -12.87
C TYR C 255 -15.78 13.41 -12.14
N SER C 256 -15.84 12.29 -12.87
CA SER C 256 -15.62 10.98 -12.25
C SER C 256 -14.18 10.82 -11.80
N VAL C 257 -13.22 11.35 -12.56
CA VAL C 257 -11.82 11.30 -12.16
C VAL C 257 -11.57 12.16 -10.92
N PHE C 258 -12.14 13.37 -10.89
CA PHE C 258 -11.95 14.25 -9.73
C PHE C 258 -12.63 13.69 -8.48
N LEU C 259 -13.77 13.02 -8.65
CA LEU C 259 -14.47 12.48 -7.49
C LEU C 259 -13.84 11.16 -7.03
N ILE C 260 -13.21 10.40 -7.92
CA ILE C 260 -12.51 9.21 -7.46
C ILE C 260 -11.19 9.60 -6.80
N ILE C 261 -10.64 10.76 -7.18
CA ILE C 261 -9.53 11.36 -6.43
C ILE C 261 -9.94 11.67 -4.99
N VAL C 262 -11.09 12.32 -4.83
CA VAL C 262 -11.58 12.66 -3.49
C VAL C 262 -11.92 11.40 -2.69
N SER C 263 -12.47 10.39 -3.35
CA SER C 263 -13.00 9.25 -2.61
C SER C 263 -11.95 8.18 -2.34
N ASP C 264 -10.84 8.15 -3.09
CA ASP C 264 -9.77 7.24 -2.71
C ASP C 264 -8.77 7.92 -1.78
N THR C 265 -8.77 9.26 -1.77
CA THR C 265 -8.10 9.97 -0.70
C THR C 265 -8.80 9.76 0.64
N LEU C 266 -10.13 9.76 0.65
CA LEU C 266 -10.90 9.48 1.86
C LEU C 266 -11.86 8.32 1.62
N PRO C 267 -11.44 7.07 1.79
CA PRO C 267 -12.37 5.94 1.64
C PRO C 267 -13.17 5.70 2.91
N ALA C 268 -14.21 4.89 2.80
CA ALA C 268 -15.07 4.56 3.93
C ALA C 268 -14.99 3.07 4.26
N THR C 269 -15.80 2.67 5.23
CA THR C 269 -15.80 1.28 5.69
C THR C 269 -16.84 0.46 4.94
N ALA C 270 -16.89 -0.83 5.25
CA ALA C 270 -17.87 -1.74 4.67
C ALA C 270 -19.13 -1.82 5.52
N ILE C 271 -19.13 -1.15 6.68
CA ILE C 271 -20.31 -1.17 7.55
C ILE C 271 -21.20 0.02 7.28
N GLY C 272 -20.66 1.23 7.40
CA GLY C 272 -21.47 2.42 7.27
C GLY C 272 -21.54 2.97 5.86
N THR C 273 -22.55 3.80 5.60
CA THR C 273 -22.75 4.40 4.29
C THR C 273 -22.53 5.89 4.34
N PRO C 274 -21.50 6.42 3.67
CA PRO C 274 -21.34 7.87 3.60
C PRO C 274 -22.31 8.49 2.59
N LEU C 275 -23.29 9.22 3.12
CA LEU C 275 -24.37 9.78 2.31
C LEU C 275 -23.92 10.89 1.37
N ILE C 276 -22.75 11.49 1.60
CA ILE C 276 -22.22 12.47 0.67
C ILE C 276 -21.78 11.79 -0.62
N GLY C 277 -21.06 10.68 -0.50
CA GLY C 277 -20.72 9.88 -1.67
C GLY C 277 -21.93 9.23 -2.32
N VAL C 278 -22.95 8.88 -1.52
CA VAL C 278 -24.20 8.36 -2.06
C VAL C 278 -24.90 9.43 -2.90
N TYR C 279 -24.93 10.67 -2.41
CA TYR C 279 -25.51 11.75 -3.20
C TYR C 279 -24.66 12.09 -4.43
N PHE C 280 -23.34 11.87 -4.36
CA PHE C 280 -22.50 12.01 -5.54
C PHE C 280 -22.84 10.97 -6.59
N VAL C 281 -23.08 9.73 -6.17
CA VAL C 281 -23.50 8.69 -7.11
C VAL C 281 -24.91 8.96 -7.63
N VAL C 282 -25.77 9.58 -6.83
CA VAL C 282 -27.10 10.00 -7.28
C VAL C 282 -26.98 11.11 -8.32
N CYS C 283 -26.01 12.03 -8.15
CA CYS C 283 -25.76 13.05 -9.16
C CYS C 283 -25.21 12.45 -10.43
N MET C 284 -24.37 11.43 -10.32
CA MET C 284 -23.88 10.74 -11.52
C MET C 284 -25.02 9.99 -12.23
N ALA C 285 -25.95 9.43 -11.46
CA ALA C 285 -27.11 8.76 -12.03
C ALA C 285 -28.04 9.74 -12.73
N LEU C 286 -28.27 10.91 -12.11
CA LEU C 286 -29.11 11.90 -12.75
C LEU C 286 -28.41 12.51 -13.96
N LEU C 287 -27.07 12.57 -13.94
CA LEU C 287 -26.35 13.08 -15.10
C LEU C 287 -26.33 12.07 -16.24
N VAL C 288 -26.33 10.77 -15.96
CA VAL C 288 -26.42 9.83 -17.07
C VAL C 288 -27.86 9.66 -17.56
N ILE C 289 -28.87 9.91 -16.72
CA ILE C 289 -30.22 10.05 -17.24
C ILE C 289 -30.36 11.32 -18.08
N SER C 290 -29.68 12.40 -17.67
CA SER C 290 -29.61 13.61 -18.48
C SER C 290 -28.88 13.37 -19.79
N LEU C 291 -27.89 12.48 -19.77
CA LEU C 291 -27.16 12.12 -20.99
C LEU C 291 -27.99 11.24 -21.90
N ALA C 292 -28.85 10.39 -21.32
CA ALA C 292 -29.82 9.65 -22.13
C ALA C 292 -30.83 10.59 -22.79
N GLU C 293 -31.31 11.58 -22.03
CA GLU C 293 -32.12 12.67 -22.60
C GLU C 293 -31.35 13.43 -23.67
N THR C 294 -30.04 13.63 -23.46
CA THR C 294 -29.22 14.39 -24.38
C THR C 294 -29.08 13.68 -25.72
N ILE C 295 -28.81 12.37 -25.69
CA ILE C 295 -28.72 11.60 -26.93
C ILE C 295 -30.11 11.39 -27.54
N PHE C 296 -31.18 11.45 -26.72
CA PHE C 296 -32.52 11.53 -27.27
C PHE C 296 -32.73 12.81 -28.08
N ILE C 297 -32.16 13.92 -27.60
CA ILE C 297 -32.21 15.17 -28.37
C ILE C 297 -31.33 15.08 -29.61
N VAL C 298 -30.22 14.34 -29.51
CA VAL C 298 -29.33 14.12 -30.66
C VAL C 298 -30.05 13.33 -31.75
N ARG C 299 -30.83 12.33 -31.36
CA ARG C 299 -31.64 11.59 -32.34
C ARG C 299 -32.84 12.43 -32.79
N LEU C 300 -33.25 13.40 -31.97
CA LEU C 300 -34.46 14.18 -32.23
C LEU C 300 -34.28 15.14 -33.40
N VAL C 301 -33.03 15.48 -33.75
CA VAL C 301 -32.80 16.45 -34.82
C VAL C 301 -32.53 15.76 -36.15
N HIS C 302 -32.88 14.47 -36.26
CA HIS C 302 -32.76 13.78 -37.53
C HIS C 302 -34.09 13.78 -38.27
N LYS C 303 -34.04 13.43 -39.55
CA LYS C 303 -35.19 13.62 -40.43
C LYS C 303 -36.10 12.40 -40.44
N GLN C 304 -35.58 11.23 -40.06
CA GLN C 304 -36.34 9.99 -40.18
C GLN C 304 -36.67 9.43 -38.80
N ASP C 305 -37.95 9.51 -38.45
CA ASP C 305 -38.46 8.96 -37.20
C ASP C 305 -39.96 8.75 -37.33
N LEU C 306 -40.48 7.76 -36.62
CA LEU C 306 -41.91 7.49 -36.56
C LEU C 306 -42.36 7.58 -35.11
N GLN C 307 -42.77 8.77 -34.70
CA GLN C 307 -43.21 9.02 -33.34
C GLN C 307 -44.64 9.56 -33.39
N ARG C 308 -45.42 9.29 -32.34
CA ARG C 308 -46.82 9.68 -32.28
C ARG C 308 -47.02 10.86 -31.33
N PRO C 309 -47.37 12.05 -31.86
CA PRO C 309 -47.68 13.17 -30.96
C PRO C 309 -49.16 13.29 -30.64
N VAL C 310 -50.04 12.72 -31.46
CA VAL C 310 -51.48 12.90 -31.30
C VAL C 310 -52.11 12.05 -30.18
N PRO C 311 -51.94 10.67 -30.12
CA PRO C 311 -52.77 9.91 -29.17
C PRO C 311 -52.42 10.09 -27.70
N ASP C 312 -51.13 10.05 -27.36
CA ASP C 312 -50.72 10.04 -25.95
C ASP C 312 -49.87 11.22 -25.53
N TRP C 313 -49.11 11.84 -26.45
CA TRP C 313 -48.29 12.98 -26.09
C TRP C 313 -49.15 14.19 -25.75
N LEU C 314 -50.31 14.31 -26.40
CA LEU C 314 -51.26 15.35 -26.03
C LEU C 314 -51.85 15.10 -24.65
N ARG C 315 -52.04 13.83 -24.29
CA ARG C 315 -52.49 13.49 -22.94
C ARG C 315 -51.44 13.83 -21.91
N HIS C 316 -50.16 13.59 -22.24
CA HIS C 316 -49.08 13.99 -21.34
C HIS C 316 -48.99 15.51 -21.21
N LEU C 317 -49.28 16.23 -22.30
CA LEU C 317 -49.24 17.69 -22.25
C LEU C 317 -50.40 18.24 -21.40
N VAL C 318 -51.59 17.64 -21.53
CA VAL C 318 -52.72 18.04 -20.70
C VAL C 318 -52.47 17.71 -19.23
N LEU C 319 -51.85 16.55 -18.96
CA LEU C 319 -51.51 16.17 -17.59
C LEU C 319 -50.45 17.11 -17.00
N ASP C 320 -49.52 17.58 -17.83
CA ASP C 320 -48.54 18.56 -17.37
C ASP C 320 -49.21 19.90 -17.07
N ARG C 321 -50.15 20.32 -17.93
CA ARG C 321 -50.86 21.58 -17.69
C ARG C 321 -51.75 21.53 -16.45
N ILE C 322 -52.30 20.36 -16.15
CA ILE C 322 -53.12 20.21 -14.95
C ILE C 322 -52.26 20.11 -13.69
N ALA C 323 -51.31 19.18 -13.64
CA ALA C 323 -50.55 18.93 -12.41
C ALA C 323 -49.34 19.85 -12.29
N TRP C 324 -48.47 19.83 -13.30
CA TRP C 324 -47.21 20.57 -13.19
C TRP C 324 -47.42 22.07 -13.43
N ILE C 325 -48.17 22.43 -14.46
CA ILE C 325 -48.41 23.83 -14.77
C ILE C 325 -49.76 24.27 -14.21
N LEU C 390 -38.33 23.21 -83.32
CA LEU C 390 -38.43 24.33 -82.40
C LEU C 390 -37.66 23.98 -81.12
N ALA C 391 -36.94 24.95 -80.57
CA ALA C 391 -36.04 24.71 -79.45
C ALA C 391 -36.38 25.52 -78.20
N VAL C 392 -37.25 26.53 -78.32
CA VAL C 392 -37.61 27.36 -77.18
C VAL C 392 -38.38 26.56 -76.14
N ARG C 393 -39.16 25.57 -76.58
CA ARG C 393 -39.85 24.68 -75.66
C ARG C 393 -38.86 23.86 -74.84
N GLY C 394 -37.79 23.38 -75.50
CA GLY C 394 -36.74 22.67 -74.79
C GLY C 394 -35.97 23.55 -73.83
N LEU C 395 -35.75 24.81 -74.22
CA LEU C 395 -35.10 25.77 -73.33
C LEU C 395 -35.93 26.04 -72.08
N LEU C 396 -37.22 26.31 -72.24
CA LEU C 396 -38.08 26.56 -71.08
C LEU C 396 -38.26 25.31 -70.22
N GLN C 397 -38.30 24.14 -70.85
CA GLN C 397 -38.41 22.88 -70.10
C GLN C 397 -37.16 22.62 -69.28
N GLU C 398 -35.97 22.83 -69.87
CA GLU C 398 -34.73 22.56 -69.15
C GLU C 398 -34.48 23.59 -68.05
N LEU C 399 -34.84 24.86 -68.28
CA LEU C 399 -34.66 25.85 -67.23
C LEU C 399 -35.69 25.67 -66.11
N SER C 400 -36.90 25.20 -66.45
CA SER C 400 -37.85 24.84 -65.40
C SER C 400 -37.39 23.61 -64.63
N SER C 401 -36.66 22.71 -65.29
CA SER C 401 -36.06 21.57 -64.59
C SER C 401 -34.96 22.03 -63.63
N ILE C 402 -34.16 23.02 -64.05
CA ILE C 402 -33.17 23.62 -63.15
C ILE C 402 -33.86 24.27 -61.95
N ARG C 403 -34.99 24.95 -62.20
CA ARG C 403 -35.79 25.53 -61.12
C ARG C 403 -36.33 24.46 -60.19
N HIS C 404 -36.71 23.29 -60.73
CA HIS C 404 -37.24 22.21 -59.91
C HIS C 404 -36.15 21.58 -59.05
N PHE C 405 -34.96 21.37 -59.61
CA PHE C 405 -33.85 20.84 -58.81
C PHE C 405 -33.39 21.82 -57.74
N LEU C 406 -33.41 23.12 -58.05
CA LEU C 406 -33.06 24.13 -57.06
C LEU C 406 -34.14 24.22 -55.97
N GLU C 407 -35.41 24.02 -56.35
CA GLU C 407 -36.50 23.99 -55.39
C GLU C 407 -36.37 22.77 -54.48
N LYS C 408 -35.92 21.64 -55.01
CA LYS C 408 -35.65 20.48 -54.15
C LYS C 408 -34.47 20.74 -53.22
N ARG C 409 -33.47 21.47 -53.72
CA ARG C 409 -32.26 21.73 -52.92
C ARG C 409 -32.57 22.59 -51.69
N ASP C 410 -33.46 23.59 -51.82
CA ASP C 410 -33.85 24.30 -50.62
C ASP C 410 -35.16 23.75 -50.05
N GLU C 411 -35.64 22.61 -50.56
CA GLU C 411 -36.71 21.89 -49.90
C GLU C 411 -36.19 21.02 -48.75
N MET C 412 -34.86 20.83 -48.67
CA MET C 412 -34.27 20.08 -47.56
C MET C 412 -34.54 20.70 -46.19
N ARG C 413 -34.73 22.01 -46.10
CA ARG C 413 -34.64 22.70 -44.81
C ARG C 413 -35.91 22.59 -43.98
N GLU C 414 -37.04 22.25 -44.60
CA GLU C 414 -38.31 22.34 -43.88
C GLU C 414 -38.59 21.11 -43.03
N VAL C 415 -37.75 20.07 -43.14
CA VAL C 415 -38.08 18.79 -42.50
C VAL C 415 -37.68 18.81 -41.03
N ALA C 416 -36.75 19.68 -40.65
CA ALA C 416 -36.19 19.64 -39.30
C ALA C 416 -36.76 20.74 -38.41
N ARG C 417 -37.68 21.55 -38.94
CA ARG C 417 -38.15 22.71 -38.17
C ARG C 417 -39.22 22.32 -37.17
N ASP C 418 -39.89 21.19 -37.38
CA ASP C 418 -41.00 20.81 -36.50
C ASP C 418 -40.50 20.19 -35.20
N TRP C 419 -39.27 19.66 -35.21
CA TRP C 419 -38.80 18.87 -34.08
C TRP C 419 -38.34 19.76 -32.92
N LEU C 420 -37.86 20.98 -33.23
CA LEU C 420 -36.95 21.68 -32.33
C LEU C 420 -37.66 22.27 -31.12
N ARG C 421 -39.00 22.29 -31.12
CA ARG C 421 -39.73 23.00 -30.07
C ARG C 421 -40.06 22.10 -28.88
N VAL C 422 -40.00 20.77 -29.07
CA VAL C 422 -40.50 19.86 -28.04
C VAL C 422 -39.41 19.56 -27.00
N GLY C 423 -38.21 19.24 -27.47
CA GLY C 423 -37.18 18.73 -26.59
C GLY C 423 -36.60 19.79 -25.67
N TYR C 424 -36.71 21.07 -26.06
CA TYR C 424 -36.29 22.16 -25.21
C TYR C 424 -37.17 22.25 -23.96
N VAL C 425 -38.47 22.00 -24.12
CA VAL C 425 -39.39 22.04 -22.99
C VAL C 425 -39.11 20.89 -22.03
N LEU C 426 -38.81 19.70 -22.57
CA LEU C 426 -38.50 18.55 -21.70
C LEU C 426 -37.15 18.73 -21.02
N ASP C 427 -36.21 19.41 -21.70
CA ASP C 427 -34.92 19.71 -21.09
C ASP C 427 -35.07 20.71 -19.95
N ARG C 428 -35.91 21.73 -20.13
CA ARG C 428 -36.17 22.67 -19.04
C ARG C 428 -36.91 22.01 -17.89
N LEU C 429 -37.78 21.03 -18.20
CA LEU C 429 -38.48 20.27 -17.17
C LEU C 429 -37.50 19.48 -16.30
N LEU C 430 -36.59 18.73 -16.93
CA LEU C 430 -35.64 17.93 -16.15
C LEU C 430 -34.60 18.82 -15.49
N PHE C 431 -34.34 20.01 -16.05
CA PHE C 431 -33.49 20.98 -15.38
C PHE C 431 -34.14 21.53 -14.12
N ARG C 432 -35.46 21.73 -14.14
CA ARG C 432 -36.17 22.13 -12.93
C ARG C 432 -36.15 21.02 -11.90
N ILE C 433 -36.25 19.76 -12.34
CA ILE C 433 -36.15 18.62 -11.43
C ILE C 433 -34.78 18.58 -10.75
N TYR C 434 -33.71 18.78 -11.53
CA TYR C 434 -32.36 18.79 -10.97
C TYR C 434 -32.13 20.00 -10.07
N LEU C 435 -32.78 21.13 -10.38
CA LEU C 435 -32.65 22.32 -9.54
C LEU C 435 -33.33 22.11 -8.19
N LEU C 436 -34.51 21.48 -8.18
CA LEU C 436 -35.16 21.13 -6.91
C LEU C 436 -34.35 20.09 -6.14
N ALA C 437 -33.65 19.19 -6.85
CA ALA C 437 -32.80 18.22 -6.17
C ALA C 437 -31.60 18.90 -5.49
N VAL C 438 -30.96 19.83 -6.18
CA VAL C 438 -29.82 20.55 -5.60
C VAL C 438 -30.29 21.45 -4.44
N LEU C 439 -31.49 22.03 -4.57
CA LEU C 439 -32.02 22.87 -3.50
C LEU C 439 -32.39 22.04 -2.27
N ALA C 440 -32.92 20.83 -2.48
CA ALA C 440 -33.21 19.93 -1.36
C ALA C 440 -31.94 19.46 -0.69
N TYR C 441 -30.88 19.23 -1.46
CA TYR C 441 -29.60 18.85 -0.85
C TYR C 441 -28.98 20.02 -0.08
N SER C 442 -29.22 21.25 -0.55
CA SER C 442 -28.74 22.42 0.19
C SER C 442 -29.49 22.57 1.51
N ILE C 443 -30.81 22.33 1.50
CA ILE C 443 -31.59 22.30 2.73
C ILE C 443 -31.08 21.21 3.68
N THR C 444 -30.74 20.04 3.12
CA THR C 444 -30.22 18.94 3.92
C THR C 444 -28.87 19.28 4.55
N LEU C 445 -28.00 19.96 3.80
CA LEU C 445 -26.69 20.31 4.33
C LEU C 445 -26.79 21.39 5.41
N VAL C 446 -27.67 22.39 5.21
CA VAL C 446 -27.88 23.41 6.23
C VAL C 446 -28.52 22.81 7.47
N THR C 447 -29.43 21.85 7.29
CA THR C 447 -30.07 21.17 8.41
C THR C 447 -29.07 20.32 9.19
N LEU C 448 -28.16 19.64 8.50
CA LEU C 448 -27.14 18.85 9.17
C LEU C 448 -26.15 19.73 9.93
N TRP C 449 -25.78 20.88 9.34
CA TRP C 449 -24.91 21.82 10.06
C TRP C 449 -25.62 22.41 11.28
N SER C 450 -26.93 22.63 11.20
CA SER C 450 -27.67 23.15 12.35
C SER C 450 -27.80 22.10 13.45
N ILE C 451 -28.00 20.84 13.06
CA ILE C 451 -28.06 19.75 14.05
C ILE C 451 -26.71 19.57 14.74
N TRP C 452 -25.61 19.69 13.99
CA TRP C 452 -24.30 19.63 14.63
C TRP C 452 -24.03 20.85 15.50
N HIS C 453 -24.54 22.03 15.09
CA HIS C 453 -24.40 23.22 15.91
C HIS C 453 -25.24 23.16 17.18
N TYR C 454 -26.31 22.37 17.18
CA TYR C 454 -27.08 22.14 18.41
C TYR C 454 -26.25 21.41 19.45
N SER C 455 -25.43 20.44 19.01
CA SER C 455 -24.52 19.64 19.83
C SER C 455 -25.19 18.91 20.99
N THR D 1 47.26 -18.28 47.42
CA THR D 1 47.69 -17.36 48.47
C THR D 1 47.03 -16.01 48.33
N GLN D 2 47.28 -15.34 47.21
CA GLN D 2 46.71 -14.02 46.95
C GLN D 2 45.61 -14.14 45.90
N PRO D 3 44.35 -13.90 46.26
CA PRO D 3 43.27 -13.95 45.26
C PRO D 3 43.32 -12.77 44.31
N ALA D 4 42.42 -12.81 43.33
CA ALA D 4 42.34 -11.76 42.32
C ALA D 4 41.51 -10.59 42.86
N LEU D 5 41.24 -9.63 41.99
CA LEU D 5 40.48 -8.43 42.36
C LEU D 5 38.98 -8.65 42.38
N LEU D 6 38.51 -9.83 41.94
CA LEU D 6 37.09 -10.12 41.87
C LEU D 6 36.43 -10.16 43.24
N ARG D 7 37.20 -10.53 44.28
CA ARG D 7 36.69 -10.47 45.65
C ARG D 7 36.40 -9.04 46.07
N LEU D 8 37.14 -8.07 45.49
CA LEU D 8 36.81 -6.67 45.66
C LEU D 8 35.41 -6.36 45.17
N SER D 9 35.00 -6.97 44.04
CA SER D 9 33.63 -6.81 43.58
C SER D 9 32.66 -7.48 44.54
N ASP D 10 33.10 -8.55 45.22
CA ASP D 10 32.31 -9.12 46.32
C ASP D 10 32.17 -8.10 47.44
N HIS D 11 33.26 -7.38 47.74
CA HIS D 11 33.19 -6.29 48.70
C HIS D 11 32.37 -5.12 48.14
N LEU D 12 32.21 -5.05 46.82
CA LEU D 12 31.28 -4.08 46.24
C LEU D 12 29.86 -4.63 46.24
N LEU D 13 29.70 -5.96 46.27
CA LEU D 13 28.38 -6.58 46.19
C LEU D 13 28.10 -7.54 47.34
N ALA D 14 28.42 -7.14 48.58
CA ALA D 14 28.16 -8.02 49.71
C ALA D 14 26.74 -7.83 50.27
N ASN D 15 26.42 -6.60 50.66
CA ASN D 15 25.16 -6.29 51.34
C ASN D 15 24.49 -5.08 50.69
N TYR D 16 24.33 -5.12 49.36
CA TYR D 16 23.88 -3.95 48.62
C TYR D 16 22.41 -3.64 48.87
N LYS D 17 21.57 -4.68 48.99
CA LYS D 17 20.11 -4.56 49.16
C LYS D 17 19.48 -3.77 48.02
N LYS D 18 19.49 -4.39 46.83
CA LYS D 18 18.89 -3.78 45.65
C LYS D 18 17.38 -3.61 45.83
N GLY D 19 16.87 -2.48 45.37
CA GLY D 19 15.46 -2.16 45.46
C GLY D 19 15.10 -1.00 46.35
N VAL D 20 16.01 -0.55 47.21
CA VAL D 20 15.77 0.55 48.13
C VAL D 20 16.31 1.82 47.48
N ARG D 21 15.70 2.96 47.78
CA ARG D 21 16.19 4.24 47.29
C ARG D 21 17.48 4.62 48.00
N PRO D 22 18.61 4.73 47.27
CA PRO D 22 19.89 4.92 47.96
C PRO D 22 20.18 6.36 48.38
N VAL D 23 20.01 6.65 49.67
CA VAL D 23 20.34 7.95 50.27
C VAL D 23 20.85 7.71 51.68
N ARG D 24 21.70 8.63 52.16
CA ARG D 24 22.02 8.67 53.58
C ARG D 24 20.90 9.33 54.38
N ASP D 25 20.48 10.51 53.95
CA ASP D 25 19.36 11.24 54.56
C ASP D 25 18.23 11.31 53.54
N TRP D 26 16.99 11.13 54.02
CA TRP D 26 15.89 10.86 53.10
C TRP D 26 15.35 12.12 52.45
N ARG D 27 15.33 13.25 53.18
CA ARG D 27 14.75 14.46 52.63
C ARG D 27 15.72 15.15 51.68
N LYS D 28 16.99 14.80 51.75
CA LYS D 28 17.96 15.27 50.76
C LYS D 28 17.76 14.50 49.47
N PRO D 29 17.40 15.16 48.36
CA PRO D 29 17.12 14.43 47.13
C PRO D 29 18.39 13.96 46.43
N THR D 30 18.29 12.79 45.81
CA THR D 30 19.38 12.32 44.98
C THR D 30 19.39 13.09 43.66
N THR D 31 20.57 13.17 43.05
CA THR D 31 20.79 13.99 41.86
C THR D 31 21.22 13.09 40.71
N VAL D 32 20.42 13.06 39.64
CA VAL D 32 20.83 12.45 38.38
C VAL D 32 21.29 13.59 37.48
N SER D 33 22.22 13.29 36.59
CA SER D 33 22.80 14.28 35.69
C SER D 33 22.85 13.68 34.30
N ILE D 34 22.20 14.34 33.35
CA ILE D 34 21.85 13.75 32.06
C ILE D 34 22.37 14.61 30.92
N ASP D 35 22.51 13.98 29.75
CA ASP D 35 22.93 14.63 28.53
C ASP D 35 22.49 13.76 27.35
N VAL D 36 22.27 14.40 26.21
CA VAL D 36 21.78 13.73 25.02
C VAL D 36 22.57 14.24 23.81
N ILE D 37 22.81 13.36 22.84
CA ILE D 37 23.40 13.75 21.57
C ILE D 37 22.68 12.96 20.48
N MET D 38 22.61 13.52 19.26
CA MET D 38 21.89 12.90 18.17
C MET D 38 22.90 12.48 17.10
N TYR D 39 23.09 11.17 16.97
CA TYR D 39 24.01 10.65 15.96
C TYR D 39 23.42 10.80 14.57
N ALA D 40 22.28 10.16 14.31
CA ALA D 40 21.62 10.26 13.02
C ALA D 40 20.12 10.12 13.23
N ILE D 41 19.37 10.99 12.56
CA ILE D 41 17.92 11.01 12.64
C ILE D 41 17.38 10.22 11.44
N LEU D 42 16.39 9.37 11.70
CA LEU D 42 15.78 8.60 10.63
C LEU D 42 14.72 9.43 9.90
N ASN D 43 14.02 8.77 8.98
CA ASN D 43 13.05 9.48 8.15
C ASN D 43 11.79 9.84 8.92
N VAL D 44 11.08 10.85 8.42
CA VAL D 44 9.81 11.28 8.99
C VAL D 44 8.72 10.95 7.98
N ASP D 45 7.84 10.01 8.35
CA ASP D 45 6.78 9.60 7.44
C ASP D 45 5.70 10.68 7.34
N GLU D 46 5.52 11.45 8.42
CA GLU D 46 4.73 12.70 8.61
C GLU D 46 3.24 12.56 8.29
N LYS D 47 2.74 11.39 7.92
CA LYS D 47 1.30 11.24 7.71
C LYS D 47 0.57 11.03 9.03
N ASN D 48 1.19 10.31 9.96
CA ASN D 48 0.61 10.00 11.25
C ASN D 48 0.93 11.03 12.33
N GLN D 49 1.37 12.24 11.92
CA GLN D 49 1.84 13.30 12.81
C GLN D 49 2.97 12.81 13.72
N VAL D 50 3.90 12.06 13.13
CA VAL D 50 4.86 11.25 13.88
C VAL D 50 6.25 11.50 13.30
N LEU D 51 7.27 11.31 14.11
CA LEU D 51 8.66 11.44 13.68
C LEU D 51 9.53 10.39 14.39
N THR D 52 10.56 9.94 13.69
CA THR D 52 11.48 8.92 14.19
C THR D 52 12.85 9.53 14.42
N THR D 53 13.55 9.08 15.46
CA THR D 53 14.92 9.50 15.70
C THR D 53 15.68 8.42 16.46
N TYR D 54 17.00 8.51 16.43
CA TYR D 54 17.91 7.59 17.09
C TYR D 54 19.03 8.38 17.76
N ILE D 55 19.04 8.39 19.10
CA ILE D 55 19.95 9.27 19.83
C ILE D 55 20.79 8.44 20.80
N TRP D 56 21.86 9.07 21.29
CA TRP D 56 22.74 8.49 22.30
C TRP D 56 22.52 9.26 23.60
N TYR D 57 22.42 8.54 24.71
CA TYR D 57 21.95 9.07 25.97
C TYR D 57 22.99 8.78 27.06
N ARG D 58 23.40 9.82 27.78
CA ARG D 58 24.39 9.72 28.83
C ARG D 58 23.76 10.17 30.14
N GLN D 59 23.99 9.42 31.21
CA GLN D 59 23.48 9.81 32.53
C GLN D 59 24.42 9.28 33.59
N TYR D 60 24.39 9.92 34.76
CA TYR D 60 25.08 9.41 35.93
C TYR D 60 24.40 9.94 37.18
N TRP D 61 24.32 9.10 38.22
CA TRP D 61 23.69 9.53 39.46
C TRP D 61 24.47 8.99 40.65
N THR D 62 24.47 9.77 41.73
CA THR D 62 25.23 9.43 42.94
C THR D 62 24.52 8.30 43.66
N ASP D 63 25.24 7.18 43.85
CA ASP D 63 24.62 6.02 44.47
C ASP D 63 24.80 6.03 45.98
N GLU D 64 26.00 6.41 46.45
CA GLU D 64 26.38 6.68 47.85
C GLU D 64 26.43 5.42 48.71
N PHE D 65 26.00 4.26 48.19
CA PHE D 65 26.16 3.00 48.90
C PHE D 65 27.53 2.37 48.75
N LEU D 66 28.38 2.89 47.86
CA LEU D 66 29.60 2.20 47.47
C LEU D 66 30.78 3.14 47.68
N GLN D 67 31.70 2.75 48.57
CA GLN D 67 32.91 3.53 48.83
C GLN D 67 34.12 2.72 48.40
N TRP D 68 35.03 3.36 47.66
CA TRP D 68 36.27 2.75 47.24
C TRP D 68 37.44 3.62 47.68
N THR D 69 38.52 2.98 48.10
CA THR D 69 39.73 3.69 48.51
C THR D 69 40.85 3.44 47.53
N PRO D 70 41.65 4.46 47.21
CA PRO D 70 42.76 4.24 46.25
C PRO D 70 43.87 3.36 46.80
N GLU D 71 44.04 3.33 48.12
CA GLU D 71 45.10 2.52 48.72
C GLU D 71 44.73 1.04 48.66
N ASP D 72 45.76 0.19 48.55
CA ASP D 72 45.83 -1.28 48.64
C ASP D 72 44.80 -2.04 47.81
N PHE D 73 44.19 -1.42 46.80
CA PHE D 73 43.19 -2.07 45.96
C PHE D 73 43.61 -2.14 44.51
N ASP D 74 44.91 -1.93 44.24
CA ASP D 74 45.54 -2.02 42.91
C ASP D 74 44.94 -1.02 41.92
N ASN D 75 44.53 0.15 42.43
CA ASN D 75 44.32 1.37 41.64
C ASN D 75 43.21 1.24 40.61
N VAL D 76 42.16 0.50 40.96
CA VAL D 76 41.01 0.33 40.08
C VAL D 76 40.05 1.51 40.32
N THR D 77 40.31 2.62 39.64
CA THR D 77 39.50 3.81 39.81
C THR D 77 38.14 3.65 39.14
N LYS D 78 38.12 3.03 37.96
CA LYS D 78 36.91 2.81 37.19
C LYS D 78 36.74 1.32 36.94
N LEU D 79 35.57 0.77 37.30
CA LEU D 79 35.31 -0.63 36.99
C LEU D 79 33.84 -0.86 36.69
N SER D 80 33.58 -1.87 35.86
CA SER D 80 32.25 -2.13 35.32
C SER D 80 31.58 -3.28 36.07
N ILE D 81 30.35 -3.04 36.51
CA ILE D 81 29.52 -4.05 37.17
C ILE D 81 28.17 -4.09 36.47
N PRO D 82 27.43 -5.21 36.50
CA PRO D 82 26.15 -5.26 35.77
C PRO D 82 25.08 -4.39 36.41
N THR D 83 24.21 -3.85 35.56
CA THR D 83 23.15 -2.96 36.01
C THR D 83 21.91 -3.69 36.51
N ASP D 84 21.85 -5.01 36.35
CA ASP D 84 20.71 -5.77 36.83
C ASP D 84 20.74 -5.98 38.34
N SER D 85 21.86 -5.69 39.00
CA SER D 85 21.98 -5.85 40.44
C SER D 85 22.01 -4.54 41.21
N ILE D 86 21.96 -3.41 40.53
CA ILE D 86 22.04 -2.11 41.19
C ILE D 86 20.79 -1.29 40.87
N TRP D 87 20.67 -0.15 41.57
CA TRP D 87 19.50 0.70 41.44
C TRP D 87 19.56 1.52 40.15
N VAL D 88 18.39 1.75 39.57
CA VAL D 88 18.26 2.60 38.38
C VAL D 88 16.93 3.35 38.45
N PRO D 89 16.92 4.65 38.20
CA PRO D 89 15.65 5.39 38.17
C PRO D 89 14.94 5.22 36.84
N ASP D 90 13.79 5.88 36.74
CA ASP D 90 12.92 5.79 35.57
C ASP D 90 12.87 7.15 34.85
N ILE D 91 13.65 7.28 33.77
CA ILE D 91 13.64 8.45 32.93
C ILE D 91 13.08 8.02 31.57
N LEU D 92 11.89 8.51 31.23
CA LEU D 92 11.16 8.02 30.08
C LEU D 92 10.80 9.17 29.14
N ILE D 93 10.79 8.85 27.84
CA ILE D 93 10.21 9.75 26.85
C ILE D 93 8.68 9.66 26.93
N ASN D 94 8.01 10.76 26.64
CA ASN D 94 6.56 10.79 26.62
C ASN D 94 6.05 10.94 25.18
N GLU D 95 4.72 11.00 25.04
CA GLU D 95 3.92 11.06 23.80
C GLU D 95 4.41 10.12 22.70
N PHE D 96 4.87 8.92 23.06
CA PHE D 96 5.49 8.00 22.13
C PHE D 96 4.47 7.02 21.58
N VAL D 97 4.61 6.66 20.31
CA VAL D 97 3.71 5.70 19.68
C VAL D 97 4.04 4.28 20.12
N ASP D 98 5.33 3.96 20.23
CA ASP D 98 5.80 2.74 20.87
C ASP D 98 7.25 2.95 21.29
N VAL D 99 7.69 2.12 22.23
CA VAL D 99 9.06 2.18 22.73
C VAL D 99 9.99 1.62 21.65
N GLY D 100 11.17 2.21 21.52
CA GLY D 100 12.11 1.78 20.49
C GLY D 100 12.74 0.45 20.83
N LYS D 101 13.12 -0.27 19.77
CA LYS D 101 13.79 -1.56 19.93
C LYS D 101 15.23 -1.35 20.38
N SER D 102 15.41 -1.22 21.68
CA SER D 102 16.68 -0.88 22.29
C SER D 102 17.31 -2.11 22.95
N PRO D 103 18.64 -2.21 22.97
CA PRO D 103 19.29 -3.35 23.64
C PRO D 103 19.27 -3.22 25.15
N ASN D 104 19.91 -4.19 25.82
CA ASN D 104 19.91 -4.23 27.28
C ASN D 104 21.22 -3.67 27.80
N ILE D 105 22.37 -4.10 27.24
CA ILE D 105 23.76 -3.81 27.60
C ILE D 105 24.01 -3.71 29.11
N PRO D 106 23.94 -4.83 29.86
CA PRO D 106 24.00 -4.73 31.33
C PRO D 106 25.40 -4.47 31.88
N TYR D 107 25.91 -3.25 31.70
CA TYR D 107 27.18 -2.85 32.29
C TYR D 107 27.12 -1.37 32.63
N VAL D 108 27.47 -1.03 33.88
CA VAL D 108 27.56 0.34 34.34
C VAL D 108 28.85 0.53 35.11
N TYR D 109 29.21 1.78 35.32
CA TYR D 109 30.51 2.12 35.91
C TYR D 109 30.36 2.39 37.41
N VAL D 110 31.38 2.00 38.17
CA VAL D 110 31.49 2.41 39.57
C VAL D 110 32.91 2.92 39.82
N HIS D 111 33.00 3.89 40.72
CA HIS D 111 34.20 4.65 41.00
C HIS D 111 34.43 4.85 42.50
N HIS D 112 35.35 5.74 42.85
CA HIS D 112 35.67 6.02 44.25
C HIS D 112 34.69 6.97 44.90
N ARG D 113 34.12 7.91 44.14
CA ARG D 113 33.22 8.90 44.71
C ARG D 113 31.78 8.41 44.82
N GLY D 114 31.48 7.21 44.35
CA GLY D 114 30.22 6.55 44.62
C GLY D 114 29.22 6.59 43.49
N GLU D 115 29.33 7.56 42.57
CA GLU D 115 28.32 7.72 41.52
C GLU D 115 28.46 6.65 40.45
N VAL D 116 27.33 6.32 39.83
CA VAL D 116 27.25 5.29 38.79
C VAL D 116 26.92 5.97 37.46
N GLN D 117 27.65 5.58 36.42
CA GLN D 117 27.58 6.12 35.07
C GLN D 117 26.85 5.14 34.16
N ASN D 118 26.13 5.67 33.16
CA ASN D 118 25.38 4.84 32.23
C ASN D 118 25.37 5.51 30.86
N TYR D 119 25.71 4.74 29.82
CA TYR D 119 25.60 5.13 28.42
C TYR D 119 24.60 4.20 27.77
N LYS D 120 23.72 4.74 26.92
CA LYS D 120 22.80 3.87 26.22
C LYS D 120 22.41 4.43 24.87
N PRO D 121 22.30 3.58 23.84
CA PRO D 121 21.68 4.03 22.59
C PRO D 121 20.18 3.79 22.61
N LEU D 122 19.38 4.78 22.26
CA LEU D 122 17.94 4.56 22.25
C LEU D 122 17.32 5.33 21.09
N GLN D 123 16.35 4.70 20.44
CA GLN D 123 15.61 5.31 19.35
C GLN D 123 14.18 5.51 19.81
N LEU D 124 13.55 6.58 19.33
CA LEU D 124 12.18 6.86 19.71
C LEU D 124 11.42 7.39 18.50
N VAL D 125 10.24 6.84 18.31
CA VAL D 125 9.29 7.28 17.29
C VAL D 125 8.05 7.81 18.02
N THR D 126 7.80 9.10 17.87
CA THR D 126 6.87 9.80 18.73
C THR D 126 6.00 10.77 17.94
N ALA D 127 4.83 11.05 18.50
CA ALA D 127 3.89 11.98 17.89
C ALA D 127 4.28 13.41 18.24
N CYS D 128 4.32 14.28 17.24
CA CYS D 128 4.72 15.67 17.41
C CYS D 128 4.12 16.48 16.28
N SER D 129 3.91 17.77 16.54
CA SER D 129 3.24 18.66 15.60
C SER D 129 4.23 19.22 14.59
N LEU D 130 3.83 19.23 13.32
CA LEU D 130 4.61 19.83 12.25
C LEU D 130 3.73 20.79 11.46
N ASP D 131 4.37 21.80 10.87
CA ASP D 131 3.66 22.85 10.13
C ASP D 131 3.81 22.62 8.64
N ILE D 132 2.69 22.48 7.95
CA ILE D 132 2.68 22.29 6.50
C ILE D 132 2.00 23.49 5.81
N TYR D 133 2.17 24.69 6.38
CA TYR D 133 1.62 25.89 5.76
C TYR D 133 2.33 26.21 4.45
N ASN D 134 3.65 25.98 4.42
CA ASN D 134 4.43 26.05 3.19
C ASN D 134 5.16 24.72 3.00
N PHE D 135 4.86 24.04 1.88
CA PHE D 135 5.30 22.67 1.67
C PHE D 135 6.79 22.46 1.42
N PRO D 136 7.48 23.16 0.49
CA PRO D 136 8.89 22.80 0.26
C PRO D 136 9.83 23.26 1.36
N PHE D 137 9.51 24.37 2.04
CA PHE D 137 10.31 24.88 3.14
C PHE D 137 9.53 24.68 4.43
N ASP D 138 10.01 23.76 5.28
CA ASP D 138 9.30 23.37 6.49
C ASP D 138 10.12 23.74 7.70
N VAL D 139 9.46 24.27 8.72
CA VAL D 139 10.15 24.61 9.97
C VAL D 139 10.47 23.34 10.75
N GLN D 140 9.48 22.45 10.88
CA GLN D 140 9.60 21.14 11.53
C GLN D 140 10.07 21.26 12.98
N ASN D 141 9.51 22.22 13.70
CA ASN D 141 9.85 22.41 15.10
C ASN D 141 9.24 21.29 15.94
N CYS D 142 9.96 20.86 16.98
CA CYS D 142 9.42 19.85 17.88
C CYS D 142 10.05 19.97 19.26
N SER D 143 9.53 19.19 20.19
CA SER D 143 10.02 19.15 21.57
C SER D 143 9.88 17.74 22.12
N LEU D 144 10.94 17.25 22.75
CA LEU D 144 10.95 15.99 23.47
C LEU D 144 10.93 16.30 24.97
N THR D 145 10.48 15.34 25.77
CA THR D 145 10.43 15.54 27.21
C THR D 145 10.84 14.27 27.95
N PHE D 146 11.67 14.45 28.97
CA PHE D 146 12.07 13.40 29.89
C PHE D 146 11.53 13.77 31.28
N THR D 147 11.23 12.75 32.09
CA THR D 147 10.70 12.99 33.41
C THR D 147 11.00 11.79 34.30
N SER D 148 10.99 12.03 35.60
CA SER D 148 10.93 10.97 36.59
C SER D 148 9.47 10.65 36.81
N TRP D 149 8.99 9.55 36.20
CA TRP D 149 7.58 9.22 36.20
C TRP D 149 7.05 8.89 37.58
N LEU D 150 7.81 8.15 38.37
CA LEU D 150 7.37 7.69 39.68
C LEU D 150 7.99 8.46 40.82
N HIS D 151 8.80 9.48 40.54
CA HIS D 151 9.44 10.25 41.60
C HIS D 151 9.09 11.73 41.47
N THR D 152 9.18 12.42 42.60
CA THR D 152 8.73 13.80 42.73
C THR D 152 9.91 14.76 42.72
N ILE D 153 9.60 16.05 42.96
CA ILE D 153 10.60 17.10 42.78
C ILE D 153 11.59 17.11 43.94
N GLN D 154 11.19 16.55 45.09
CA GLN D 154 12.15 16.38 46.18
C GLN D 154 12.71 14.97 46.20
N ASP D 155 12.49 14.22 45.13
CA ASP D 155 13.01 12.85 45.06
C ASP D 155 14.22 12.77 44.14
N ILE D 156 14.08 13.24 42.90
CA ILE D 156 15.16 13.18 41.91
C ILE D 156 15.39 14.57 41.33
N ASN D 157 16.64 15.02 41.37
CA ASN D 157 17.06 16.31 40.84
C ASN D 157 17.59 16.11 39.42
N ILE D 158 17.23 17.01 38.52
CA ILE D 158 17.62 16.92 37.11
C ILE D 158 18.75 17.91 36.86
N THR D 159 19.85 17.42 36.29
CA THR D 159 21.03 18.23 36.01
C THR D 159 21.41 18.07 34.55
N LEU D 160 21.61 19.19 33.86
CA LEU D 160 21.89 19.15 32.43
C LEU D 160 23.38 18.99 32.15
N TRP D 161 24.23 19.37 33.12
CA TRP D 161 25.67 19.09 33.22
C TRP D 161 26.53 19.90 32.25
N ARG D 162 25.93 20.62 31.30
CA ARG D 162 26.73 21.21 30.25
C ARG D 162 26.24 22.63 30.00
N SER D 163 27.19 23.51 29.69
CA SER D 163 26.86 24.91 29.45
C SER D 163 26.07 25.05 28.16
N PRO D 164 25.02 25.89 28.14
CA PRO D 164 24.07 25.84 27.00
C PRO D 164 24.63 26.38 25.69
N GLU D 165 25.76 27.09 25.72
CA GLU D 165 26.34 27.60 24.49
C GLU D 165 26.95 26.47 23.65
N GLU D 166 27.56 25.49 24.31
CA GLU D 166 28.08 24.35 23.58
C GLU D 166 27.02 23.28 23.38
N VAL D 167 25.87 23.41 24.07
CA VAL D 167 24.69 22.61 23.70
C VAL D 167 24.08 23.18 22.42
N ARG D 168 24.18 24.51 22.24
CA ARG D 168 23.54 25.20 21.13
C ARG D 168 24.09 24.76 19.78
N SER D 169 25.40 24.54 19.69
CA SER D 169 26.05 24.12 18.45
C SER D 169 26.75 22.79 18.69
N ASP D 170 26.11 21.68 18.29
CA ASP D 170 26.71 20.34 18.37
C ASP D 170 26.56 19.73 16.97
N LYS D 171 27.52 20.03 16.10
CA LYS D 171 27.50 19.55 14.73
C LYS D 171 28.72 18.69 14.38
N SER D 172 29.49 18.27 15.39
CA SER D 172 30.67 17.46 15.12
C SER D 172 30.29 16.04 14.77
N ILE D 173 29.15 15.55 15.27
CA ILE D 173 28.69 14.20 15.04
C ILE D 173 27.36 14.27 14.31
N PHE D 174 27.42 14.20 12.98
CA PHE D 174 26.23 14.23 12.13
C PHE D 174 26.59 13.61 10.79
N ILE D 175 25.62 12.91 10.21
CA ILE D 175 25.82 12.13 8.99
C ILE D 175 25.65 13.06 7.79
N ASN D 176 26.45 12.82 6.75
CA ASN D 176 26.41 13.68 5.58
C ASN D 176 25.30 13.26 4.63
N GLN D 177 24.94 14.20 3.73
CA GLN D 177 23.93 14.08 2.66
C GLN D 177 22.60 13.48 3.11
N GLY D 178 22.22 13.70 4.38
CA GLY D 178 20.91 13.32 4.81
C GLY D 178 19.85 14.30 4.34
N GLU D 179 18.59 13.85 4.36
CA GLU D 179 17.51 14.74 3.95
C GLU D 179 17.22 15.80 5.01
N TRP D 180 17.27 15.42 6.29
CA TRP D 180 17.00 16.34 7.39
C TRP D 180 18.30 16.71 8.09
N GLU D 181 18.46 18.01 8.36
CA GLU D 181 19.63 18.53 9.05
C GLU D 181 19.17 19.36 10.24
N LEU D 182 19.92 19.29 11.34
CA LEU D 182 19.58 20.01 12.56
C LEU D 182 20.41 21.29 12.61
N LEU D 183 19.88 22.31 13.29
CA LEU D 183 20.62 23.58 13.39
C LEU D 183 20.96 23.89 14.85
N GLU D 184 19.98 23.90 15.74
CA GLU D 184 20.25 24.13 17.16
C GLU D 184 19.21 23.41 18.00
N VAL D 185 19.59 23.15 19.25
CA VAL D 185 18.70 22.61 20.26
C VAL D 185 18.70 23.56 21.46
N PHE D 186 17.70 23.43 22.33
CA PHE D 186 17.54 24.35 23.45
C PHE D 186 17.11 23.61 24.71
N PRO D 187 18.01 23.44 25.69
CA PRO D 187 17.59 22.81 26.96
C PRO D 187 17.01 23.81 27.94
N GLN D 188 15.96 23.40 28.65
CA GLN D 188 15.31 24.25 29.64
C GLN D 188 14.56 23.38 30.64
N PHE D 189 14.28 23.95 31.80
CA PHE D 189 13.65 23.23 32.90
C PHE D 189 12.26 23.78 33.16
N LYS D 190 11.29 22.90 33.36
CA LYS D 190 9.92 23.27 33.69
C LYS D 190 9.43 22.40 34.84
N GLU D 191 8.14 22.53 35.13
CA GLU D 191 7.46 21.74 36.14
C GLU D 191 5.97 21.75 35.81
N PHE D 192 5.33 20.60 35.96
CA PHE D 192 3.89 20.48 35.75
C PHE D 192 3.25 19.87 36.99
N SER D 193 2.12 20.43 37.40
CA SER D 193 1.39 19.98 38.58
C SER D 193 -0.07 19.74 38.19
N ILE D 194 -0.54 18.52 38.41
CA ILE D 194 -1.91 18.19 38.06
C ILE D 194 -2.88 18.68 39.12
N ASP D 195 -2.62 18.34 40.39
CA ASP D 195 -3.44 18.77 41.51
C ASP D 195 -2.55 19.46 42.55
N ILE D 196 -3.15 19.82 43.68
CA ILE D 196 -2.40 20.53 44.71
C ILE D 196 -1.51 19.56 45.48
N SER D 197 -0.41 20.10 46.03
CA SER D 197 0.59 19.41 46.84
C SER D 197 1.25 18.22 46.13
N ASN D 198 1.30 18.25 44.80
CA ASN D 198 1.93 17.20 44.01
C ASN D 198 2.63 17.85 42.82
N SER D 199 3.95 17.98 42.92
CA SER D 199 4.76 18.62 41.89
C SER D 199 5.88 17.67 41.48
N TYR D 200 5.94 17.34 40.19
CA TYR D 200 6.86 16.35 39.67
C TYR D 200 7.87 17.02 38.74
N ALA D 201 9.00 16.34 38.51
CA ALA D 201 10.08 16.92 37.73
C ALA D 201 9.82 16.79 36.23
N GLU D 202 10.46 17.67 35.45
CA GLU D 202 10.33 17.67 34.01
C GLU D 202 11.57 18.31 33.39
N MET D 203 12.12 17.65 32.37
CA MET D 203 13.16 18.21 31.53
C MET D 203 12.68 18.17 30.09
N LYS D 204 12.97 19.22 29.32
CA LYS D 204 12.51 19.28 27.95
C LYS D 204 13.66 19.63 27.03
N PHE D 205 13.67 19.00 25.86
CA PHE D 205 14.67 19.25 24.83
C PHE D 205 13.97 19.75 23.58
N TYR D 206 14.21 21.01 23.26
CA TYR D 206 13.66 21.69 22.10
C TYR D 206 14.51 21.33 20.89
N VAL D 207 13.89 20.96 19.77
CA VAL D 207 14.62 20.52 18.59
C VAL D 207 14.10 21.25 17.35
N ILE D 208 15.03 21.85 16.60
CA ILE D 208 14.80 22.37 15.26
C ILE D 208 15.47 21.43 14.27
N ILE D 209 14.68 20.76 13.45
CA ILE D 209 15.17 19.92 12.37
C ILE D 209 14.73 20.54 11.06
N ARG D 210 15.59 20.48 10.04
CA ARG D 210 15.36 21.19 8.79
C ARG D 210 15.73 20.31 7.60
N ARG D 211 14.88 20.34 6.59
CA ARG D 211 15.16 19.69 5.31
C ARG D 211 15.23 20.75 4.23
N ARG D 212 16.10 20.54 3.24
CA ARG D 212 16.17 21.44 2.10
C ARG D 212 15.41 20.82 0.93
N PRO D 213 14.68 21.61 0.14
CA PRO D 213 13.97 21.07 -1.03
C PRO D 213 14.80 21.11 -2.30
N LEU D 214 15.95 20.42 -2.27
CA LEU D 214 16.80 20.37 -3.45
C LEU D 214 16.17 19.50 -4.54
N PHE D 215 15.39 18.50 -4.13
CA PHE D 215 14.65 17.70 -5.09
C PHE D 215 13.31 18.32 -5.42
N TYR D 216 12.70 19.02 -4.46
CA TYR D 216 11.35 19.53 -4.66
C TYR D 216 11.34 20.80 -5.50
N ALA D 217 12.44 21.55 -5.50
CA ALA D 217 12.48 22.82 -6.24
C ALA D 217 12.45 22.57 -7.74
N VAL D 218 13.30 21.66 -8.23
CA VAL D 218 13.36 21.37 -9.67
C VAL D 218 12.09 20.65 -10.12
N SER D 219 11.56 19.79 -9.26
CA SER D 219 10.40 18.99 -9.65
C SER D 219 9.08 19.74 -9.41
N LEU D 220 9.14 20.91 -8.78
CA LEU D 220 7.90 21.64 -8.50
C LEU D 220 7.84 22.98 -9.22
N LEU D 221 8.99 23.62 -9.48
CA LEU D 221 9.00 24.88 -10.20
C LEU D 221 8.75 24.67 -11.69
N LEU D 222 9.16 23.53 -12.22
CA LEU D 222 8.98 23.19 -13.63
C LEU D 222 7.51 22.92 -14.03
N PRO D 223 6.64 22.36 -13.16
CA PRO D 223 5.20 22.48 -13.46
C PRO D 223 4.69 23.91 -13.54
N SER D 224 5.25 24.86 -12.78
CA SER D 224 4.86 26.25 -12.98
C SER D 224 5.41 26.80 -14.30
N ILE D 225 6.57 26.31 -14.74
CA ILE D 225 7.07 26.65 -16.07
C ILE D 225 6.15 26.09 -17.14
N PHE D 226 5.61 24.89 -16.93
CA PHE D 226 4.62 24.33 -17.85
C PHE D 226 3.32 25.12 -17.82
N LEU D 227 2.96 25.67 -16.65
CA LEU D 227 1.81 26.56 -16.54
C LEU D 227 2.02 27.84 -17.35
N MET D 228 3.23 28.41 -17.30
CA MET D 228 3.51 29.56 -18.15
C MET D 228 3.54 29.21 -19.64
N VAL D 229 3.99 27.99 -19.98
CA VAL D 229 4.00 27.56 -21.38
C VAL D 229 2.57 27.40 -21.90
N VAL D 230 1.68 26.78 -21.11
CA VAL D 230 0.30 26.64 -21.58
C VAL D 230 -0.44 27.98 -21.52
N ASP D 231 -0.01 28.91 -20.66
CA ASP D 231 -0.59 30.25 -20.65
C ASP D 231 -0.19 31.03 -21.90
N ILE D 232 1.08 30.93 -22.32
CA ILE D 232 1.49 31.67 -23.50
C ILE D 232 1.08 30.98 -24.79
N VAL D 233 0.76 29.68 -24.76
CA VAL D 233 0.15 29.06 -25.93
C VAL D 233 -1.36 29.29 -25.95
N GLY D 234 -1.95 29.67 -24.82
CA GLY D 234 -3.32 30.16 -24.81
C GLY D 234 -3.48 31.63 -25.14
N PHE D 235 -2.46 32.24 -25.76
CA PHE D 235 -2.42 33.67 -26.01
C PHE D 235 -2.59 34.04 -27.48
N CYS D 236 -1.87 33.37 -28.38
CA CYS D 236 -1.80 33.81 -29.78
C CYS D 236 -2.95 33.32 -30.63
N LEU D 237 -3.77 32.40 -30.13
CA LEU D 237 -4.84 31.84 -30.95
C LEU D 237 -6.04 32.78 -30.96
N PRO D 238 -6.79 32.82 -32.06
CA PRO D 238 -8.04 33.56 -32.07
C PRO D 238 -9.10 32.85 -31.24
N PRO D 239 -9.91 33.59 -30.49
CA PRO D 239 -10.87 32.93 -29.59
C PRO D 239 -12.09 32.34 -30.31
N ASP D 240 -12.33 32.74 -31.55
CA ASP D 240 -13.59 32.38 -32.20
C ASP D 240 -13.59 30.94 -32.70
N SER D 241 -12.41 30.33 -32.85
CA SER D 241 -12.34 28.99 -33.39
C SER D 241 -12.53 27.95 -32.29
N GLY D 242 -12.96 26.75 -32.70
CA GLY D 242 -13.19 25.70 -31.71
C GLY D 242 -11.97 24.82 -31.50
N GLU D 243 -10.90 25.09 -32.25
CA GLU D 243 -9.69 24.28 -32.14
C GLU D 243 -8.98 24.53 -30.82
N ARG D 244 -9.05 25.75 -30.28
CA ARG D 244 -8.51 26.03 -28.96
C ARG D 244 -9.32 25.32 -27.89
N VAL D 245 -10.63 25.16 -28.13
CA VAL D 245 -11.50 24.47 -27.18
C VAL D 245 -11.16 22.99 -27.14
N SER D 246 -11.04 22.38 -28.33
CA SER D 246 -10.75 20.96 -28.43
C SER D 246 -9.34 20.65 -27.95
N PHE D 247 -8.43 21.63 -28.00
CA PHE D 247 -7.14 21.42 -27.37
C PHE D 247 -7.20 21.62 -25.86
N LYS D 248 -7.97 22.60 -25.39
CA LYS D 248 -7.85 23.01 -23.99
C LYS D 248 -8.60 22.05 -23.08
N ILE D 249 -9.58 21.30 -23.59
CA ILE D 249 -10.20 20.28 -22.76
C ILE D 249 -9.23 19.12 -22.50
N THR D 250 -8.49 18.72 -23.54
CA THR D 250 -7.46 17.69 -23.37
C THR D 250 -6.30 18.21 -22.55
N LEU D 251 -6.01 19.51 -22.66
CA LEU D 251 -4.96 20.13 -21.87
C LEU D 251 -5.33 20.17 -20.39
N LEU D 252 -6.59 20.46 -20.08
CA LEU D 252 -7.05 20.44 -18.69
C LEU D 252 -7.04 19.03 -18.11
N LEU D 253 -7.44 18.04 -18.90
CA LEU D 253 -7.38 16.65 -18.42
C LEU D 253 -5.93 16.19 -18.22
N GLY D 254 -5.03 16.55 -19.13
CA GLY D 254 -3.63 16.18 -18.97
C GLY D 254 -2.96 16.92 -17.83
N TYR D 255 -3.36 18.17 -17.60
CA TYR D 255 -2.87 18.94 -16.46
C TYR D 255 -3.35 18.34 -15.16
N SER D 256 -4.60 17.87 -15.12
CA SER D 256 -5.12 17.22 -13.92
C SER D 256 -4.43 15.89 -13.66
N VAL D 257 -4.11 15.14 -14.72
CA VAL D 257 -3.37 13.89 -14.56
C VAL D 257 -1.95 14.15 -14.05
N PHE D 258 -1.27 15.15 -14.61
CA PHE D 258 0.10 15.45 -14.19
C PHE D 258 0.13 15.98 -12.76
N LEU D 259 -0.90 16.74 -12.36
CA LEU D 259 -0.91 17.28 -11.01
C LEU D 259 -1.36 16.25 -9.99
N ILE D 260 -2.19 15.27 -10.39
CA ILE D 260 -2.52 14.21 -9.45
C ILE D 260 -1.35 13.24 -9.32
N ILE D 261 -0.50 13.15 -10.36
CA ILE D 261 0.78 12.46 -10.23
C ILE D 261 1.66 13.11 -9.17
N VAL D 262 1.78 14.45 -9.22
CA VAL D 262 2.61 15.17 -8.25
C VAL D 262 2.00 15.06 -6.85
N SER D 263 0.67 15.10 -6.74
CA SER D 263 0.05 15.21 -5.43
C SER D 263 -0.18 13.86 -4.76
N ASP D 264 -0.19 12.76 -5.52
CA ASP D 264 -0.23 11.46 -4.85
C ASP D 264 1.18 10.92 -4.63
N THR D 265 2.17 11.46 -5.35
CA THR D 265 3.55 11.25 -4.97
C THR D 265 3.88 11.94 -3.65
N LEU D 266 3.37 13.16 -3.46
CA LEU D 266 3.54 13.87 -2.19
C LEU D 266 2.19 14.28 -1.62
N PRO D 267 1.54 13.41 -0.84
CA PRO D 267 0.28 13.80 -0.21
C PRO D 267 0.51 14.57 1.09
N ALA D 268 -0.56 15.19 1.60
CA ALA D 268 -0.50 15.96 2.83
C ALA D 268 -1.37 15.34 3.91
N THR D 269 -1.42 16.02 5.05
CA THR D 269 -2.19 15.52 6.19
C THR D 269 -3.60 16.06 6.18
N ALA D 270 -4.40 15.62 7.17
CA ALA D 270 -5.76 16.09 7.33
C ALA D 270 -5.82 17.30 8.26
N ILE D 271 -4.68 17.68 8.83
CA ILE D 271 -4.67 18.85 9.72
C ILE D 271 -4.29 20.11 8.96
N GLY D 272 -3.14 20.11 8.31
CA GLY D 272 -2.64 21.31 7.67
C GLY D 272 -3.07 21.43 6.22
N THR D 273 -3.01 22.65 5.68
CA THR D 273 -3.38 22.92 4.31
C THR D 273 -2.16 23.32 3.49
N PRO D 274 -1.76 22.53 2.50
CA PRO D 274 -0.68 22.95 1.61
C PRO D 274 -1.17 23.96 0.58
N LEU D 275 -0.72 25.20 0.75
CA LEU D 275 -1.18 26.32 -0.07
C LEU D 275 -0.74 26.25 -1.52
N ILE D 276 0.28 25.45 -1.84
CA ILE D 276 0.69 25.25 -3.22
C ILE D 276 -0.37 24.44 -3.97
N GLY D 277 -0.84 23.36 -3.35
CA GLY D 277 -1.94 22.61 -3.91
C GLY D 277 -3.26 23.38 -3.91
N VAL D 278 -3.44 24.25 -2.91
CA VAL D 278 -4.62 25.12 -2.89
C VAL D 278 -4.59 26.09 -4.06
N TYR D 279 -3.41 26.66 -4.35
CA TYR D 279 -3.29 27.53 -5.52
C TYR D 279 -3.41 26.76 -6.83
N PHE D 280 -3.02 25.48 -6.84
CA PHE D 280 -3.25 24.64 -8.01
C PHE D 280 -4.74 24.42 -8.25
N VAL D 281 -5.50 24.19 -7.17
CA VAL D 281 -6.95 24.05 -7.31
C VAL D 281 -7.60 25.39 -7.69
N VAL D 282 -7.01 26.51 -7.24
CA VAL D 282 -7.48 27.83 -7.66
C VAL D 282 -7.21 28.05 -9.15
N CYS D 283 -6.07 27.56 -9.65
CA CYS D 283 -5.78 27.62 -11.08
C CYS D 283 -6.74 26.74 -11.88
N MET D 284 -7.10 25.58 -11.34
CA MET D 284 -8.09 24.73 -12.00
C MET D 284 -9.46 25.38 -12.00
N ALA D 285 -9.80 26.10 -10.93
CA ALA D 285 -11.07 26.83 -10.86
C ALA D 285 -11.10 27.99 -11.84
N LEU D 286 -9.99 28.73 -11.95
CA LEU D 286 -9.94 29.82 -12.91
C LEU D 286 -9.90 29.29 -14.33
N LEU D 287 -9.34 28.10 -14.55
CA LEU D 287 -9.34 27.51 -15.88
C LEU D 287 -10.71 26.98 -16.25
N VAL D 288 -11.50 26.48 -15.30
CA VAL D 288 -12.86 26.06 -15.68
C VAL D 288 -13.81 27.25 -15.79
N ILE D 289 -13.55 28.37 -15.09
CA ILE D 289 -14.26 29.60 -15.39
C ILE D 289 -13.86 30.14 -16.77
N SER D 290 -12.58 29.99 -17.13
CA SER D 290 -12.12 30.32 -18.47
C SER D 290 -12.75 29.41 -19.51
N LEU D 291 -13.01 28.16 -19.15
CA LEU D 291 -13.66 27.22 -20.06
C LEU D 291 -15.16 27.54 -20.20
N ALA D 292 -15.77 28.04 -19.13
CA ALA D 292 -17.15 28.54 -19.23
C ALA D 292 -17.23 29.75 -20.16
N GLU D 293 -16.26 30.67 -20.02
CA GLU D 293 -16.10 31.77 -20.97
C GLU D 293 -15.84 31.26 -22.39
N THR D 294 -15.08 30.18 -22.51
CA THR D 294 -14.71 29.62 -23.80
C THR D 294 -15.94 29.06 -24.52
N ILE D 295 -16.77 28.30 -23.81
CA ILE D 295 -18.00 27.78 -24.41
C ILE D 295 -19.03 28.90 -24.60
N PHE D 296 -18.95 29.98 -23.81
CA PHE D 296 -19.72 31.17 -24.11
C PHE D 296 -19.31 31.78 -25.45
N ILE D 297 -18.01 31.77 -25.76
CA ILE D 297 -17.54 32.22 -27.08
C ILE D 297 -17.98 31.23 -28.16
N VAL D 298 -18.03 29.94 -27.84
CA VAL D 298 -18.50 28.92 -28.77
C VAL D 298 -19.97 29.15 -29.12
N ARG D 299 -20.79 29.51 -28.13
CA ARG D 299 -22.17 29.83 -28.42
C ARG D 299 -22.29 31.21 -29.08
N LEU D 300 -21.28 32.07 -28.89
CA LEU D 300 -21.32 33.44 -29.36
C LEU D 300 -21.21 33.53 -30.89
N VAL D 301 -20.68 32.49 -31.53
CA VAL D 301 -20.48 32.55 -32.98
C VAL D 301 -21.63 31.88 -33.72
N HIS D 302 -22.76 31.69 -33.06
CA HIS D 302 -23.95 31.14 -33.72
C HIS D 302 -24.87 32.28 -34.14
N LYS D 303 -25.82 31.95 -35.01
CA LYS D 303 -26.63 32.98 -35.67
C LYS D 303 -27.88 33.33 -34.87
N GLN D 304 -28.32 32.43 -33.98
CA GLN D 304 -29.59 32.60 -33.29
C GLN D 304 -29.35 32.84 -31.80
N ASP D 305 -29.59 34.08 -31.36
CA ASP D 305 -29.48 34.46 -29.96
C ASP D 305 -30.28 35.73 -29.74
N LEU D 306 -30.81 35.89 -28.52
CA LEU D 306 -31.53 37.09 -28.14
C LEU D 306 -30.82 37.70 -26.93
N GLN D 307 -29.87 38.59 -27.20
CA GLN D 307 -29.09 39.25 -26.15
C GLN D 307 -29.28 40.75 -26.30
N ARG D 308 -29.19 41.48 -25.18
CA ARG D 308 -29.42 42.92 -25.14
C ARG D 308 -28.09 43.67 -24.99
N PRO D 309 -27.66 44.40 -26.03
CA PRO D 309 -26.46 45.23 -25.88
C PRO D 309 -26.76 46.67 -25.46
N VAL D 310 -27.98 47.15 -25.68
CA VAL D 310 -28.31 48.56 -25.45
C VAL D 310 -28.54 48.90 -23.98
N PRO D 311 -29.45 48.21 -23.18
CA PRO D 311 -29.80 48.76 -21.86
C PRO D 311 -28.70 48.69 -20.82
N ASP D 312 -28.04 47.53 -20.70
CA ASP D 312 -27.10 47.31 -19.59
C ASP D 312 -25.67 47.05 -20.03
N TRP D 313 -25.45 46.50 -21.23
CA TRP D 313 -24.08 46.25 -21.68
C TRP D 313 -23.34 47.55 -21.97
N LEU D 314 -24.07 48.58 -22.40
CA LEU D 314 -23.46 49.90 -22.55
C LEU D 314 -23.11 50.49 -21.18
N ARG D 315 -23.91 50.20 -20.15
CA ARG D 315 -23.58 50.63 -18.80
C ARG D 315 -22.33 49.91 -18.29
N HIS D 316 -22.20 48.62 -18.61
CA HIS D 316 -20.98 47.89 -18.25
C HIS D 316 -19.76 48.43 -19.01
N LEU D 317 -19.96 48.86 -20.25
CA LEU D 317 -18.85 49.42 -21.03
C LEU D 317 -18.42 50.78 -20.48
N VAL D 318 -19.39 51.61 -20.07
CA VAL D 318 -19.07 52.90 -19.46
C VAL D 318 -18.39 52.69 -18.10
N LEU D 319 -18.85 51.69 -17.34
CA LEU D 319 -18.22 51.39 -16.05
C LEU D 319 -16.80 50.86 -16.23
N ASP D 320 -16.55 50.11 -17.31
CA ASP D 320 -15.19 49.67 -17.61
C ASP D 320 -14.31 50.84 -18.03
N ARG D 321 -14.84 51.76 -18.82
CA ARG D 321 -14.06 52.93 -19.24
C ARG D 321 -13.76 53.85 -18.06
N ILE D 322 -14.65 53.93 -17.08
CA ILE D 322 -14.40 54.75 -15.89
C ILE D 322 -13.43 54.08 -14.94
N ALA D 323 -13.72 52.84 -14.52
CA ALA D 323 -12.91 52.19 -13.47
C ALA D 323 -11.71 51.46 -14.06
N TRP D 324 -11.94 50.54 -15.00
CA TRP D 324 -10.86 49.70 -15.50
C TRP D 324 -9.98 50.46 -16.50
N ILE D 325 -10.59 51.18 -17.43
CA ILE D 325 -9.84 51.92 -18.43
C ILE D 325 -9.71 53.38 -18.02
N LEU D 390 -44.99 34.91 -75.67
CA LEU D 390 -43.69 35.55 -75.52
C LEU D 390 -42.93 34.84 -74.39
N ALA D 391 -41.63 34.63 -74.59
CA ALA D 391 -40.83 33.84 -73.66
C ALA D 391 -39.66 34.61 -73.05
N VAL D 392 -39.34 35.80 -73.57
CA VAL D 392 -38.22 36.58 -73.05
C VAL D 392 -38.51 37.09 -71.65
N ARG D 393 -39.79 37.34 -71.35
CA ARG D 393 -40.18 37.73 -69.99
C ARG D 393 -39.94 36.58 -69.01
N GLY D 394 -40.25 35.35 -69.44
CA GLY D 394 -39.97 34.19 -68.60
C GLY D 394 -38.48 33.94 -68.42
N LEU D 395 -37.69 34.20 -69.48
CA LEU D 395 -36.24 34.08 -69.37
C LEU D 395 -35.66 35.09 -68.37
N LEU D 396 -36.06 36.36 -68.48
CA LEU D 396 -35.55 37.37 -67.54
C LEU D 396 -36.05 37.12 -66.13
N GLN D 397 -37.28 36.63 -65.98
CA GLN D 397 -37.81 36.31 -64.65
C GLN D 397 -37.06 35.15 -64.01
N GLU D 398 -36.77 34.10 -64.78
CA GLU D 398 -36.10 32.95 -64.21
C GLU D 398 -34.62 33.23 -63.93
N LEU D 399 -33.97 34.04 -64.77
CA LEU D 399 -32.58 34.40 -64.48
C LEU D 399 -32.48 35.39 -63.32
N SER D 400 -33.48 36.26 -63.16
CA SER D 400 -33.52 37.10 -61.97
C SER D 400 -33.81 36.28 -60.72
N SER D 401 -34.55 35.17 -60.87
CA SER D 401 -34.75 34.26 -59.74
C SER D 401 -33.46 33.55 -59.38
N ILE D 402 -32.66 33.16 -60.38
CA ILE D 402 -31.33 32.61 -60.12
C ILE D 402 -30.45 33.62 -59.41
N ARG D 403 -30.53 34.89 -59.83
CA ARG D 403 -29.81 35.96 -59.15
C ARG D 403 -30.28 36.13 -57.70
N HIS D 404 -31.58 35.96 -57.46
CA HIS D 404 -32.11 36.11 -56.10
C HIS D 404 -31.67 34.96 -55.19
N PHE D 405 -31.67 33.73 -55.71
CA PHE D 405 -31.19 32.59 -54.92
C PHE D 405 -29.69 32.69 -54.66
N LEU D 406 -28.92 33.19 -55.63
CA LEU D 406 -27.49 33.38 -55.43
C LEU D 406 -27.23 34.51 -54.43
N GLU D 407 -28.08 35.54 -54.46
CA GLU D 407 -27.99 36.63 -53.49
C GLU D 407 -28.31 36.14 -52.09
N LYS D 408 -29.26 35.22 -51.96
CA LYS D 408 -29.53 34.61 -50.65
C LYS D 408 -28.35 33.74 -50.20
N ARG D 409 -27.70 33.06 -51.15
CA ARG D 409 -26.60 32.16 -50.82
C ARG D 409 -25.40 32.91 -50.25
N ASP D 410 -25.10 34.10 -50.79
CA ASP D 410 -24.05 34.88 -50.13
C ASP D 410 -24.62 35.92 -49.18
N GLU D 411 -25.94 35.84 -48.89
CA GLU D 411 -26.51 36.61 -47.79
C GLU D 411 -26.29 35.92 -46.45
N MET D 412 -25.87 34.64 -46.47
CA MET D 412 -25.57 33.92 -45.22
C MET D 412 -24.45 34.57 -44.40
N ARG D 413 -23.52 35.27 -45.04
CA ARG D 413 -22.25 35.60 -44.38
C ARG D 413 -22.36 36.81 -43.46
N GLU D 414 -23.39 37.64 -43.61
CA GLU D 414 -23.41 38.91 -42.89
C GLU D 414 -23.94 38.76 -41.47
N VAL D 415 -24.44 37.58 -41.10
CA VAL D 415 -25.14 37.44 -39.82
C VAL D 415 -24.14 37.25 -38.68
N ALA D 416 -22.93 36.78 -38.99
CA ALA D 416 -21.98 36.41 -37.94
C ALA D 416 -20.90 37.46 -37.74
N ARG D 417 -20.95 38.56 -38.49
CA ARG D 417 -19.86 39.54 -38.45
C ARG D 417 -19.99 40.48 -37.25
N ASP D 418 -21.20 40.61 -36.70
CA ASP D 418 -21.42 41.56 -35.61
C ASP D 418 -20.94 41.01 -34.28
N TRP D 419 -20.85 39.67 -34.16
CA TRP D 419 -20.61 39.06 -32.87
C TRP D 419 -19.13 39.12 -32.47
N LEU D 420 -18.24 39.13 -33.46
CA LEU D 420 -16.86 38.69 -33.26
C LEU D 420 -16.02 39.70 -32.49
N ARG D 421 -16.53 40.92 -32.31
CA ARG D 421 -15.70 41.99 -31.74
C ARG D 421 -15.81 42.05 -30.22
N VAL D 422 -16.86 41.47 -29.65
CA VAL D 422 -17.16 41.67 -28.23
C VAL D 422 -16.37 40.68 -27.37
N GLY D 423 -16.40 39.39 -27.75
CA GLY D 423 -15.86 38.35 -26.88
C GLY D 423 -14.36 38.36 -26.80
N TYR D 424 -13.69 38.91 -27.82
CA TYR D 424 -12.24 39.05 -27.78
C TYR D 424 -11.81 40.02 -26.69
N VAL D 425 -12.59 41.10 -26.50
CA VAL D 425 -12.30 42.08 -25.46
C VAL D 425 -12.47 41.46 -24.08
N LEU D 426 -13.53 40.67 -23.90
CA LEU D 426 -13.76 40.04 -22.59
C LEU D 426 -12.72 38.94 -22.33
N ASP D 427 -12.25 38.28 -23.39
CA ASP D 427 -11.19 37.29 -23.25
C ASP D 427 -9.87 37.95 -22.85
N ARG D 428 -9.55 39.10 -23.44
CA ARG D 428 -8.36 39.83 -23.03
C ARG D 428 -8.48 40.37 -21.62
N LEU D 429 -9.70 40.74 -21.20
CA LEU D 429 -9.95 41.19 -19.83
C LEU D 429 -9.65 40.08 -18.82
N LEU D 430 -10.21 38.88 -19.05
CA LEU D 430 -9.99 37.79 -18.11
C LEU D 430 -8.55 37.26 -18.21
N PHE D 431 -7.91 37.44 -19.37
CA PHE D 431 -6.49 37.12 -19.49
C PHE D 431 -5.63 38.07 -18.66
N ARG D 432 -6.01 39.36 -18.62
CA ARG D 432 -5.32 40.30 -17.74
C ARG D 432 -5.53 39.96 -16.27
N ILE D 433 -6.75 39.49 -15.92
CA ILE D 433 -7.02 39.04 -14.55
C ILE D 433 -6.14 37.86 -14.17
N TYR D 434 -6.02 36.88 -15.08
CA TYR D 434 -5.18 35.71 -14.81
C TYR D 434 -3.69 36.09 -14.78
N LEU D 435 -3.29 37.09 -15.57
CA LEU D 435 -1.91 37.54 -15.56
C LEU D 435 -1.55 38.22 -14.24
N LEU D 436 -2.47 39.05 -13.73
CA LEU D 436 -2.26 39.64 -12.39
C LEU D 436 -2.28 38.58 -11.30
N ALA D 437 -3.06 37.51 -11.48
CA ALA D 437 -3.05 36.42 -10.51
C ALA D 437 -1.72 35.67 -10.49
N VAL D 438 -1.17 35.37 -11.67
CA VAL D 438 0.12 34.69 -11.75
C VAL D 438 1.24 35.60 -11.24
N LEU D 439 1.13 36.91 -11.50
CA LEU D 439 2.14 37.84 -11.02
C LEU D 439 2.09 38.00 -9.49
N ALA D 440 0.88 37.97 -8.91
CA ALA D 440 0.75 38.01 -7.46
C ALA D 440 1.27 36.72 -6.82
N TYR D 441 1.08 35.58 -7.48
CA TYR D 441 1.64 34.34 -6.95
C TYR D 441 3.16 34.33 -7.06
N SER D 442 3.71 34.98 -8.10
CA SER D 442 5.16 35.10 -8.21
C SER D 442 5.73 35.98 -7.10
N ILE D 443 5.04 37.08 -6.79
CA ILE D 443 5.41 37.92 -5.65
C ILE D 443 5.33 37.13 -4.35
N THR D 444 4.30 36.30 -4.21
CA THR D 444 4.14 35.46 -3.00
C THR D 444 5.27 34.45 -2.87
N LEU D 445 5.68 33.84 -3.99
CA LEU D 445 6.75 32.84 -3.95
C LEU D 445 8.11 33.48 -3.64
N VAL D 446 8.38 34.65 -4.23
CA VAL D 446 9.63 35.37 -3.94
C VAL D 446 9.64 35.85 -2.49
N THR D 447 8.48 36.28 -1.98
CA THR D 447 8.37 36.72 -0.59
C THR D 447 8.58 35.56 0.38
N LEU D 448 8.04 34.38 0.05
CA LEU D 448 8.24 33.20 0.91
C LEU D 448 9.68 32.73 0.89
N TRP D 449 10.34 32.79 -0.28
CA TRP D 449 11.76 32.46 -0.34
C TRP D 449 12.61 33.46 0.43
N SER D 450 12.22 34.74 0.43
CA SER D 450 12.95 35.75 1.19
C SER D 450 12.76 35.58 2.69
N ILE D 451 11.55 35.20 3.11
CA ILE D 451 11.27 34.94 4.53
C ILE D 451 12.05 33.72 5.00
N TRP D 452 12.16 32.68 4.17
CA TRP D 452 12.97 31.53 4.54
C TRP D 452 14.46 31.87 4.53
N HIS D 453 14.89 32.75 3.63
CA HIS D 453 16.28 33.18 3.60
C HIS D 453 16.63 34.08 4.80
N TYR D 454 15.63 34.73 5.40
CA TYR D 454 15.86 35.48 6.62
C TYR D 454 16.23 34.54 7.78
N SER D 455 15.58 33.38 7.83
CA SER D 455 15.82 32.30 8.82
C SER D 455 15.69 32.77 10.27
N THR E 1 31.71 -45.37 42.10
CA THR E 1 33.13 -45.29 42.41
C THR E 1 33.79 -44.15 41.65
N GLN E 2 33.76 -44.22 40.32
CA GLN E 2 34.34 -43.21 39.47
C GLN E 2 33.24 -42.36 38.83
N PRO E 3 33.12 -41.08 39.18
CA PRO E 3 32.10 -40.24 38.55
C PRO E 3 32.45 -39.90 37.11
N ALA E 4 31.53 -39.21 36.46
CA ALA E 4 31.70 -38.82 35.06
C ALA E 4 32.53 -37.54 34.98
N LEU E 5 32.65 -36.98 33.78
CA LEU E 5 33.44 -35.78 33.55
C LEU E 5 32.68 -34.49 33.90
N LEU E 6 31.39 -34.61 34.25
CA LEU E 6 30.58 -33.43 34.55
C LEU E 6 31.05 -32.71 35.81
N ARG E 7 31.66 -33.45 36.75
CA ARG E 7 32.26 -32.81 37.92
C ARG E 7 33.43 -31.92 37.53
N LEU E 8 34.10 -32.26 36.42
CA LEU E 8 35.10 -31.37 35.83
C LEU E 8 34.50 -30.02 35.48
N SER E 9 33.27 -30.03 34.93
CA SER E 9 32.58 -28.77 34.66
C SER E 9 32.24 -28.05 35.97
N ASP E 10 32.01 -28.81 37.04
CA ASP E 10 31.88 -28.21 38.36
C ASP E 10 33.20 -27.56 38.77
N HIS E 11 34.33 -28.22 38.47
CA HIS E 11 35.64 -27.60 38.66
C HIS E 11 35.86 -26.44 37.68
N LEU E 12 35.11 -26.42 36.58
CA LEU E 12 35.13 -25.24 35.72
C LEU E 12 34.16 -24.17 36.22
N LEU E 13 33.14 -24.57 36.98
CA LEU E 13 32.13 -23.64 37.45
C LEU E 13 31.96 -23.64 38.97
N ALA E 14 33.05 -23.62 39.73
CA ALA E 14 32.94 -23.63 41.18
C ALA E 14 32.83 -22.21 41.74
N ASN E 15 33.82 -21.37 41.45
CA ASN E 15 33.92 -20.03 42.01
C ASN E 15 34.18 -19.00 40.92
N TYR E 16 33.35 -19.03 39.87
CA TYR E 16 33.62 -18.22 38.68
C TYR E 16 33.41 -16.73 38.93
N LYS E 17 32.38 -16.37 39.72
CA LYS E 17 31.99 -14.98 40.02
C LYS E 17 31.68 -14.21 38.72
N LYS E 18 30.57 -14.60 38.08
CA LYS E 18 30.12 -13.95 36.86
C LYS E 18 29.76 -12.49 37.14
N GLY E 19 30.13 -11.61 36.21
CA GLY E 19 29.85 -10.20 36.33
C GLY E 19 31.05 -9.30 36.49
N VAL E 20 32.22 -9.84 36.81
CA VAL E 20 33.44 -9.07 36.99
C VAL E 20 34.23 -9.13 35.69
N ARG E 21 34.99 -8.08 35.41
CA ARG E 21 35.84 -8.05 34.22
C ARG E 21 37.02 -9.00 34.42
N PRO E 22 37.14 -10.05 33.60
CA PRO E 22 38.18 -11.06 33.87
C PRO E 22 39.58 -10.69 33.39
N VAL E 23 40.44 -10.28 34.33
CA VAL E 23 41.85 -9.98 34.06
C VAL E 23 42.66 -10.39 35.27
N ARG E 24 43.93 -10.73 35.05
CA ARG E 24 44.87 -10.85 36.16
C ARG E 24 45.35 -9.48 36.61
N ASP E 25 45.82 -8.65 35.67
CA ASP E 25 46.24 -7.29 35.94
C ASP E 25 45.29 -6.34 35.23
N TRP E 26 44.93 -5.24 35.89
CA TRP E 26 43.79 -4.45 35.45
C TRP E 26 44.14 -3.52 34.31
N ARG E 27 45.36 -2.96 34.30
CA ARG E 27 45.72 -2.00 33.25
C ARG E 27 46.08 -2.70 31.96
N LYS E 28 46.36 -3.99 32.02
CA LYS E 28 46.54 -4.78 30.82
C LYS E 28 45.18 -5.06 30.19
N PRO E 29 44.91 -4.60 28.97
CA PRO E 29 43.57 -4.76 28.39
C PRO E 29 43.34 -6.18 27.89
N THR E 30 42.11 -6.63 28.03
CA THR E 30 41.73 -7.91 27.44
C THR E 30 41.56 -7.76 25.94
N THR E 31 41.76 -8.85 25.21
CA THR E 31 41.78 -8.84 23.76
C THR E 31 40.66 -9.73 23.24
N VAL E 32 39.73 -9.12 22.49
CA VAL E 32 38.75 -9.88 21.73
C VAL E 32 39.25 -9.94 20.28
N SER E 33 38.91 -11.00 19.58
CA SER E 33 39.37 -11.23 18.22
C SER E 33 38.17 -11.67 17.38
N ILE E 34 37.88 -10.91 16.33
CA ILE E 34 36.59 -10.98 15.65
C ILE E 34 36.79 -11.22 14.17
N ASP E 35 35.74 -11.73 13.53
CA ASP E 35 35.70 -11.98 12.10
C ASP E 35 34.24 -12.07 11.67
N VAL E 36 33.99 -11.73 10.41
CA VAL E 36 32.64 -11.69 9.86
C VAL E 36 32.65 -12.33 8.48
N ILE E 37 31.57 -13.01 8.12
CA ILE E 37 31.39 -13.53 6.77
C ILE E 37 29.91 -13.32 6.41
N MET E 38 29.63 -13.15 5.11
CA MET E 38 28.28 -12.87 4.65
C MET E 38 27.78 -14.07 3.86
N TYR E 39 26.82 -14.80 4.44
CA TYR E 39 26.24 -15.96 3.75
C TYR E 39 25.35 -15.51 2.59
N ALA E 40 24.29 -14.76 2.90
CA ALA E 40 23.38 -14.27 1.88
C ALA E 40 22.79 -12.94 2.35
N ILE E 41 22.78 -11.98 1.43
CA ILE E 41 22.25 -10.64 1.70
C ILE E 41 20.81 -10.60 1.22
N LEU E 42 19.93 -10.02 2.04
CA LEU E 42 18.54 -9.90 1.67
C LEU E 42 18.31 -8.68 0.77
N ASN E 43 17.05 -8.40 0.47
CA ASN E 43 16.72 -7.34 -0.46
C ASN E 43 16.92 -5.96 0.17
N VAL E 44 17.10 -4.96 -0.68
CA VAL E 44 17.23 -3.57 -0.28
C VAL E 44 16.00 -2.83 -0.76
N ASP E 45 15.16 -2.38 0.18
CA ASP E 45 13.93 -1.67 -0.20
C ASP E 45 14.24 -0.27 -0.71
N GLU E 46 15.34 0.32 -0.22
CA GLU E 46 16.04 1.56 -0.63
C GLU E 46 15.18 2.82 -0.60
N LYS E 47 13.91 2.77 -0.18
CA LYS E 47 13.12 3.98 -0.07
C LYS E 47 13.41 4.70 1.24
N ASN E 48 13.65 3.94 2.31
CA ASN E 48 13.90 4.50 3.63
C ASN E 48 15.38 4.73 3.90
N GLN E 49 16.21 4.78 2.85
CA GLN E 49 17.68 4.89 2.93
C GLN E 49 18.27 3.76 3.78
N VAL E 50 17.76 2.55 3.58
CA VAL E 50 17.96 1.44 4.49
C VAL E 50 18.37 0.22 3.68
N LEU E 51 19.09 -0.71 4.31
CA LEU E 51 19.49 -1.97 3.68
C LEU E 51 19.47 -3.09 4.70
N THR E 52 19.14 -4.29 4.22
CA THR E 52 19.04 -5.48 5.06
C THR E 52 20.16 -6.45 4.71
N THR E 53 20.68 -7.16 5.72
CA THR E 53 21.66 -8.21 5.48
C THR E 53 21.60 -9.25 6.60
N TYR E 54 22.17 -10.42 6.33
CA TYR E 54 22.22 -11.54 7.24
C TYR E 54 23.60 -12.15 7.20
N ILE E 55 24.37 -12.01 8.28
CA ILE E 55 25.78 -12.40 8.29
C ILE E 55 26.04 -13.40 9.42
N TRP E 56 27.19 -14.06 9.32
CA TRP E 56 27.68 -14.98 10.34
C TRP E 56 28.88 -14.33 11.02
N TYR E 57 28.92 -14.42 12.35
CA TYR E 57 29.83 -13.64 13.17
C TYR E 57 30.63 -14.57 14.06
N ARG E 58 31.95 -14.45 14.04
CA ARG E 58 32.86 -15.27 14.81
C ARG E 58 33.66 -14.37 15.74
N GLN E 59 33.80 -14.76 17.00
CA GLN E 59 34.61 -14.02 17.94
C GLN E 59 35.19 -14.96 18.98
N TYR E 60 36.30 -14.54 19.59
CA TYR E 60 36.83 -15.24 20.75
C TYR E 60 37.65 -14.28 21.58
N TRP E 61 37.58 -14.43 22.90
CA TRP E 61 38.33 -13.55 23.79
C TRP E 61 38.91 -14.35 24.95
N THR E 62 40.08 -13.92 25.41
CA THR E 62 40.81 -14.60 26.48
C THR E 62 40.10 -14.35 27.81
N ASP E 63 39.66 -15.43 28.47
CA ASP E 63 38.91 -15.28 29.71
C ASP E 63 39.83 -15.27 30.92
N GLU E 64 40.84 -16.16 30.92
CA GLU E 64 41.96 -16.24 31.86
C GLU E 64 41.54 -16.70 33.27
N PHE E 65 40.23 -16.84 33.53
CA PHE E 65 39.76 -17.42 34.78
C PHE E 65 39.76 -18.94 34.80
N LEU E 66 39.98 -19.59 33.67
CA LEU E 66 39.75 -21.03 33.54
C LEU E 66 41.01 -21.69 33.02
N GLN E 67 41.59 -22.58 33.83
CA GLN E 67 42.78 -23.33 33.45
C GLN E 67 42.43 -24.81 33.36
N TRP E 68 42.85 -25.44 32.27
CA TRP E 68 42.65 -26.87 32.07
C TRP E 68 44.00 -27.52 31.79
N THR E 69 44.19 -28.73 32.32
CA THR E 69 45.43 -29.48 32.11
C THR E 69 45.14 -30.71 31.26
N PRO E 70 46.02 -31.06 30.32
CA PRO E 70 45.76 -32.26 29.50
C PRO E 70 45.87 -33.57 30.26
N GLU E 71 46.64 -33.59 31.36
CA GLU E 71 46.79 -34.81 32.13
C GLU E 71 45.54 -35.08 32.94
N ASP E 72 45.26 -36.37 33.17
CA ASP E 72 44.27 -37.04 34.04
C ASP E 72 42.84 -36.50 33.92
N PHE E 73 42.49 -35.80 32.83
CA PHE E 73 41.16 -35.25 32.65
C PHE E 73 40.46 -35.82 31.42
N ASP E 74 40.98 -36.94 30.89
CA ASP E 74 40.43 -37.69 29.76
C ASP E 74 40.37 -36.85 28.49
N ASN E 75 41.35 -35.95 28.32
CA ASN E 75 41.73 -35.35 27.04
C ASN E 75 40.62 -34.50 26.42
N VAL E 76 39.86 -33.81 27.26
CA VAL E 76 38.79 -32.94 26.79
C VAL E 76 39.40 -31.56 26.49
N THR E 77 39.95 -31.43 25.28
CA THR E 77 40.59 -30.17 24.89
C THR E 77 39.56 -29.09 24.63
N LYS E 78 38.45 -29.45 24.00
CA LYS E 78 37.38 -28.52 23.66
C LYS E 78 36.08 -29.00 24.30
N LEU E 79 35.42 -28.13 25.06
CA LEU E 79 34.12 -28.50 25.61
C LEU E 79 33.19 -27.28 25.69
N SER E 80 31.90 -27.56 25.61
CA SER E 80 30.88 -26.51 25.49
C SER E 80 30.20 -26.29 26.83
N ILE E 81 30.12 -25.02 27.25
CA ILE E 81 29.42 -24.62 28.47
C ILE E 81 28.47 -23.49 28.11
N PRO E 82 27.37 -23.27 28.85
CA PRO E 82 26.43 -22.21 28.47
C PRO E 82 27.00 -20.82 28.67
N THR E 83 26.58 -19.89 27.80
CA THR E 83 27.06 -18.52 27.84
C THR E 83 26.32 -17.64 28.82
N ASP E 84 25.24 -18.14 29.43
CA ASP E 84 24.50 -17.36 30.41
C ASP E 84 25.20 -17.30 31.77
N SER E 85 26.22 -18.13 31.99
CA SER E 85 26.93 -18.16 33.25
C SER E 85 28.34 -17.56 33.17
N ILE E 86 28.77 -17.13 31.99
CA ILE E 86 30.12 -16.61 31.81
C ILE E 86 30.06 -15.17 31.28
N TRP E 87 31.22 -14.53 31.25
CA TRP E 87 31.32 -13.13 30.85
C TRP E 87 31.22 -12.99 29.33
N VAL E 88 30.59 -11.90 28.90
CA VAL E 88 30.51 -11.57 27.48
C VAL E 88 30.57 -10.05 27.32
N PRO E 89 31.39 -9.52 26.40
CA PRO E 89 31.41 -8.09 26.16
C PRO E 89 30.26 -7.65 25.27
N ASP E 90 30.24 -6.35 24.98
CA ASP E 90 29.18 -5.74 24.18
C ASP E 90 29.76 -5.21 22.86
N ILE E 91 29.56 -5.99 21.80
CA ILE E 91 29.94 -5.58 20.45
C ILE E 91 28.65 -5.41 19.66
N LEU E 92 28.36 -4.17 19.28
CA LEU E 92 27.07 -3.82 18.70
C LEU E 92 27.24 -3.13 17.36
N ILE E 93 26.29 -3.39 16.46
CA ILE E 93 26.16 -2.61 15.24
C ILE E 93 25.54 -1.26 15.57
N ASN E 94 25.92 -0.23 14.83
CA ASN E 94 25.36 1.10 15.01
C ASN E 94 24.48 1.46 13.82
N GLU E 95 23.92 2.68 13.86
CA GLU E 95 22.95 3.28 12.93
C GLU E 95 21.85 2.34 12.44
N PHE E 96 21.36 1.48 13.34
CA PHE E 96 20.41 0.44 12.97
C PHE E 96 18.97 0.91 13.22
N VAL E 97 18.07 0.49 12.34
CA VAL E 97 16.65 0.85 12.47
C VAL E 97 15.99 0.02 13.57
N ASP E 98 16.33 -1.26 13.64
CA ASP E 98 15.98 -2.12 14.77
C ASP E 98 16.94 -3.30 14.80
N VAL E 99 17.02 -3.93 15.97
CA VAL E 99 17.88 -5.10 16.13
C VAL E 99 17.24 -6.29 15.41
N GLY E 100 18.07 -7.13 14.81
CA GLY E 100 17.57 -8.27 14.07
C GLY E 100 17.02 -9.35 14.98
N LYS E 101 16.07 -10.10 14.45
CA LYS E 101 15.46 -11.22 15.18
C LYS E 101 16.44 -12.38 15.22
N SER E 102 17.33 -12.36 16.21
CA SER E 102 18.42 -13.31 16.33
C SER E 102 18.13 -14.30 17.45
N PRO E 103 18.59 -15.55 17.34
CA PRO E 103 18.39 -16.53 18.41
C PRO E 103 19.31 -16.29 19.59
N ASN E 104 19.23 -17.19 20.59
CA ASN E 104 20.01 -17.05 21.81
C ASN E 104 21.22 -17.96 21.74
N ILE E 105 21.05 -19.23 21.35
CA ILE E 105 22.01 -20.34 21.28
C ILE E 105 23.03 -20.37 22.44
N PRO E 106 22.60 -20.66 23.68
CA PRO E 106 23.52 -20.53 24.83
C PRO E 106 24.56 -21.63 24.93
N TYR E 107 25.55 -21.61 24.05
CA TYR E 107 26.67 -22.54 24.12
C TYR E 107 27.92 -21.84 23.61
N VAL E 108 29.00 -21.89 24.40
CA VAL E 108 30.29 -21.35 24.02
C VAL E 108 31.37 -22.38 24.36
N TYR E 109 32.55 -22.17 23.80
CA TYR E 109 33.64 -23.14 23.91
C TYR E 109 34.61 -22.73 25.02
N VAL E 110 35.14 -23.72 25.72
CA VAL E 110 36.26 -23.51 26.63
C VAL E 110 37.33 -24.57 26.35
N HIS E 111 38.58 -24.15 26.55
CA HIS E 111 39.77 -24.91 26.19
C HIS E 111 40.84 -24.87 27.29
N HIS E 112 42.05 -25.30 26.95
CA HIS E 112 43.15 -25.33 27.91
C HIS E 112 43.83 -23.98 28.07
N ARG E 113 43.87 -23.16 27.02
CA ARG E 113 44.55 -21.88 27.07
C ARG E 113 43.69 -20.76 27.64
N GLY E 114 42.42 -21.03 27.95
CA GLY E 114 41.59 -20.13 28.72
C GLY E 114 40.60 -19.32 27.91
N GLU E 115 40.84 -19.13 26.61
CA GLU E 115 39.99 -18.27 25.80
C GLU E 115 38.66 -18.95 25.48
N VAL E 116 37.63 -18.12 25.32
CA VAL E 116 36.27 -18.57 25.03
C VAL E 116 35.89 -18.15 23.61
N GLN E 117 35.32 -19.09 22.86
CA GLN E 117 34.94 -18.94 21.46
C GLN E 117 33.42 -18.78 21.35
N ASN E 118 32.97 -18.02 20.35
CA ASN E 118 31.55 -17.78 20.13
C ASN E 118 31.29 -17.65 18.64
N TYR E 119 30.28 -18.39 18.16
CA TYR E 119 29.75 -18.28 16.80
C TYR E 119 28.31 -17.82 16.93
N LYS E 120 27.89 -16.89 16.06
CA LYS E 120 26.49 -16.49 16.10
C LYS E 120 25.99 -16.06 14.72
N PRO E 121 24.77 -16.41 14.36
CA PRO E 121 24.15 -15.81 13.17
C PRO E 121 23.40 -14.54 13.55
N LEU E 122 23.61 -13.45 12.83
CA LEU E 122 22.86 -12.24 13.15
C LEU E 122 22.55 -11.49 11.87
N GLN E 123 21.34 -10.94 11.80
CA GLN E 123 20.90 -10.13 10.69
C GLN E 123 20.73 -8.70 11.16
N LEU E 124 20.99 -7.76 10.28
CA LEU E 124 20.87 -6.35 10.64
C LEU E 124 20.29 -5.59 9.46
N VAL E 125 19.30 -4.75 9.77
CA VAL E 125 18.69 -3.83 8.84
C VAL E 125 18.99 -2.41 9.33
N THR E 126 19.76 -1.67 8.53
CA THR E 126 20.39 -0.44 9.01
C THR E 126 20.31 0.64 7.95
N ALA E 127 20.36 1.88 8.42
CA ALA E 127 20.34 3.04 7.54
C ALA E 127 21.73 3.32 7.00
N CYS E 128 21.82 3.51 5.69
CA CYS E 128 23.10 3.75 5.02
C CYS E 128 22.83 4.50 3.72
N SER E 129 23.83 5.24 3.27
CA SER E 129 23.70 6.11 2.10
C SER E 129 23.94 5.33 0.83
N LEU E 130 23.09 5.56 -0.17
CA LEU E 130 23.24 4.97 -1.49
C LEU E 130 23.16 6.08 -2.54
N ASP E 131 23.82 5.85 -3.67
CA ASP E 131 23.90 6.83 -4.74
C ASP E 131 22.96 6.44 -5.88
N ILE E 132 22.03 7.32 -6.22
CA ILE E 132 21.08 7.10 -7.31
C ILE E 132 21.32 8.13 -8.43
N TYR E 133 22.57 8.52 -8.64
CA TYR E 133 22.90 9.44 -9.72
C TYR E 133 22.69 8.78 -11.08
N ASN E 134 23.00 7.50 -11.18
CA ASN E 134 22.69 6.68 -12.33
C ASN E 134 21.89 5.46 -11.88
N PHE E 135 20.68 5.33 -12.39
CA PHE E 135 19.72 4.36 -11.87
C PHE E 135 20.02 2.88 -12.19
N PRO E 136 20.29 2.44 -13.45
CA PRO E 136 20.45 0.99 -13.64
C PRO E 136 21.78 0.45 -13.12
N PHE E 137 22.83 1.27 -13.12
CA PHE E 137 24.14 0.87 -12.60
C PHE E 137 24.39 1.64 -11.32
N ASP E 138 24.37 0.93 -10.19
CA ASP E 138 24.48 1.54 -8.87
C ASP E 138 25.76 1.08 -8.20
N VAL E 139 26.46 2.01 -7.55
CA VAL E 139 27.66 1.65 -6.80
C VAL E 139 27.29 0.93 -5.51
N GLN E 140 26.32 1.48 -4.77
CA GLN E 140 25.77 0.91 -3.52
C GLN E 140 26.84 0.69 -2.46
N ASN E 141 27.73 1.66 -2.32
CA ASN E 141 28.78 1.59 -1.32
C ASN E 141 28.19 1.78 0.07
N CYS E 142 28.73 1.06 1.07
CA CYS E 142 28.27 1.23 2.44
C CYS E 142 29.38 0.87 3.41
N SER E 143 29.12 1.12 4.70
CA SER E 143 30.05 0.81 5.77
C SER E 143 29.27 0.42 7.02
N LEU E 144 29.68 -0.67 7.66
CA LEU E 144 29.15 -1.10 8.94
C LEU E 144 30.20 -0.81 10.00
N THR E 145 29.77 -0.70 11.25
CA THR E 145 30.70 -0.42 12.34
C THR E 145 30.34 -1.23 13.58
N PHE E 146 31.37 -1.80 14.20
CA PHE E 146 31.27 -2.47 15.48
C PHE E 146 32.08 -1.69 16.50
N THR E 147 31.67 -1.75 17.76
CA THR E 147 32.38 -1.02 18.81
C THR E 147 32.10 -1.69 20.15
N SER E 148 33.00 -1.44 21.10
CA SER E 148 32.75 -1.71 22.50
C SER E 148 32.06 -0.48 23.08
N TRP E 149 30.74 -0.57 23.23
CA TRP E 149 29.93 0.58 23.61
C TRP E 149 30.25 1.07 25.01
N LEU E 150 30.44 0.17 25.96
CA LEU E 150 30.66 0.52 27.35
C LEU E 150 32.10 0.39 27.79
N HIS E 151 33.01 0.06 26.88
CA HIS E 151 34.40 -0.11 27.24
C HIS E 151 35.29 0.80 26.38
N THR E 152 36.46 1.12 26.92
CA THR E 152 37.36 2.11 26.33
C THR E 152 38.53 1.43 25.63
N ILE E 153 39.48 2.26 25.17
CA ILE E 153 40.54 1.77 24.31
C ILE E 153 41.59 1.00 25.11
N GLN E 154 41.66 1.25 26.42
CA GLN E 154 42.53 0.43 27.27
C GLN E 154 41.71 -0.64 27.99
N ASP E 155 40.48 -0.87 27.54
CA ASP E 155 39.65 -1.90 28.15
C ASP E 155 39.56 -3.14 27.26
N ILE E 156 39.16 -2.95 26.00
CA ILE E 156 38.99 -4.06 25.06
C ILE E 156 39.78 -3.77 23.80
N ASN E 157 40.62 -4.72 23.39
CA ASN E 157 41.44 -4.63 22.19
C ASN E 157 40.71 -5.35 21.06
N ILE E 158 40.73 -4.75 19.87
CA ILE E 158 40.05 -5.30 18.70
C ILE E 158 41.08 -5.94 17.79
N THR E 159 40.84 -7.20 17.42
CA THR E 159 41.74 -7.98 16.58
C THR E 159 40.96 -8.55 15.41
N LEU E 160 41.48 -8.35 14.19
CA LEU E 160 40.76 -8.77 12.99
C LEU E 160 41.08 -10.22 12.64
N TRP E 161 42.23 -10.73 13.10
CA TRP E 161 42.66 -12.14 13.13
C TRP E 161 43.05 -12.69 11.77
N ARG E 162 42.82 -11.96 10.68
CA ARG E 162 42.98 -12.56 9.37
C ARG E 162 43.69 -11.56 8.46
N SER E 163 44.53 -12.10 7.58
CA SER E 163 45.31 -11.26 6.67
C SER E 163 44.37 -10.62 5.65
N PRO E 164 44.55 -9.34 5.31
CA PRO E 164 43.51 -8.62 4.54
C PRO E 164 43.40 -9.05 3.09
N GLU E 165 44.38 -9.78 2.57
CA GLU E 165 44.31 -10.24 1.18
C GLU E 165 43.26 -11.33 1.02
N GLU E 166 43.15 -12.22 2.02
CA GLU E 166 42.10 -13.24 1.96
C GLU E 166 40.79 -12.73 2.54
N VAL E 167 40.82 -11.56 3.19
CA VAL E 167 39.56 -10.86 3.49
C VAL E 167 39.03 -10.20 2.22
N ARG E 168 39.94 -9.78 1.33
CA ARG E 168 39.58 -9.04 0.13
C ARG E 168 38.72 -9.86 -0.82
N SER E 169 39.04 -11.15 -0.97
CA SER E 169 38.28 -12.04 -1.85
C SER E 169 37.73 -13.20 -1.04
N ASP E 170 36.46 -13.11 -0.66
CA ASP E 170 35.75 -14.19 0.04
C ASP E 170 34.46 -14.45 -0.74
N LYS E 171 34.57 -15.30 -1.77
CA LYS E 171 33.45 -15.63 -2.64
C LYS E 171 33.11 -17.12 -2.63
N SER E 172 33.68 -17.88 -1.69
CA SER E 172 33.40 -19.31 -1.64
C SER E 172 32.00 -19.59 -1.09
N ILE E 173 31.49 -18.69 -0.26
CA ILE E 173 30.18 -18.86 0.37
C ILE E 173 29.31 -17.69 -0.09
N PHE E 174 28.53 -17.92 -1.15
CA PHE E 174 27.61 -16.93 -1.69
C PHE E 174 26.56 -17.65 -2.50
N ILE E 175 25.34 -17.12 -2.46
CA ILE E 175 24.18 -17.75 -3.08
C ILE E 175 24.13 -17.35 -4.55
N ASN E 176 23.69 -18.29 -5.39
CA ASN E 176 23.66 -18.03 -6.82
C ASN E 176 22.38 -17.30 -7.21
N GLN E 177 22.43 -16.69 -8.41
CA GLN E 177 21.35 -15.94 -9.09
C GLN E 177 20.63 -14.92 -8.19
N GLY E 178 21.34 -14.36 -7.21
CA GLY E 178 20.79 -13.26 -6.45
C GLY E 178 20.83 -11.97 -7.22
N GLU E 179 20.01 -11.00 -6.78
CA GLU E 179 20.01 -9.69 -7.44
C GLU E 179 21.25 -8.90 -7.11
N TRP E 180 21.70 -8.96 -5.85
CA TRP E 180 22.88 -8.21 -5.41
C TRP E 180 24.06 -9.16 -5.22
N GLU E 181 25.22 -8.75 -5.73
CA GLU E 181 26.45 -9.52 -5.62
C GLU E 181 27.53 -8.64 -5.01
N LEU E 182 28.39 -9.23 -4.19
CA LEU E 182 29.46 -8.50 -3.53
C LEU E 182 30.76 -8.73 -4.30
N LEU E 183 31.67 -7.76 -4.23
CA LEU E 183 32.94 -7.90 -4.93
C LEU E 183 34.12 -7.92 -3.96
N GLU E 184 34.23 -6.92 -3.09
CA GLU E 184 35.29 -6.92 -2.08
C GLU E 184 34.83 -6.18 -0.84
N VAL E 185 35.47 -6.50 0.28
CA VAL E 185 35.29 -5.79 1.54
C VAL E 185 36.65 -5.29 2.01
N PHE E 186 36.65 -4.33 2.94
CA PHE E 186 37.88 -3.68 3.39
C PHE E 186 37.85 -3.47 4.89
N PRO E 187 38.64 -4.24 5.66
CA PRO E 187 38.71 -3.98 7.11
C PRO E 187 39.75 -2.94 7.47
N GLN E 188 39.44 -2.08 8.42
CA GLN E 188 40.35 -1.04 8.87
C GLN E 188 39.97 -0.60 10.28
N PHE E 189 40.92 0.01 10.97
CA PHE E 189 40.76 0.41 12.37
C PHE E 189 40.75 1.93 12.47
N LYS E 190 39.83 2.46 13.27
CA LYS E 190 39.76 3.89 13.54
C LYS E 190 39.56 4.11 15.03
N GLU E 191 39.30 5.37 15.39
CA GLU E 191 39.01 5.78 16.75
C GLU E 191 38.25 7.09 16.69
N PHE E 192 37.23 7.22 17.54
CA PHE E 192 36.46 8.45 17.63
C PHE E 192 36.44 8.92 19.09
N SER E 193 36.65 10.22 19.28
CA SER E 193 36.68 10.83 20.61
C SER E 193 35.71 12.00 20.63
N ILE E 194 34.76 11.96 21.55
CA ILE E 194 33.78 13.03 21.65
C ILE E 194 34.35 14.23 22.39
N ASP E 195 34.90 14.00 23.58
CA ASP E 195 35.51 15.03 24.39
C ASP E 195 36.95 14.62 24.74
N ILE E 196 37.61 15.44 25.56
CA ILE E 196 38.99 15.15 25.92
C ILE E 196 39.05 14.04 26.96
N SER E 197 40.19 13.32 26.95
CA SER E 197 40.53 12.22 27.86
C SER E 197 39.52 11.07 27.82
N ASN E 198 38.83 10.88 26.69
CA ASN E 198 37.87 9.80 26.53
C ASN E 198 37.96 9.29 25.10
N SER E 199 38.63 8.17 24.91
CA SER E 199 38.85 7.58 23.60
C SER E 199 38.37 6.13 23.61
N TYR E 200 37.45 5.81 22.72
CA TYR E 200 36.79 4.51 22.69
C TYR E 200 37.17 3.76 21.42
N ALA E 201 36.98 2.44 21.43
CA ALA E 201 37.39 1.61 20.31
C ALA E 201 36.37 1.64 19.18
N GLU E 202 36.84 1.33 17.98
CA GLU E 202 35.98 1.28 16.79
C GLU E 202 36.60 0.35 15.75
N MET E 203 35.78 -0.52 15.20
CA MET E 203 36.14 -1.33 14.04
C MET E 203 35.11 -1.07 12.95
N LYS E 204 35.57 -0.99 11.70
CA LYS E 204 34.67 -0.69 10.59
C LYS E 204 34.87 -1.70 9.48
N PHE E 205 33.76 -2.10 8.87
CA PHE E 205 33.76 -3.01 7.73
C PHE E 205 33.16 -2.31 6.53
N TYR E 206 34.00 -2.04 5.53
CA TYR E 206 33.63 -1.40 4.29
C TYR E 206 33.04 -2.45 3.37
N VAL E 207 31.91 -2.16 2.73
CA VAL E 207 31.22 -3.13 1.88
C VAL E 207 30.85 -2.50 0.55
N ILE E 208 31.25 -3.18 -0.53
CA ILE E 208 30.80 -2.90 -1.89
C ILE E 208 29.83 -4.00 -2.29
N ILE E 209 28.57 -3.64 -2.49
CA ILE E 209 27.55 -4.56 -2.98
C ILE E 209 27.10 -4.04 -4.35
N ARG E 210 26.83 -4.96 -5.28
CA ARG E 210 26.57 -4.60 -6.67
C ARG E 210 25.42 -5.43 -7.22
N ARG E 211 24.53 -4.76 -7.94
CA ARG E 211 23.45 -5.40 -8.68
C ARG E 211 23.66 -5.15 -10.17
N ARG E 212 23.30 -6.13 -11.00
CA ARG E 212 23.35 -5.96 -12.44
C ARG E 212 21.96 -5.65 -12.95
N PRO E 213 21.81 -4.75 -13.93
CA PRO E 213 20.48 -4.45 -14.49
C PRO E 213 20.13 -5.34 -15.68
N LEU E 214 20.10 -6.65 -15.45
CA LEU E 214 19.74 -7.57 -16.53
C LEU E 214 18.26 -7.47 -16.86
N PHE E 215 17.45 -7.12 -15.86
CA PHE E 215 16.03 -6.90 -16.11
C PHE E 215 15.77 -5.46 -16.52
N TYR E 216 16.58 -4.51 -16.03
CA TYR E 216 16.31 -3.10 -16.26
C TYR E 216 16.77 -2.67 -17.64
N ALA E 217 17.75 -3.36 -18.22
CA ALA E 217 18.27 -2.96 -19.53
C ALA E 217 17.25 -3.20 -20.63
N VAL E 218 16.65 -4.40 -20.66
CA VAL E 218 15.68 -4.72 -21.69
C VAL E 218 14.39 -3.91 -21.49
N SER E 219 14.02 -3.69 -20.22
CA SER E 219 12.76 -3.00 -19.94
C SER E 219 12.93 -1.48 -19.97
N LEU E 220 14.16 -0.98 -20.09
CA LEU E 220 14.36 0.47 -20.09
C LEU E 220 14.91 0.98 -21.41
N LEU E 221 15.69 0.17 -22.13
CA LEU E 221 16.22 0.60 -23.41
C LEU E 221 15.14 0.58 -24.50
N LEU E 222 14.17 -0.31 -24.37
CA LEU E 222 13.07 -0.44 -25.33
C LEU E 222 12.07 0.73 -25.28
N PRO E 223 11.81 1.40 -24.14
CA PRO E 223 11.15 2.71 -24.24
C PRO E 223 11.95 3.76 -25.01
N SER E 224 13.28 3.71 -24.99
CA SER E 224 14.05 4.61 -25.85
C SER E 224 13.93 4.19 -27.32
N ILE E 225 13.78 2.88 -27.58
CA ILE E 225 13.50 2.42 -28.94
C ILE E 225 12.13 2.92 -29.39
N PHE E 226 11.15 2.94 -28.48
CA PHE E 226 9.84 3.52 -28.78
C PHE E 226 9.92 5.02 -29.00
N LEU E 227 10.83 5.70 -28.28
CA LEU E 227 11.10 7.11 -28.51
C LEU E 227 11.66 7.35 -29.91
N MET E 228 12.58 6.50 -30.36
CA MET E 228 13.07 6.62 -31.74
C MET E 228 12.00 6.28 -32.77
N VAL E 229 11.09 5.35 -32.44
CA VAL E 229 10.00 5.01 -33.37
C VAL E 229 9.03 6.19 -33.50
N VAL E 230 8.66 6.83 -32.39
CA VAL E 230 7.76 7.97 -32.48
C VAL E 230 8.48 9.18 -33.06
N ASP E 231 9.81 9.27 -32.93
CA ASP E 231 10.56 10.34 -33.56
C ASP E 231 10.59 10.16 -35.08
N ILE E 232 10.79 8.93 -35.56
CA ILE E 232 10.85 8.72 -37.00
C ILE E 232 9.45 8.66 -37.63
N VAL E 233 8.40 8.44 -36.84
CA VAL E 233 7.05 8.62 -37.38
C VAL E 233 6.62 10.08 -37.29
N GLY E 234 7.29 10.89 -36.48
CA GLY E 234 7.11 12.33 -36.55
C GLY E 234 7.94 13.03 -37.60
N PHE E 235 8.45 12.30 -38.60
CA PHE E 235 9.37 12.82 -39.59
C PHE E 235 8.76 12.95 -40.98
N CYS E 236 8.05 11.94 -41.46
CA CYS E 236 7.62 11.88 -42.85
C CYS E 236 6.33 12.64 -43.13
N LEU E 237 5.62 13.07 -42.09
CA LEU E 237 4.34 13.72 -42.31
C LEU E 237 4.53 15.20 -42.66
N PRO E 238 3.66 15.77 -43.49
CA PRO E 238 3.71 17.21 -43.71
C PRO E 238 3.22 17.97 -42.48
N PRO E 239 3.85 19.09 -42.15
CA PRO E 239 3.49 19.78 -40.91
C PRO E 239 2.19 20.57 -40.99
N ASP E 240 1.70 20.81 -42.20
CA ASP E 240 0.57 21.75 -42.36
C ASP E 240 -0.75 21.10 -41.99
N SER E 241 -0.81 19.77 -41.95
CA SER E 241 -2.07 19.09 -41.68
C SER E 241 -2.30 18.96 -40.18
N GLY E 242 -3.57 18.83 -39.79
CA GLY E 242 -3.89 18.70 -38.37
C GLY E 242 -3.94 17.27 -37.90
N GLU E 243 -3.72 16.32 -38.81
CA GLU E 243 -3.78 14.92 -38.46
C GLU E 243 -2.58 14.51 -37.60
N ARG E 244 -1.43 15.14 -37.82
CA ARG E 244 -0.27 14.90 -36.96
C ARG E 244 -0.51 15.47 -35.57
N VAL E 245 -1.27 16.57 -35.49
CA VAL E 245 -1.60 17.18 -34.20
C VAL E 245 -2.52 16.26 -33.41
N SER E 246 -3.58 15.78 -34.07
CA SER E 246 -4.57 14.93 -33.43
C SER E 246 -3.98 13.57 -33.07
N PHE E 247 -2.93 13.14 -33.78
CA PHE E 247 -2.22 11.95 -33.33
C PHE E 247 -1.26 12.25 -32.18
N LYS E 248 -0.58 13.41 -32.23
CA LYS E 248 0.53 13.62 -31.31
C LYS E 248 0.04 14.01 -29.92
N ILE E 249 -1.18 14.53 -29.80
CA ILE E 249 -1.71 14.78 -28.45
C ILE E 249 -2.03 13.46 -27.75
N THR E 250 -2.60 12.50 -28.50
CA THR E 250 -2.87 11.17 -27.95
C THR E 250 -1.56 10.41 -27.73
N LEU E 251 -0.56 10.68 -28.57
CA LEU E 251 0.75 10.05 -28.40
C LEU E 251 1.46 10.57 -27.16
N LEU E 252 1.33 11.87 -26.87
CA LEU E 252 1.91 12.43 -25.65
C LEU E 252 1.21 11.90 -24.41
N LEU E 253 -0.12 11.78 -24.46
CA LEU E 253 -0.84 11.21 -23.31
C LEU E 253 -0.49 9.73 -23.10
N GLY E 254 -0.39 8.96 -24.18
CA GLY E 254 -0.01 7.55 -24.05
C GLY E 254 1.43 7.37 -23.61
N TYR E 255 2.31 8.27 -24.04
CA TYR E 255 3.70 8.25 -23.60
C TYR E 255 3.80 8.60 -22.12
N SER E 256 2.98 9.55 -21.65
CA SER E 256 2.96 9.89 -20.23
C SER E 256 2.42 8.74 -19.39
N VAL E 257 1.40 8.02 -19.92
CA VAL E 257 0.87 6.87 -19.20
C VAL E 257 1.90 5.74 -19.14
N PHE E 258 2.58 5.46 -20.25
CA PHE E 258 3.58 4.39 -20.25
C PHE E 258 4.78 4.74 -19.37
N LEU E 259 5.14 6.03 -19.31
CA LEU E 259 6.29 6.40 -18.49
C LEU E 259 5.92 6.51 -17.02
N ILE E 260 4.66 6.81 -16.69
CA ILE E 260 4.27 6.79 -15.29
C ILE E 260 4.10 5.35 -14.82
N ILE E 261 3.79 4.43 -15.75
CA ILE E 261 3.86 2.99 -15.46
C ILE E 261 5.27 2.58 -15.06
N VAL E 262 6.26 3.01 -15.86
CA VAL E 262 7.66 2.67 -15.57
C VAL E 262 8.13 3.32 -14.27
N SER E 263 7.68 4.55 -14.01
CA SER E 263 8.26 5.31 -12.89
C SER E 263 7.54 5.03 -11.57
N ASP E 264 6.30 4.51 -11.60
CA ASP E 264 5.72 4.09 -10.32
C ASP E 264 6.01 2.62 -10.05
N THR E 265 6.38 1.86 -11.09
CA THR E 265 6.99 0.56 -10.85
C THR E 265 8.35 0.69 -10.20
N LEU E 266 9.15 1.67 -10.62
CA LEU E 266 10.44 1.94 -10.01
C LEU E 266 10.53 3.39 -9.55
N PRO E 267 10.06 3.71 -8.34
CA PRO E 267 10.21 5.09 -7.84
C PRO E 267 11.57 5.34 -7.23
N ALA E 268 11.88 6.61 -6.99
CA ALA E 268 13.16 7.00 -6.41
C ALA E 268 12.96 7.66 -5.04
N THR E 269 14.07 8.11 -4.47
CA THR E 269 14.04 8.72 -3.15
C THR E 269 13.86 10.23 -3.25
N ALA E 270 13.78 10.87 -2.08
CA ALA E 270 13.67 12.32 -2.00
C ALA E 270 15.05 12.97 -1.88
N ILE E 271 16.11 12.16 -1.79
CA ILE E 271 17.45 12.72 -1.69
C ILE E 271 18.09 12.81 -3.07
N GLY E 272 18.21 11.69 -3.77
CA GLY E 272 18.91 11.66 -5.03
C GLY E 272 18.03 11.93 -6.23
N THR E 273 18.65 12.32 -7.34
CA THR E 273 17.94 12.61 -8.57
C THR E 273 18.26 11.58 -9.65
N PRO E 274 17.28 10.79 -10.08
CA PRO E 274 17.52 9.88 -11.21
C PRO E 274 17.50 10.64 -12.53
N LEU E 275 18.68 10.74 -13.15
CA LEU E 275 18.86 11.53 -14.36
C LEU E 275 18.19 10.93 -15.58
N ILE E 276 17.84 9.65 -15.55
CA ILE E 276 17.08 9.05 -16.65
C ILE E 276 15.65 9.60 -16.66
N GLY E 277 15.02 9.64 -15.50
CA GLY E 277 13.71 10.28 -15.38
C GLY E 277 13.76 11.78 -15.62
N VAL E 278 14.88 12.42 -15.24
CA VAL E 278 15.07 13.84 -15.53
C VAL E 278 15.14 14.08 -17.03
N TYR E 279 15.85 13.22 -17.75
CA TYR E 279 15.90 13.34 -19.21
C TYR E 279 14.55 12.98 -19.85
N PHE E 280 13.78 12.11 -19.22
CA PHE E 280 12.42 11.85 -19.69
C PHE E 280 11.53 13.08 -19.54
N VAL E 281 11.66 13.81 -18.43
CA VAL E 281 10.91 15.04 -18.24
C VAL E 281 11.43 16.12 -19.19
N VAL E 282 12.73 16.11 -19.53
CA VAL E 282 13.27 17.03 -20.53
C VAL E 282 12.71 16.70 -21.91
N CYS E 283 12.53 15.41 -22.22
CA CYS E 283 11.89 15.03 -23.48
C CYS E 283 10.43 15.44 -23.52
N MET E 284 9.74 15.36 -22.38
CA MET E 284 8.36 15.84 -22.32
C MET E 284 8.29 17.36 -22.48
N ALA E 285 9.28 18.07 -21.94
CA ALA E 285 9.35 19.52 -22.09
C ALA E 285 9.64 19.92 -23.53
N LEU E 286 10.55 19.20 -24.19
CA LEU E 286 10.84 19.50 -25.59
C LEU E 286 9.67 19.09 -26.48
N LEU E 287 8.91 18.07 -26.08
CA LEU E 287 7.75 17.68 -26.86
C LEU E 287 6.60 18.67 -26.68
N VAL E 288 6.45 19.29 -25.51
CA VAL E 288 5.40 20.31 -25.39
C VAL E 288 5.84 21.64 -25.99
N ILE E 289 7.14 21.93 -26.07
CA ILE E 289 7.60 23.06 -26.89
C ILE E 289 7.38 22.76 -28.36
N SER E 290 7.58 21.50 -28.77
CA SER E 290 7.27 21.07 -30.13
C SER E 290 5.77 21.15 -30.40
N LEU E 291 4.95 20.93 -29.38
CA LEU E 291 3.51 21.04 -29.51
C LEU E 291 3.07 22.49 -29.58
N ALA E 292 3.79 23.38 -28.90
CA ALA E 292 3.55 24.82 -29.05
C ALA E 292 3.89 25.28 -30.46
N GLU E 293 5.03 24.80 -30.98
CA GLU E 293 5.37 24.99 -32.39
C GLU E 293 4.31 24.40 -33.33
N THR E 294 3.75 23.25 -32.95
CA THR E 294 2.76 22.55 -33.76
C THR E 294 1.48 23.36 -33.87
N ILE E 295 0.99 23.88 -32.74
CA ILE E 295 -0.21 24.72 -32.78
C ILE E 295 0.09 26.09 -33.38
N PHE E 296 1.35 26.53 -33.34
CA PHE E 296 1.76 27.69 -34.13
C PHE E 296 1.62 27.42 -35.63
N ILE E 297 1.95 26.20 -36.07
CA ILE E 297 1.74 25.82 -37.47
C ILE E 297 0.24 25.69 -37.77
N VAL E 298 -0.54 25.26 -36.78
CA VAL E 298 -1.99 25.16 -36.93
C VAL E 298 -2.61 26.55 -37.13
N ARG E 299 -2.12 27.54 -36.39
CA ARG E 299 -2.58 28.90 -36.60
C ARG E 299 -1.99 29.50 -37.88
N LEU E 300 -0.86 28.94 -38.33
CA LEU E 300 -0.13 29.50 -39.47
C LEU E 300 -0.86 29.26 -40.79
N VAL E 301 -1.77 28.29 -40.85
CA VAL E 301 -2.46 27.98 -42.09
C VAL E 301 -3.81 28.67 -42.18
N HIS E 302 -4.04 29.68 -41.35
CA HIS E 302 -5.27 30.46 -41.43
C HIS E 302 -5.04 31.72 -42.26
N LYS E 303 -6.14 32.35 -42.66
CA LYS E 303 -6.06 33.43 -43.64
C LYS E 303 -5.86 34.79 -42.98
N GLN E 304 -6.19 34.93 -41.71
CA GLN E 304 -6.19 36.22 -41.05
C GLN E 304 -5.09 36.26 -39.98
N ASP E 305 -4.03 37.03 -40.27
CA ASP E 305 -2.94 37.24 -39.33
C ASP E 305 -2.20 38.52 -39.73
N LEU E 306 -1.62 39.19 -38.74
CA LEU E 306 -0.80 40.37 -38.96
C LEU E 306 0.59 40.11 -38.41
N GLN E 307 1.47 39.58 -39.25
CA GLN E 307 2.83 39.25 -38.86
C GLN E 307 3.78 40.03 -39.77
N ARG E 308 4.97 40.36 -39.26
CA ARG E 308 5.95 41.15 -39.99
C ARG E 308 7.11 40.27 -40.47
N PRO E 309 7.24 40.07 -41.78
CA PRO E 309 8.41 39.33 -42.29
C PRO E 309 9.57 40.23 -42.68
N VAL E 310 9.31 41.51 -42.96
CA VAL E 310 10.34 42.41 -43.47
C VAL E 310 11.32 42.93 -42.42
N PRO E 311 10.89 43.55 -41.26
CA PRO E 311 11.90 44.24 -40.42
C PRO E 311 12.85 43.32 -39.68
N ASP E 312 12.34 42.27 -39.04
CA ASP E 312 13.15 41.45 -38.15
C ASP E 312 13.29 39.99 -38.58
N TRP E 313 12.31 39.44 -39.30
CA TRP E 313 12.41 38.04 -39.73
C TRP E 313 13.50 37.88 -40.78
N LEU E 314 13.73 38.91 -41.61
CA LEU E 314 14.86 38.88 -42.52
C LEU E 314 16.18 38.94 -41.78
N ARG E 315 16.22 39.66 -40.65
CA ARG E 315 17.43 39.68 -39.82
C ARG E 315 17.68 38.31 -39.20
N HIS E 316 16.60 37.63 -38.76
CA HIS E 316 16.75 36.28 -38.25
C HIS E 316 17.21 35.31 -39.34
N LEU E 317 16.75 35.53 -40.58
CA LEU E 317 17.16 34.66 -41.68
C LEU E 317 18.63 34.89 -42.03
N VAL E 318 19.08 36.15 -42.01
CA VAL E 318 20.50 36.45 -42.26
C VAL E 318 21.37 35.90 -41.13
N LEU E 319 20.88 35.98 -39.89
CA LEU E 319 21.62 35.43 -38.75
C LEU E 319 21.71 33.92 -38.82
N ASP E 320 20.64 33.26 -39.32
CA ASP E 320 20.68 31.82 -39.54
C ASP E 320 21.67 31.45 -40.64
N ARG E 321 21.70 32.23 -41.73
CA ARG E 321 22.63 31.95 -42.82
C ARG E 321 24.08 32.18 -42.40
N ILE E 322 24.32 33.12 -41.50
CA ILE E 322 25.67 33.36 -41.02
C ILE E 322 26.09 32.31 -39.99
N ALA E 323 25.32 32.10 -38.93
CA ALA E 323 25.73 31.23 -37.83
C ALA E 323 25.35 29.78 -38.10
N TRP E 324 24.06 29.52 -38.34
CA TRP E 324 23.60 28.14 -38.45
C TRP E 324 23.95 27.55 -39.80
N ILE E 325 23.72 28.29 -40.88
CA ILE E 325 24.00 27.80 -42.22
C ILE E 325 25.35 28.32 -42.70
N LEU E 390 -34.10 46.50 -75.01
CA LEU E 390 -33.04 45.60 -75.44
C LEU E 390 -32.62 44.75 -74.23
N ALA E 391 -32.36 43.46 -74.47
CA ALA E 391 -32.11 42.51 -73.38
C ALA E 391 -30.76 41.83 -73.47
N VAL E 392 -30.06 41.97 -74.60
CA VAL E 392 -28.75 41.33 -74.76
C VAL E 392 -27.71 41.95 -73.83
N ARG E 393 -27.86 43.25 -73.54
CA ARG E 393 -26.99 43.91 -72.56
C ARG E 393 -27.19 43.33 -71.18
N GLY E 394 -28.45 43.06 -70.81
CA GLY E 394 -28.72 42.43 -69.53
C GLY E 394 -28.22 41.01 -69.46
N LEU E 395 -28.30 40.27 -70.59
CA LEU E 395 -27.75 38.92 -70.65
C LEU E 395 -26.23 38.92 -70.46
N LEU E 396 -25.51 39.78 -71.18
CA LEU E 396 -24.06 39.83 -71.04
C LEU E 396 -23.65 40.34 -69.65
N GLN E 397 -24.42 41.28 -69.09
CA GLN E 397 -24.12 41.76 -67.75
C GLN E 397 -24.32 40.68 -66.69
N GLU E 398 -25.41 39.91 -66.79
CA GLU E 398 -25.66 38.88 -65.79
C GLU E 398 -24.71 37.70 -65.94
N LEU E 399 -24.33 37.35 -67.17
CA LEU E 399 -23.36 36.26 -67.33
C LEU E 399 -21.96 36.70 -66.92
N SER E 400 -21.62 37.98 -67.11
CA SER E 400 -20.36 38.49 -66.58
C SER E 400 -20.38 38.56 -65.06
N SER E 401 -21.56 38.76 -64.48
CA SER E 401 -21.69 38.70 -63.02
C SER E 401 -21.50 37.27 -62.52
N ILE E 402 -22.02 36.28 -63.25
CA ILE E 402 -21.76 34.88 -62.93
C ILE E 402 -20.27 34.57 -63.02
N ARG E 403 -19.61 35.12 -64.04
CA ARG E 403 -18.16 34.98 -64.18
C ARG E 403 -17.42 35.62 -63.01
N HIS E 404 -17.92 36.75 -62.52
CA HIS E 404 -17.28 37.45 -61.41
C HIS E 404 -17.44 36.68 -60.10
N PHE E 405 -18.63 36.13 -59.85
CA PHE E 405 -18.83 35.31 -58.65
C PHE E 405 -18.02 34.01 -58.70
N LEU E 406 -17.89 33.42 -59.89
CA LEU E 406 -17.07 32.22 -60.03
C LEU E 406 -15.58 32.54 -59.87
N GLU E 407 -15.18 33.74 -60.34
CA GLU E 407 -13.81 34.20 -60.14
C GLU E 407 -13.52 34.45 -58.67
N LYS E 408 -14.50 34.96 -57.92
CA LYS E 408 -14.33 35.09 -56.47
C LYS E 408 -14.25 33.72 -55.80
N ARG E 409 -15.02 32.75 -56.30
CA ARG E 409 -15.07 31.42 -55.70
C ARG E 409 -13.72 30.71 -55.81
N ASP E 410 -13.03 30.84 -56.95
CA ASP E 410 -11.67 30.28 -56.99
C ASP E 410 -10.61 31.34 -56.68
N GLU E 411 -11.03 32.52 -56.22
CA GLU E 411 -10.08 33.48 -55.64
C GLU E 411 -9.76 33.14 -54.19
N MET E 412 -10.54 32.25 -53.58
CA MET E 412 -10.25 31.81 -52.19
C MET E 412 -8.88 31.15 -52.03
N ARG E 413 -8.35 30.52 -53.09
CA ARG E 413 -7.25 29.57 -52.90
C ARG E 413 -5.89 30.27 -52.78
N GLU E 414 -5.78 31.53 -53.22
CA GLU E 414 -4.46 32.14 -53.31
C GLU E 414 -3.98 32.71 -51.98
N VAL E 415 -4.84 32.72 -50.97
CA VAL E 415 -4.51 33.44 -49.73
C VAL E 415 -3.63 32.58 -48.83
N ALA E 416 -3.66 31.26 -49.01
CA ALA E 416 -2.97 30.37 -48.08
C ALA E 416 -1.66 29.83 -48.64
N ARG E 417 -1.30 30.24 -49.85
CA ARG E 417 -0.13 29.66 -50.50
C ARG E 417 1.17 30.29 -50.02
N ASP E 418 1.10 31.50 -49.45
CA ASP E 418 2.31 32.20 -49.05
C ASP E 418 2.83 31.69 -47.70
N TRP E 419 1.96 31.08 -46.91
CA TRP E 419 2.32 30.75 -45.53
C TRP E 419 3.17 29.48 -45.46
N LEU E 420 2.98 28.56 -46.41
CA LEU E 420 3.31 27.16 -46.20
C LEU E 420 4.81 26.89 -46.25
N ARG E 421 5.61 27.87 -46.69
CA ARG E 421 7.03 27.61 -46.92
C ARG E 421 7.88 27.91 -45.69
N VAL E 422 7.34 28.68 -44.74
CA VAL E 422 8.17 29.19 -43.63
C VAL E 422 8.23 28.16 -42.49
N GLY E 423 7.07 27.62 -42.11
CA GLY E 423 7.00 26.82 -40.90
C GLY E 423 7.65 25.45 -41.06
N TYR E 424 7.74 24.97 -42.30
CA TYR E 424 8.45 23.71 -42.56
C TYR E 424 9.94 23.85 -42.25
N VAL E 425 10.52 25.00 -42.57
CA VAL E 425 11.93 25.25 -42.29
C VAL E 425 12.18 25.31 -40.78
N LEU E 426 11.27 25.96 -40.04
CA LEU E 426 11.44 26.05 -38.59
C LEU E 426 11.20 24.70 -37.93
N ASP E 427 10.31 23.89 -38.51
CA ASP E 427 10.08 22.53 -38.01
C ASP E 427 11.31 21.66 -38.23
N ARG E 428 11.96 21.77 -39.39
CA ARG E 428 13.18 21.02 -39.64
C ARG E 428 14.32 21.51 -38.74
N LEU E 429 14.33 22.82 -38.43
CA LEU E 429 15.33 23.37 -37.50
C LEU E 429 15.19 22.77 -36.10
N LEU E 430 13.96 22.76 -35.56
CA LEU E 430 13.78 22.21 -34.22
C LEU E 430 13.90 20.69 -34.22
N PHE E 431 13.65 20.05 -35.37
CA PHE E 431 13.91 18.62 -35.50
C PHE E 431 15.40 18.32 -35.46
N ARG E 432 16.22 19.18 -36.07
CA ARG E 432 17.66 19.03 -35.96
C ARG E 432 18.15 19.26 -34.53
N ILE E 433 17.52 20.20 -33.82
CA ILE E 433 17.85 20.42 -32.40
C ILE E 433 17.53 19.17 -31.57
N TYR E 434 16.36 18.57 -31.80
CA TYR E 434 15.99 17.36 -31.06
C TYR E 434 16.86 16.17 -31.46
N LEU E 435 17.32 16.14 -32.72
CA LEU E 435 18.20 15.06 -33.16
C LEU E 435 19.57 15.17 -32.50
N LEU E 436 20.11 16.38 -32.39
CA LEU E 436 21.35 16.58 -31.65
C LEU E 436 21.18 16.28 -30.16
N ALA E 437 19.99 16.53 -29.61
CA ALA E 437 19.73 16.20 -28.21
C ALA E 437 19.72 14.68 -27.98
N VAL E 438 19.06 13.93 -28.87
CA VAL E 438 19.04 12.47 -28.76
C VAL E 438 20.42 11.88 -28.99
N LEU E 439 21.19 12.48 -29.90
CA LEU E 439 22.55 12.00 -30.17
C LEU E 439 23.47 12.28 -28.99
N ALA E 440 23.30 13.42 -28.32
CA ALA E 440 24.08 13.73 -27.12
C ALA E 440 23.71 12.80 -25.97
N TYR E 441 22.43 12.44 -25.86
CA TYR E 441 22.03 11.48 -24.83
C TYR E 441 22.57 10.08 -25.13
N SER E 442 22.69 9.73 -26.42
CA SER E 442 23.29 8.46 -26.79
C SER E 442 24.77 8.42 -26.45
N ILE E 443 25.48 9.53 -26.69
CA ILE E 443 26.87 9.67 -26.26
C ILE E 443 26.99 9.56 -24.75
N THR E 444 26.04 10.16 -24.01
CA THR E 444 26.04 10.10 -22.55
C THR E 444 25.81 8.67 -22.05
N LEU E 445 24.91 7.93 -22.70
CA LEU E 445 24.63 6.57 -22.28
C LEU E 445 25.80 5.64 -22.57
N VAL E 446 26.44 5.79 -23.74
CA VAL E 446 27.61 4.98 -24.07
C VAL E 446 28.78 5.33 -23.14
N THR E 447 28.91 6.62 -22.78
CA THR E 447 29.96 7.04 -21.86
C THR E 447 29.74 6.48 -20.46
N LEU E 448 28.48 6.45 -20.00
CA LEU E 448 28.17 5.89 -18.68
C LEU E 448 28.39 4.39 -18.65
N TRP E 449 28.05 3.69 -19.74
CA TRP E 449 28.33 2.26 -19.82
C TRP E 449 29.83 1.98 -19.86
N SER E 450 30.61 2.86 -20.50
CA SER E 450 32.06 2.67 -20.53
C SER E 450 32.69 2.95 -19.18
N ILE E 451 32.17 3.95 -18.45
CA ILE E 451 32.66 4.24 -17.09
C ILE E 451 32.33 3.09 -16.15
N TRP E 452 31.14 2.48 -16.29
CA TRP E 452 30.84 1.32 -15.47
C TRP E 452 31.67 0.11 -15.88
N HIS E 453 31.98 -0.02 -17.17
CA HIS E 453 32.84 -1.11 -17.63
C HIS E 453 34.28 -0.94 -17.19
N TYR E 454 34.70 0.30 -16.90
CA TYR E 454 36.02 0.52 -16.33
C TYR E 454 36.13 -0.06 -14.92
N SER E 455 35.04 0.06 -14.14
CA SER E 455 34.90 -0.48 -12.78
C SER E 455 35.99 -0.02 -11.80
C1 NAG F . 5.42 -55.17 37.63
C2 NAG F . 4.68 -55.92 38.73
C3 NAG F . 5.14 -57.36 38.79
C4 NAG F . 4.99 -58.02 37.42
C5 NAG F . 5.72 -57.20 36.35
C6 NAG F . 5.52 -57.72 34.95
C7 NAG F . 3.98 -54.37 40.50
C8 NAG F . 4.31 -53.80 41.85
N2 NAG F . 4.84 -55.27 40.02
O3 NAG F . 4.40 -58.06 39.78
O4 NAG F . 5.51 -59.35 37.44
O5 NAG F . 5.25 -55.85 36.37
O6 NAG F . 4.24 -57.37 34.45
O7 NAG F . 2.97 -54.03 39.89
C1 NAG F . 4.41 -60.29 37.36
C2 NAG F . 4.94 -61.69 37.01
C3 NAG F . 3.79 -62.70 37.00
C4 NAG F . 3.03 -62.66 38.31
C5 NAG F . 2.57 -61.24 38.63
C6 NAG F . 1.92 -61.10 39.98
C7 NAG F . 6.94 -61.85 35.57
C8 NAG F . 7.46 -61.80 34.18
N2 NAG F . 5.62 -61.67 35.72
O3 NAG F . 4.32 -64.00 36.78
O4 NAG F . 1.89 -63.51 38.24
O5 NAG F . 3.70 -60.35 38.62
O6 NAG F . 2.25 -59.87 40.60
O7 NAG F . 7.66 -62.05 36.54
C1 NAG G . 28.62 -40.16 10.98
C2 NAG G . 29.31 -41.39 10.39
C3 NAG G . 28.81 -41.65 8.97
C4 NAG G . 27.28 -41.73 8.93
C5 NAG G . 26.68 -40.48 9.59
C6 NAG G . 25.17 -40.55 9.71
C7 NAG G . 31.51 -41.58 11.46
C8 NAG G . 32.99 -41.36 11.30
N2 NAG G . 30.76 -41.25 10.41
O3 NAG G . 29.38 -42.86 8.49
O4 NAG G . 26.83 -41.81 7.59
O5 NAG G . 27.20 -40.32 10.92
O6 NAG G . 24.78 -41.22 10.90
O7 NAG G . 31.03 -42.03 12.49
C1 NAG G . 26.33 -43.12 7.28
C2 NAG G . 25.35 -43.01 6.11
C3 NAG G . 24.88 -44.41 5.69
C4 NAG G . 26.07 -45.32 5.39
C5 NAG G . 26.99 -45.36 6.61
C6 NAG G . 28.25 -46.16 6.37
C7 NAG G . 23.71 -41.26 5.62
C8 NAG G . 22.54 -40.49 6.15
N2 NAG G . 24.22 -42.17 6.45
O3 NAG G . 24.05 -44.28 4.54
O4 NAG G . 25.62 -46.63 5.08
O5 NAG G . 27.41 -44.02 6.93
O6 NAG G . 28.83 -45.87 5.12
O7 NAG G . 24.17 -41.08 4.50
C1 BMA G . 25.87 -46.91 3.68
C2 BMA G . 26.56 -48.30 3.57
C3 BMA G . 26.73 -48.69 2.10
C4 BMA G . 25.43 -48.52 1.29
C5 BMA G . 24.85 -47.10 1.49
C6 BMA G . 23.53 -46.88 0.79
O2 BMA G . 25.77 -49.31 4.18
O3 BMA G . 27.22 -50.02 1.97
O4 BMA G . 25.67 -48.75 -0.09
O5 BMA G . 24.66 -46.89 2.91
O6 BMA G . 23.26 -45.48 0.77
C1 NAG H . 17.56 -28.25 -8.98
C2 NAG H . 17.29 -29.74 -9.25
C3 NAG H . 17.90 -30.59 -8.14
C4 NAG H . 19.39 -30.28 -7.99
C5 NAG H . 19.58 -28.78 -7.76
C6 NAG H . 21.04 -28.37 -7.72
C7 NAG H . 15.36 -30.89 -10.24
C8 NAG H . 13.87 -31.03 -10.24
N2 NAG H . 15.86 -30.00 -9.38
O3 NAG H . 17.70 -31.97 -8.43
O4 NAG H . 19.94 -31.01 -6.91
O5 NAG H . 18.97 -28.04 -8.83
O6 NAG H . 21.30 -27.51 -6.61
O7 NAG H . 16.08 -31.56 -10.98
C1 NAG H . 20.82 -32.05 -7.41
C2 NAG H . 22.02 -32.22 -6.48
C3 NAG H . 22.93 -33.35 -6.99
C4 NAG H . 22.12 -34.64 -7.17
C5 NAG H . 20.91 -34.38 -8.07
C6 NAG H . 20.00 -35.58 -8.19
C7 NAG H . 23.17 -30.46 -5.21
C8 NAG H . 23.94 -29.18 -5.28
N2 NAG H . 22.78 -30.98 -6.38
O3 NAG H . 23.98 -33.57 -6.05
O4 NAG H . 22.94 -35.64 -7.75
O5 NAG H . 20.12 -33.31 -7.53
O6 NAG H . 19.41 -35.91 -6.93
O7 NAG H . 22.90 -31.00 -4.14
C1 NAG I . -12.15 -38.41 26.95
C2 NAG I . -12.51 -39.93 27.11
C3 NAG I . -13.68 -40.39 26.21
C4 NAG I . -14.84 -39.40 26.26
C5 NAG I . -14.33 -37.98 26.01
C6 NAG I . -15.42 -36.93 26.06
C7 NAG I . -10.47 -41.29 26.24
C8 NAG I . -10.51 -40.69 24.84
N2 NAG I . -11.39 -40.88 27.16
O3 NAG I . -14.11 -41.69 26.59
O4 NAG I . -15.80 -39.74 25.27
O5 NAG I . -13.36 -37.63 26.99
O6 NAG I . -16.36 -37.23 27.09
O7 NAG I . -9.63 -42.12 26.53
C1 NAG I . -16.99 -40.32 25.88
C2 NAG I . -18.15 -40.16 24.90
C3 NAG I . -19.41 -40.79 25.50
C4 NAG I . -19.17 -42.23 25.91
C5 NAG I . -17.94 -42.34 26.81
C6 NAG I . -17.53 -43.77 27.08
C7 NAG I . -18.50 -38.33 23.31
C8 NAG I . -18.72 -36.87 23.14
N2 NAG I . -18.37 -38.76 24.57
O3 NAG I . -20.46 -40.70 24.55
O4 NAG I . -20.29 -42.72 26.64
O5 NAG I . -16.79 -41.72 26.18
O6 NAG I . -18.45 -44.41 27.96
O7 NAG I . -18.44 -39.09 22.35
C1 BMA I . -21.08 -43.64 25.86
C2 BMA I . -21.61 -44.76 26.80
C3 BMA I . -22.68 -45.60 26.09
C4 BMA I . -23.74 -44.73 25.38
C5 BMA I . -23.05 -43.76 24.43
C6 BMA I . -24.01 -42.84 23.70
O2 BMA I . -22.23 -44.19 27.94
O3 BMA I . -23.32 -46.50 26.99
O4 BMA I . -24.65 -45.55 24.65
O5 BMA I . -22.14 -42.94 25.19
O6 BMA I . -23.31 -42.18 22.66
C1 NAG J . -16.75 -23.21 60.49
C2 NAG J . -17.29 -22.09 61.38
C3 NAG J . -18.23 -22.69 62.43
C4 NAG J . -19.32 -23.52 61.77
C5 NAG J . -18.72 -24.55 60.82
C6 NAG J . -19.76 -25.29 60.01
C7 NAG J . -16.11 -20.02 61.97
C8 NAG J . -14.93 -19.42 62.67
N2 NAG J . -16.21 -21.36 62.01
O3 NAG J . -18.79 -21.63 63.20
O4 NAG J . -20.07 -24.21 62.77
O5 NAG J . -17.84 -23.92 59.88
O6 NAG J . -20.62 -24.38 59.33
O7 NAG J . -16.94 -19.33 61.37
C1 NAG J . -21.40 -23.64 62.92
C2 NAG J . -22.23 -24.58 63.80
C3 NAG J . -23.62 -23.98 64.05
C4 NAG J . -23.50 -22.56 64.60
C5 NAG J . -22.64 -21.71 63.68
C6 NAG J . -22.38 -20.33 64.23
C7 NAG J . -21.51 -26.91 63.46
C8 NAG J . -21.78 -28.20 62.75
N2 NAG J . -22.35 -25.90 63.20
O3 NAG J . -24.34 -24.80 64.96
O4 NAG J . -24.80 -21.98 64.71
O5 NAG J . -21.35 -22.33 63.51
O6 NAG J . -21.06 -20.20 64.72
O7 NAG J . -20.58 -26.77 64.25
C1 NAG K . -20.25 -28.29 6.37
C2 NAG K . -21.53 -28.92 6.96
C3 NAG K . -21.17 -30.05 7.92
C4 NAG K . -20.23 -31.06 7.26
C5 NAG K . -19.00 -30.33 6.73
C6 NAG K . -18.03 -31.22 5.99
C7 NAG K . -23.20 -27.12 7.02
C8 NAG K . -23.94 -26.14 7.89
N2 NAG K . -22.32 -27.91 7.65
O3 NAG K . -22.36 -30.69 8.36
O4 NAG K . -19.85 -32.06 8.20
O5 NAG K . -19.43 -29.32 5.79
O6 NAG K . -16.79 -30.55 5.77
O7 NAG K . -23.40 -27.19 5.81
C1 NAG K . -20.43 -33.32 7.79
C2 NAG K . -19.81 -34.45 8.64
C3 NAG K . -20.42 -35.79 8.24
C4 NAG K . -21.94 -35.75 8.32
C5 NAG K . -22.48 -34.58 7.49
C6 NAG K . -23.98 -34.40 7.63
C7 NAG K . -17.51 -34.13 9.48
C8 NAG K . -18.11 -33.70 10.79
N2 NAG K . -18.37 -34.47 8.51
O3 NAG K . -19.92 -36.81 9.11
O4 NAG K . -22.49 -36.96 7.81
O5 NAG K . -21.86 -33.35 7.93
O6 NAG K . -24.38 -33.09 7.23
O7 NAG K . -16.29 -34.17 9.32
C1 NAG L . -19.57 -2.50 46.44
C2 NAG L . -20.53 -2.12 47.56
C3 NAG L . -21.59 -1.13 47.04
C4 NAG L . -20.92 0.07 46.37
C5 NAG L . -19.91 -0.40 45.31
C6 NAG L . -19.11 0.73 44.72
C7 NAG L . -20.61 -4.03 49.09
C8 NAG L . -21.41 -5.20 49.57
N2 NAG L . -21.17 -3.29 48.14
O3 NAG L . -22.39 -0.71 48.14
O4 NAG L . -21.90 0.86 45.70
O5 NAG L . -18.98 -1.32 45.90
O6 NAG L . -18.74 1.68 45.70
O7 NAG L . -19.49 -3.76 49.56
C1 NAG L . -22.23 2.06 46.42
C2 NAG L . -22.75 3.11 45.43
C3 NAG L . -23.27 4.34 46.18
C4 NAG L . -24.30 3.95 47.24
C5 NAG L . -23.66 2.93 48.18
C6 NAG L . -24.60 2.41 49.24
C7 NAG L . -21.62 2.92 43.27
C8 NAG L . -20.50 3.43 42.41
N2 NAG L . -21.74 3.49 44.48
O3 NAG L . -23.84 5.25 45.25
O4 NAG L . -24.76 5.08 47.95
O5 NAG L . -23.22 1.79 47.43
O6 NAG L . -25.66 1.65 48.67
O7 NAG L . -22.38 2.03 42.89
C1 BMA L . -26.15 5.31 47.61
C2 BMA L . -26.96 5.51 48.91
C3 BMA L . -28.43 5.84 48.57
C4 BMA L . -28.54 6.97 47.52
C5 BMA L . -27.66 6.64 46.28
C6 BMA L . -27.67 7.75 45.25
O2 BMA L . -26.46 6.60 49.66
O3 BMA L . -29.18 6.18 49.73
O4 BMA L . -29.90 7.11 47.11
O5 BMA L . -26.30 6.44 46.74
O6 BMA L . -27.05 7.24 44.06
C1 NAG M . 9.45 11.63 65.21
C2 NAG M . 10.70 12.50 65.10
C3 NAG M . 10.75 13.50 66.26
C4 NAG M . 9.45 14.30 66.33
C5 NAG M . 8.24 13.37 66.33
C6 NAG M . 6.92 14.10 66.23
C7 NAG M . 13.00 12.00 64.39
C8 NAG M . 14.15 11.04 64.48
N2 NAG M . 11.91 11.68 65.08
O3 NAG M . 11.86 14.37 66.08
O4 NAG M . 9.42 15.07 67.53
O5 NAG M . 8.30 12.46 65.22
O6 NAG M . 6.85 14.88 65.03
O7 NAG M . 13.07 13.03 63.73
C1 NAG M . 9.60 16.48 67.26
C2 NAG M . 8.94 17.27 68.39
C3 NAG M . 9.18 18.77 68.20
C4 NAG M . 10.67 19.06 68.04
C5 NAG M . 11.26 18.20 66.91
C6 NAG M . 12.76 18.35 66.77
C7 NAG M . 7.00 16.06 69.27
C8 NAG M . 5.51 15.91 69.23
N2 NAG M . 7.52 17.00 68.47
O3 NAG M . 8.67 19.48 69.30
O4 NAG M . 10.88 20.43 67.73
O5 NAG M . 11.00 16.82 67.17
O6 NAG M . 13.38 17.09 66.62
O7 NAG M . 7.70 15.37 70.01
C1 NAG N . -24.99 6.19 22.96
C2 NAG N . -25.43 7.35 23.85
C3 NAG N . -25.22 7.01 25.33
C4 NAG N . -25.92 5.71 25.67
C5 NAG N . -25.44 4.59 24.73
C6 NAG N . -26.17 3.27 24.94
C7 NAG N . -25.30 9.80 23.57
C8 NAG N . -24.43 10.95 23.16
N2 NAG N . -24.73 8.58 23.50
O3 NAG N . -25.68 8.07 26.15
O4 NAG N . -25.68 5.34 27.03
O5 NAG N . -25.67 4.98 23.37
O6 NAG N . -25.28 2.18 24.84
O7 NAG N . -26.46 9.94 23.95
C1 NAG N . -26.91 5.50 27.78
C2 NAG N . -26.92 4.52 28.96
C3 NAG N . -28.19 4.71 29.79
C4 NAG N . -28.36 6.17 30.19
C5 NAG N . -28.29 7.08 28.98
C6 NAG N . -28.32 8.55 29.33
C7 NAG N . -25.78 2.35 28.86
C8 NAG N . -25.81 0.96 28.30
N2 NAG N . -26.79 3.15 28.51
O3 NAG N . -28.13 3.88 30.94
O4 NAG N . -29.62 6.34 30.85
O5 NAG N . -27.06 6.85 28.26
O6 NAG N . -28.12 9.36 28.18
O7 NAG N . -24.87 2.73 29.60
C1 NAG O . 16.38 22.18 40.09
C2 NAG O . 16.67 23.04 41.32
C3 NAG O . 16.84 24.50 40.90
C4 NAG O . 17.89 24.63 39.80
C5 NAG O . 17.60 23.67 38.65
C6 NAG O . 18.71 23.61 37.63
C7 NAG O . 15.83 22.39 43.54
C8 NAG O . 14.64 22.34 44.44
N2 NAG O . 15.62 22.91 42.31
O3 NAG O . 17.22 25.26 42.05
O4 NAG O . 17.87 25.96 39.28
O5 NAG O . 17.43 22.34 39.14
O6 NAG O . 19.99 23.50 38.25
O7 NAG O . 16.94 22.00 43.88
C1 NAG O . 19.02 26.72 39.71
C2 NAG O . 19.35 27.76 38.63
C3 NAG O . 20.50 28.65 39.09
C4 NAG O . 20.19 29.28 40.44
C5 NAG O . 19.86 28.18 41.46
C6 NAG O . 19.43 28.71 42.80
C7 NAG O . 18.79 27.02 36.36
C8 NAG O . 19.29 26.33 35.12
N2 NAG O . 19.66 27.12 37.37
O3 NAG O . 20.73 29.65 38.11
O4 NAG O . 21.31 30.03 40.91
O5 NAG O . 18.77 27.38 40.97
O6 NAG O . 19.27 27.66 43.75
O7 NAG O . 17.65 27.47 36.44
C1 BMA O . 20.99 31.45 40.88
C2 BMA O . 22.06 32.19 41.80
C3 BMA O . 23.19 32.93 41.02
C4 BMA O . 22.95 33.10 39.48
C5 BMA O . 21.46 33.21 39.19
C6 BMA O . 21.16 33.52 37.74
O2 BMA O . 22.69 31.27 42.67
O3 BMA O . 24.46 32.33 41.25
O4 BMA O . 23.62 34.27 39.02
O5 BMA O . 20.90 31.92 39.50
O6 BMA O . 21.46 32.36 36.96
C1 NAG P . 47.58 3.44 43.92
C2 NAG P . 48.72 2.55 44.50
C3 NAG P . 49.49 3.29 45.60
C4 NAG P . 49.99 4.64 45.08
C5 NAG P . 48.79 5.46 44.60
C6 NAG P . 49.15 6.81 44.04
C7 NAG P . 48.87 0.12 44.74
C8 NAG P . 48.24 -1.12 45.31
N2 NAG P . 48.23 1.27 44.98
O3 NAG P . 50.58 2.49 46.02
O4 NAG P . 50.71 5.31 46.11
O5 NAG P . 48.09 4.75 43.56
O6 NAG P . 50.32 6.74 43.24
O7 NAG P . 49.91 0.08 44.09
C1 NAG P . 52.13 5.47 45.78
C2 NAG P . 52.94 5.43 47.08
C3 NAG P . 54.42 5.62 46.76
C4 NAG P . 54.89 4.59 45.74
C5 NAG P . 54.00 4.62 44.50
C6 NAG P . 54.34 3.54 43.50
C7 NAG P . 52.51 6.25 49.35
C8 NAG P . 52.00 7.40 50.18
N2 NAG P . 52.49 6.44 48.02
O3 NAG P . 55.20 5.49 47.95
O4 NAG P . 56.23 4.87 45.36
O5 NAG P . 52.63 4.45 44.86
O6 NAG P . 55.21 2.56 44.07
O7 NAG P . 52.94 5.22 49.86
C1 NAG Q . 11.15 28.64 20.81
C2 NAG Q . 12.13 29.38 21.75
C3 NAG Q . 11.76 29.13 23.21
C4 NAG Q . 10.27 29.39 23.47
C5 NAG Q . 9.45 28.57 22.48
C6 NAG Q . 7.95 28.76 22.60
C7 NAG Q . 14.24 29.36 20.47
C8 NAG Q . 15.62 28.78 20.38
N2 NAG Q . 13.50 28.94 21.50
O3 NAG Q . 12.55 29.97 24.06
O4 NAG Q . 9.94 29.07 24.82
O5 NAG Q . 9.81 28.97 21.16
O6 NAG Q . 7.28 27.51 22.51
O7 NAG Q . 13.81 30.16 19.65
C1 NAG Q . 9.53 30.29 25.48
C2 NAG Q . 8.66 29.94 26.68
C3 NAG Q . 8.20 31.21 27.39
C4 NAG Q . 9.39 32.09 27.75
C5 NAG Q . 10.26 32.34 26.52
C6 NAG Q . 11.54 33.09 26.84
C7 NAG Q . 7.51 27.80 26.30
C8 NAG Q . 6.24 27.13 25.85
N2 NAG Q . 7.51 29.13 26.27
O3 NAG Q . 7.48 30.87 28.56
O4 NAG Q . 8.94 33.34 28.25
O5 NAG Q . 10.66 31.09 25.92
O6 NAG Q . 12.64 32.62 26.05
O7 NAG Q . 8.48 27.15 26.69
C1 NAG R . 46.40 -2.87 19.40
C2 NAG R . 47.68 -2.03 19.37
C3 NAG R . 47.79 -1.31 18.03
C4 NAG R . 47.75 -2.33 16.89
C5 NAG R . 46.44 -3.11 16.98
C6 NAG R . 46.28 -4.18 15.93
C7 NAG R . 48.03 -1.38 21.72
C8 NAG R . 47.96 -0.27 22.72
N2 NAG R . 47.67 -1.07 20.46
O3 NAG R . 49.01 -0.55 18.01
O4 NAG R . 47.96 -1.73 15.62
O5 NAG R . 46.39 -3.77 18.25
O6 NAG R . 46.53 -5.48 16.46
O7 NAG R . 48.39 -2.51 22.02
C1 NAG R . 49.25 -2.24 15.22
C2 NAG R . 49.46 -2.18 13.71
C3 NAG R . 50.83 -2.75 13.36
C4 NAG R . 51.94 -2.12 14.19
C5 NAG R . 51.59 -2.05 15.69
C6 NAG R . 52.56 -1.22 16.49
C7 NAG R . 47.28 -2.33 12.60
C8 NAG R . 46.30 -3.22 11.91
N2 NAG R . 48.41 -2.90 13.02
O3 NAG R . 51.07 -2.55 11.98
O4 NAG R . 53.12 -2.92 14.09
O5 NAG R . 50.29 -1.48 15.87
O6 NAG R . 53.13 -1.97 17.56
O7 NAG R . 47.04 -1.14 12.78
C1 BMA R . 54.11 -2.29 13.28
C2 BMA R . 55.49 -2.80 13.77
C3 BMA R . 56.61 -2.41 12.78
C4 BMA R . 56.21 -2.67 11.30
C5 BMA R . 54.85 -2.01 11.01
C6 BMA R . 54.35 -2.26 9.60
O2 BMA R . 55.49 -4.22 13.85
O3 BMA R . 57.82 -3.08 13.08
O4 BMA R . 57.19 -2.13 10.44
O5 BMA R . 53.88 -2.57 11.92
O6 BMA R . 52.97 -1.95 9.56
C1 NAG S . 46.60 -38.93 28.23
C2 NAG S . 46.62 -40.42 28.52
C3 NAG S . 48.05 -40.96 28.36
C4 NAG S . 48.61 -40.61 26.98
C5 NAG S . 48.48 -39.10 26.72
C6 NAG S . 48.87 -38.71 25.32
C7 NAG S . 44.89 -41.19 30.08
C8 NAG S . 44.53 -41.42 31.51
N2 NAG S . 46.12 -40.70 29.84
O3 NAG S . 48.02 -42.38 28.54
O4 NAG S . 49.99 -40.96 26.92
O5 NAG S . 47.12 -38.69 26.90
O6 NAG S . 48.13 -37.58 24.87
O7 NAG S . 44.11 -41.44 29.16
C1 NAG S . 50.18 -42.13 26.09
C2 NAG S . 51.44 -41.95 25.22
C3 NAG S . 52.29 -43.20 25.26
C4 NAG S . 52.72 -43.49 26.68
C5 NAG S . 51.49 -43.77 27.54
C6 NAG S . 51.51 -43.04 28.87
C7 NAG S . 51.45 -40.45 23.27
C8 NAG S . 51.00 -40.26 21.86
N2 NAG S . 51.08 -41.60 23.86
O3 NAG S . 53.43 -43.01 24.43
O4 NAG S . 53.59 -44.61 26.72
O5 NAG S . 50.27 -43.41 26.87
O6 NAG S . 52.22 -41.81 28.78
O7 NAG S . 52.11 -39.61 23.87
C1 NAG T . 34.83 5.33 -0.18
C2 NAG T . 36.20 5.00 -0.80
C3 NAG T . 37.24 4.79 0.30
C4 NAG T . 37.28 6.00 1.23
C5 NAG T . 35.89 6.30 1.78
C6 NAG T . 35.83 7.57 2.60
C7 NAG T . 36.69 3.74 -2.84
C8 NAG T . 36.49 2.46 -3.58
N2 NAG T . 36.10 3.82 -1.64
O3 NAG T . 38.51 4.56 -0.29
O4 NAG T . 38.18 5.74 2.32
O5 NAG T . 34.97 6.49 0.68
O6 NAG T . 34.63 7.64 3.36
O7 NAG T . 37.35 4.66 -3.30
C1 NAG T . 39.36 6.57 2.20
C2 NAG T . 39.87 6.89 3.61
C3 NAG T . 41.14 7.73 3.52
C4 NAG T . 42.18 7.04 2.65
C5 NAG T . 41.59 6.71 1.29
C6 NAG T . 42.53 5.90 0.41
C7 NAG T . 38.26 7.06 5.45
C8 NAG T . 37.23 7.92 6.12
N2 NAG T . 38.84 7.59 4.38
O3 NAG T . 41.66 7.93 4.83
O4 NAG T . 43.31 7.89 2.47
O5 NAG T . 40.40 5.91 1.45
O6 NAG T . 41.98 5.69 -0.89
O7 NAG T . 38.54 5.93 5.87
OH SRO U . 30.13 -17.32 12.51
CZ3 SRO U . 30.37 -18.44 11.70
CH2 SRO U . 31.32 -18.38 10.68
CZ2 SRO U . 31.56 -19.51 9.89
CE2 SRO U . 30.84 -20.70 10.13
NE1 SRO U . 30.87 -21.92 9.52
CD1 SRO U . 30.01 -22.75 10.09
CG SRO U . 29.37 -22.08 11.13
CD2 SRO U . 29.92 -20.76 11.14
CE3 SRO U . 29.68 -19.62 11.94
CB SRO U . 28.30 -22.65 12.06
CA SRO U . 27.71 -23.97 11.56
NZ SRO U . 26.59 -23.74 10.68
OH SRO V . -13.06 -16.99 29.76
CZ3 SRO V . -14.14 -16.51 30.51
CH2 SRO V . -15.18 -17.39 30.85
CZ2 SRO V . -16.26 -16.91 31.59
CE2 SRO V . -16.29 -15.55 32.00
NE1 SRO V . -17.21 -14.86 32.72
CD1 SRO V . -16.84 -13.61 32.87
CG SRO V . -15.62 -13.44 32.23
CD2 SRO V . -15.27 -14.70 31.67
CE3 SRO V . -14.18 -15.18 30.91
CB SRO V . -14.81 -12.14 32.15
CA SRO V . -14.17 -11.77 33.49
NZ SRO V . -13.99 -10.34 33.58
OH SRO W . 6.31 -32.93 15.40
CZ3 SRO W . 5.18 -33.75 15.31
CH2 SRO W . 5.15 -34.81 14.40
CZ2 SRO W . 4.02 -35.61 14.32
CE2 SRO W . 2.91 -35.38 15.18
NE1 SRO W . 1.72 -36.00 15.33
CD1 SRO W . 0.99 -35.42 16.26
CG SRO W . 1.73 -34.36 16.79
CD2 SRO W . 2.96 -34.34 16.08
CE3 SRO W . 4.10 -33.51 16.16
CB SRO W . 1.29 -33.41 17.90
CA SRO W . -0.15 -33.61 18.35
NZ SRO W . -0.98 -32.45 18.10
OH SRO X . -0.77 8.32 35.79
CZ3 SRO X . -0.46 9.59 36.26
CH2 SRO X . -1.34 10.24 37.13
CZ2 SRO X . -1.04 11.51 37.60
CE2 SRO X . 0.17 12.15 37.19
NE1 SRO X . 0.69 13.36 37.49
CD1 SRO X . 1.84 13.54 36.86
CG SRO X . 2.11 12.41 36.12
CD2 SRO X . 1.02 11.52 36.33
CE3 SRO X . 0.72 10.23 35.86
CB SRO X . 3.33 12.18 35.23
CA SRO X . 4.58 11.83 36.04
NZ SRO X . 5.77 12.30 35.37
OH SRO Y . 25.61 7.93 24.78
CZ3 SRO Y . 26.96 8.18 24.46
CH2 SRO Y . 27.58 9.34 24.94
CZ2 SRO Y . 28.91 9.58 24.63
CE2 SRO Y . 29.64 8.66 23.83
NE1 SRO Y . 30.92 8.67 23.39
CD1 SRO Y . 31.16 7.60 22.65
CG SRO Y . 30.01 6.84 22.60
CD2 SRO Y . 29.03 7.53 23.36
CE3 SRO Y . 27.67 7.28 23.67
CB SRO Y . 29.84 5.51 21.86
CA SRO Y . 30.53 4.36 22.57
NZ SRO Y . 31.19 3.49 21.61
#